data_4A01
#
_entry.id   4A01
#
_cell.length_a   218.619
_cell.length_b   88.241
_cell.length_c   159.105
_cell.angle_alpha   90.00
_cell.angle_beta   125.53
_cell.angle_gamma   90.00
#
_symmetry.space_group_name_H-M   'C 1 2 1'
#
loop_
_entity.id
_entity.type
_entity.pdbx_description
1 polymer 'PROTON PYROPHOSPHATASE'
2 non-polymer 'MAGNESIUM ION'
3 non-polymer 'POTASSIUM ION'
4 non-polymer 'IMIDODIPHOSPHORIC ACID'
5 non-polymer DECYL-BETA-D-MALTOPYRANOSIDE
6 water water
#
_entity_poly.entity_id   1
_entity_poly.type   'polypeptide(L)'
_entity_poly.pdbx_seq_one_letter_code
;MGAAILPDLGTEILIPVCAVIGIAFALFQWLLVSKVKLSAVRDASPNAAAKNGYNDYLIEEEEGINDHNVVVKCAEIQNA
ISEGATSFLFTEYKYVGIFMVAFAILIFLFLGSVEGFSTSPQACSYDKTKTCKPALATAIFSTVSFLLGGVTSLVSGFLG
MKIATYANARTTLEARKGVGKAFITAFRSGAVMGFLLAANGLLVLYIAINLFKIYYGDDWGGLFEAITGYGLGGSSMALF
GRVGGGIYTKAADVGADLVGKVERNIPEDDPRNPAVIADNVGDNVGDIAGMGSDLFGSYAESSCAALVVASISSFGLNHE
LTAMLYPLIVSSVGILVCLLTTLFATDFFEIKAVKEIEPALKKQLVISTVLMTIGVAVVSFVALPTSFTIFNFGVQKDVK
SWQLFLCVAVGLWAGLIIGFVTEYYTSNAYSPVQDVADSCRTGAATNVIFGLALGYKSVIIPIFAIAISIFVSFTFAAMY
GIAVAALGMLSTIATGLAIDAYGPISDNAGGIAEMAGMSHRIRERTDALDAAGNTTAAIGKGFAIGSAALVSLALFGAFV
SRASITTVDVLTPKVFIGLIVGAMLPYWFSAMTMKSVGSAALKMVEEVRRQFNTIPGLMEGTAKPDYATCVKISTDASIK
EMIPPGALVMLTPLVVGILFGVETLSGVLAGSLVSGVQIAISASNTGGAWDNAKKYIEAGASEHARSLGPKGSDCHKAAV
IGDTIGDPLKDTSGPSLNILIKLMAVESLVFAPFFATHGGLLFKIF
;
_entity_poly.pdbx_strand_id   A,B
#
loop_
_chem_comp.id
_chem_comp.type
_chem_comp.name
_chem_comp.formula
2PN non-polymer 'IMIDODIPHOSPHORIC ACID' 'H5 N O6 P2'
DMU D-saccharide DECYL-BETA-D-MALTOPYRANOSIDE 'C22 H42 O11'
K non-polymer 'POTASSIUM ION' 'K 1'
MG non-polymer 'MAGNESIUM ION' 'Mg 2'
#
# COMPACT_ATOMS: atom_id res chain seq x y z
N GLY A 2 -40.94 18.37 -11.12
CA GLY A 2 -41.26 19.67 -11.81
C GLY A 2 -40.23 19.98 -12.89
N ALA A 3 -40.68 20.54 -14.02
CA ALA A 3 -39.75 21.01 -15.08
C ALA A 3 -38.68 22.06 -14.59
N ALA A 4 -37.56 22.01 -15.30
CA ALA A 4 -36.52 22.98 -15.16
C ALA A 4 -36.84 24.16 -16.13
N ILE A 5 -36.24 25.31 -15.88
CA ILE A 5 -36.25 26.44 -16.83
C ILE A 5 -35.86 26.01 -18.26
N LEU A 6 -34.89 25.09 -18.42
CA LEU A 6 -34.49 24.59 -19.75
C LEU A 6 -35.34 23.42 -20.24
N PRO A 7 -36.16 23.62 -21.30
CA PRO A 7 -37.05 22.55 -21.73
C PRO A 7 -36.28 21.36 -22.24
N ASP A 8 -36.97 20.24 -22.33
CA ASP A 8 -36.43 18.99 -22.82
C ASP A 8 -35.78 19.10 -24.21
N LEU A 9 -36.47 19.78 -25.12
CA LEU A 9 -36.02 19.93 -26.51
C LEU A 9 -34.77 20.78 -26.54
N GLY A 10 -34.76 21.80 -25.69
CA GLY A 10 -33.60 22.64 -25.50
C GLY A 10 -32.38 21.79 -25.23
N THR A 11 -32.50 20.90 -24.22
CA THR A 11 -31.45 19.99 -23.84
C THR A 11 -31.06 19.10 -24.99
N GLU A 12 -32.03 18.67 -25.79
CA GLU A 12 -31.73 17.75 -26.87
C GLU A 12 -30.85 18.39 -27.95
N ILE A 13 -30.91 19.73 -28.03
CA ILE A 13 -30.15 20.48 -29.03
C ILE A 13 -28.79 20.85 -28.50
N LEU A 14 -28.77 21.41 -27.29
CA LEU A 14 -27.59 21.88 -26.61
C LEU A 14 -26.43 20.87 -26.55
N ILE A 15 -26.73 19.64 -26.13
CA ILE A 15 -25.69 18.63 -25.92
C ILE A 15 -24.93 18.31 -27.23
N PRO A 16 -25.63 17.87 -28.30
CA PRO A 16 -24.88 17.64 -29.57
C PRO A 16 -24.28 18.94 -30.11
N VAL A 17 -24.95 20.06 -29.95
CA VAL A 17 -24.33 21.30 -30.38
C VAL A 17 -22.94 21.51 -29.72
N CYS A 18 -22.90 21.41 -28.39
CA CYS A 18 -21.63 21.47 -27.63
C CYS A 18 -20.59 20.37 -27.99
N ALA A 19 -21.06 19.16 -28.23
CA ALA A 19 -20.20 18.13 -28.80
C ALA A 19 -19.50 18.57 -30.12
N VAL A 20 -20.31 19.03 -31.10
CA VAL A 20 -19.88 19.54 -32.39
C VAL A 20 -18.91 20.71 -32.21
N ILE A 21 -19.24 21.67 -31.34
CA ILE A 21 -18.34 22.79 -31.08
C ILE A 21 -16.97 22.29 -30.64
N GLY A 22 -16.96 21.24 -29.80
CA GLY A 22 -15.73 20.65 -29.34
C GLY A 22 -14.98 19.93 -30.42
N ILE A 23 -15.71 19.24 -31.30
CA ILE A 23 -15.06 18.58 -32.42
C ILE A 23 -14.46 19.60 -33.40
N ALA A 24 -15.25 20.62 -33.74
CA ALA A 24 -14.80 21.75 -34.56
C ALA A 24 -13.56 22.39 -33.97
N PHE A 25 -13.52 22.60 -32.67
CA PHE A 25 -12.37 23.28 -32.07
C PHE A 25 -11.11 22.45 -32.20
N ALA A 26 -11.27 21.16 -31.90
CA ALA A 26 -10.23 20.18 -32.12
C ALA A 26 -9.67 20.26 -33.58
N LEU A 27 -10.55 20.19 -34.59
CA LEU A 27 -10.12 20.23 -35.99
C LEU A 27 -9.40 21.53 -36.31
N PHE A 28 -9.92 22.62 -35.75
CA PHE A 28 -9.34 23.91 -35.99
C PHE A 28 -7.91 23.92 -35.46
N GLN A 29 -7.72 23.45 -34.23
CA GLN A 29 -6.37 23.30 -33.69
C GLN A 29 -5.44 22.37 -34.45
N TRP A 30 -5.97 21.29 -35.03
CA TRP A 30 -5.16 20.34 -35.79
C TRP A 30 -4.62 21.05 -37.09
N LEU A 31 -5.52 21.85 -37.65
CA LEU A 31 -5.29 22.65 -38.80
C LEU A 31 -4.15 23.65 -38.53
N LEU A 32 -4.25 24.34 -37.40
CA LEU A 32 -3.21 25.26 -37.04
C LEU A 32 -1.88 24.54 -36.90
N VAL A 33 -1.91 23.32 -36.35
CA VAL A 33 -0.67 22.61 -36.07
C VAL A 33 -0.12 22.18 -37.42
N SER A 34 -1.00 21.92 -38.41
CA SER A 34 -0.55 21.46 -39.77
C SER A 34 0.25 22.51 -40.60
N LYS A 35 0.09 23.79 -40.22
CA LYS A 35 0.95 24.90 -40.67
C LYS A 35 2.46 24.66 -40.44
N VAL A 36 2.82 23.77 -39.52
CA VAL A 36 4.24 23.40 -39.32
C VAL A 36 4.56 22.29 -40.33
N LYS A 37 5.54 22.56 -41.20
CA LYS A 37 5.75 21.71 -42.37
C LYS A 37 6.94 20.85 -42.16
N LEU A 38 6.83 19.62 -42.63
CA LEU A 38 7.94 18.70 -42.79
C LEU A 38 7.57 17.58 -43.73
N SER A 39 8.59 17.01 -44.34
CA SER A 39 8.43 15.90 -45.26
C SER A 39 9.75 15.13 -45.37
N ALA A 40 9.64 13.82 -45.62
CA ALA A 40 10.80 12.93 -45.77
C ALA A 40 11.37 12.86 -47.20
N VAL A 41 10.78 13.61 -48.14
CA VAL A 41 11.20 13.62 -49.59
C VAL A 41 12.39 14.58 -49.91
N ASP A 67 19.37 23.62 -41.02
CA ASP A 67 19.29 22.79 -42.23
C ASP A 67 17.86 22.77 -42.85
N HIS A 68 17.75 22.01 -43.94
CA HIS A 68 16.52 21.44 -44.49
C HIS A 68 16.77 19.92 -44.42
N ASN A 69 18.03 19.60 -44.12
CA ASN A 69 18.45 18.29 -43.63
C ASN A 69 17.87 17.93 -42.26
N VAL A 70 17.71 18.91 -41.37
CA VAL A 70 17.13 18.69 -40.05
C VAL A 70 15.67 18.31 -40.23
N VAL A 71 15.01 19.07 -41.10
CA VAL A 71 13.65 18.82 -41.43
C VAL A 71 13.46 17.37 -41.90
N VAL A 72 14.28 16.95 -42.88
CA VAL A 72 14.15 15.63 -43.48
C VAL A 72 14.29 14.58 -42.39
N LYS A 73 15.33 14.75 -41.59
CA LYS A 73 15.67 13.82 -40.57
C LYS A 73 14.54 13.69 -39.50
N CYS A 74 13.90 14.80 -39.15
CA CYS A 74 12.86 14.81 -38.16
C CYS A 74 11.67 14.01 -38.75
N ALA A 75 11.38 14.27 -40.04
CA ALA A 75 10.31 13.55 -40.72
C ALA A 75 10.55 12.05 -40.74
N GLU A 76 11.77 11.63 -40.98
CA GLU A 76 12.07 10.19 -41.07
C GLU A 76 11.83 9.49 -39.75
N ILE A 77 12.31 10.14 -38.68
CA ILE A 77 12.19 9.66 -37.33
C ILE A 77 10.71 9.67 -36.90
N GLN A 78 10.02 10.76 -37.25
CA GLN A 78 8.62 10.86 -37.00
C GLN A 78 7.91 9.66 -37.60
N ASN A 79 8.31 9.25 -38.82
CA ASN A 79 7.72 8.07 -39.46
C ASN A 79 8.06 6.76 -38.79
N ALA A 80 9.29 6.60 -38.35
CA ALA A 80 9.63 5.38 -37.71
C ALA A 80 8.75 5.24 -36.43
N ILE A 81 8.51 6.35 -35.70
CA ILE A 81 7.70 6.33 -34.48
C ILE A 81 6.26 6.06 -34.80
N SER A 82 5.78 6.77 -35.79
CA SER A 82 4.41 6.63 -36.18
C SER A 82 4.02 5.18 -36.63
N GLU A 83 4.87 4.61 -37.47
CA GLU A 83 4.70 3.23 -37.91
C GLU A 83 4.76 2.25 -36.74
N GLY A 84 5.71 2.44 -35.83
CA GLY A 84 5.85 1.57 -34.66
C GLY A 84 4.60 1.68 -33.75
N ALA A 85 4.00 2.88 -33.67
CA ALA A 85 2.88 3.10 -32.78
C ALA A 85 1.60 2.56 -33.39
N THR A 86 1.44 2.76 -34.69
CA THR A 86 0.27 2.24 -35.38
C THR A 86 0.33 0.73 -35.39
N SER A 87 1.52 0.22 -35.48
CA SER A 87 1.60 -1.19 -35.67
C SER A 87 1.30 -1.92 -34.32
N PHE A 88 1.86 -1.42 -33.21
CA PHE A 88 1.59 -1.97 -31.86
C PHE A 88 0.08 -1.90 -31.50
N LEU A 89 -0.55 -0.76 -31.74
CA LEU A 89 -1.96 -0.63 -31.40
C LEU A 89 -2.81 -1.57 -32.20
N PHE A 90 -2.54 -1.74 -33.51
CA PHE A 90 -3.33 -2.70 -34.32
C PHE A 90 -3.20 -4.10 -33.74
N THR A 91 -2.02 -4.46 -33.27
CA THR A 91 -1.80 -5.76 -32.63
C THR A 91 -2.53 -5.85 -31.27
N GLU A 92 -2.32 -4.87 -30.38
CA GLU A 92 -3.01 -4.84 -29.10
C GLU A 92 -4.53 -4.85 -29.23
N TYR A 93 -5.04 -3.92 -30.04
CA TYR A 93 -6.48 -3.74 -30.29
C TYR A 93 -7.17 -4.98 -30.90
N LYS A 94 -6.47 -5.74 -31.74
CA LYS A 94 -6.94 -7.03 -32.18
C LYS A 94 -7.21 -7.97 -31.02
N TYR A 95 -6.21 -8.27 -30.19
CA TYR A 95 -6.44 -9.06 -28.96
C TYR A 95 -7.56 -8.55 -28.05
N VAL A 96 -7.48 -7.24 -27.80
CA VAL A 96 -8.44 -6.59 -26.99
C VAL A 96 -9.84 -6.67 -27.61
N GLY A 97 -10.01 -6.35 -28.90
CA GLY A 97 -11.29 -6.53 -29.60
C GLY A 97 -11.83 -7.98 -29.50
N ILE A 98 -10.97 -8.98 -29.68
CA ILE A 98 -11.40 -10.37 -29.50
C ILE A 98 -11.82 -10.61 -28.05
N PHE A 99 -11.15 -9.97 -27.10
CA PHE A 99 -11.53 -10.22 -25.74
C PHE A 99 -12.92 -9.58 -25.46
N MET A 100 -13.15 -8.44 -26.08
CA MET A 100 -14.35 -7.65 -25.98
C MET A 100 -15.60 -8.41 -26.50
N VAL A 101 -15.48 -9.11 -27.64
CA VAL A 101 -16.62 -9.82 -28.22
C VAL A 101 -16.96 -11.00 -27.32
N ALA A 102 -15.94 -11.72 -26.85
CA ALA A 102 -16.14 -12.82 -25.93
C ALA A 102 -16.87 -12.35 -24.68
N PHE A 103 -16.42 -11.23 -24.08
CA PHE A 103 -16.96 -10.76 -22.82
C PHE A 103 -18.38 -10.24 -23.03
N ALA A 104 -18.59 -9.69 -24.21
CA ALA A 104 -19.94 -9.20 -24.55
C ALA A 104 -20.94 -10.41 -24.52
N ILE A 105 -20.47 -11.57 -24.99
CA ILE A 105 -21.33 -12.76 -24.99
C ILE A 105 -21.66 -13.17 -23.56
N LEU A 106 -20.64 -13.09 -22.72
CA LEU A 106 -20.78 -13.41 -21.33
C LEU A 106 -21.84 -12.50 -20.67
N ILE A 107 -21.77 -11.20 -20.94
CA ILE A 107 -22.75 -10.27 -20.38
C ILE A 107 -24.17 -10.72 -20.81
N PHE A 108 -24.32 -11.03 -22.11
CA PHE A 108 -25.64 -11.38 -22.66
C PHE A 108 -26.19 -12.65 -22.02
N LEU A 109 -25.36 -13.70 -21.95
CA LEU A 109 -25.75 -14.95 -21.35
C LEU A 109 -26.05 -14.81 -19.86
N PHE A 110 -25.12 -14.19 -19.13
CA PHE A 110 -25.27 -14.06 -17.66
C PHE A 110 -26.46 -13.20 -17.31
N LEU A 111 -26.63 -12.07 -18.04
CA LEU A 111 -27.79 -11.28 -17.76
C LEU A 111 -29.08 -11.96 -18.19
N GLY A 112 -29.05 -12.61 -19.35
CA GLY A 112 -30.25 -13.12 -19.96
C GLY A 112 -30.76 -14.26 -19.10
N SER A 113 -29.88 -14.91 -18.35
CA SER A 113 -30.22 -16.07 -17.55
C SER A 113 -30.97 -15.75 -16.24
N VAL A 114 -31.15 -14.47 -15.93
CA VAL A 114 -31.66 -14.14 -14.61
C VAL A 114 -33.16 -14.50 -14.59
N GLU A 115 -33.85 -14.23 -15.70
CA GLU A 115 -35.28 -14.44 -15.85
C GLU A 115 -35.42 -15.60 -16.86
N GLY A 116 -34.41 -16.47 -16.92
CA GLY A 116 -34.42 -17.62 -17.83
C GLY A 116 -34.70 -17.29 -19.28
N PHE A 117 -34.17 -16.17 -19.74
CA PHE A 117 -34.31 -15.65 -21.11
C PHE A 117 -35.76 -15.46 -21.52
N SER A 118 -36.65 -15.17 -20.60
CA SER A 118 -38.04 -14.97 -20.96
C SER A 118 -38.28 -13.68 -21.75
N THR A 119 -39.31 -13.67 -22.61
CA THR A 119 -39.67 -12.42 -23.30
C THR A 119 -40.80 -11.63 -22.66
N SER A 120 -41.34 -12.07 -21.53
CA SER A 120 -42.47 -11.33 -20.90
C SER A 120 -42.01 -10.10 -20.15
N PRO A 121 -42.78 -8.99 -20.31
CA PRO A 121 -42.75 -7.85 -19.43
C PRO A 121 -42.93 -8.28 -17.98
N GLN A 122 -42.42 -7.48 -17.04
CA GLN A 122 -42.69 -7.69 -15.60
C GLN A 122 -42.95 -6.35 -14.99
N ALA A 123 -43.57 -6.36 -13.81
CA ALA A 123 -43.78 -5.15 -13.03
C ALA A 123 -42.45 -4.41 -12.87
N CYS A 124 -42.46 -3.09 -13.01
CA CYS A 124 -41.25 -2.30 -12.71
C CYS A 124 -40.89 -2.42 -11.23
N SER A 125 -39.63 -2.74 -10.95
CA SER A 125 -39.16 -2.81 -9.58
C SER A 125 -39.24 -1.42 -8.90
N TYR A 126 -39.23 -0.33 -9.66
CA TYR A 126 -39.33 1.02 -9.07
C TYR A 126 -40.77 1.50 -8.91
N ASP A 127 -41.72 0.75 -9.46
CA ASP A 127 -43.12 1.18 -9.44
C ASP A 127 -43.99 0.02 -9.89
N LYS A 128 -44.49 -0.72 -8.90
CA LYS A 128 -45.20 -1.99 -9.15
C LYS A 128 -46.49 -1.81 -9.96
N THR A 129 -47.00 -0.58 -10.04
CA THR A 129 -48.20 -0.31 -10.81
C THR A 129 -47.95 -0.22 -12.34
N LYS A 130 -46.67 -0.22 -12.74
CA LYS A 130 -46.30 -0.06 -14.13
C LYS A 130 -45.63 -1.32 -14.66
N THR A 131 -45.70 -1.46 -15.98
CA THR A 131 -45.07 -2.57 -16.63
C THR A 131 -43.79 -2.12 -17.34
N CYS A 132 -42.76 -2.97 -17.25
CA CYS A 132 -41.42 -2.65 -17.70
C CYS A 132 -40.99 -3.65 -18.75
N LYS A 133 -39.93 -3.29 -19.47
CA LYS A 133 -39.45 -4.16 -20.50
C LYS A 133 -38.79 -5.37 -19.92
N PRO A 134 -38.84 -6.49 -20.66
CA PRO A 134 -38.23 -7.76 -20.22
C PRO A 134 -36.76 -7.58 -19.87
N ALA A 135 -36.34 -8.26 -18.81
CA ALA A 135 -34.98 -8.20 -18.35
C ALA A 135 -34.10 -8.65 -19.52
N LEU A 136 -34.65 -9.47 -20.43
CA LEU A 136 -33.89 -9.99 -21.59
C LEU A 136 -33.49 -8.82 -22.51
N ALA A 137 -34.41 -7.89 -22.69
CA ALA A 137 -34.13 -6.66 -23.42
C ALA A 137 -32.89 -5.94 -22.79
N THR A 138 -32.91 -5.76 -21.47
CA THR A 138 -31.83 -5.10 -20.77
C THR A 138 -30.51 -5.86 -20.94
N ALA A 139 -30.55 -7.20 -20.92
CA ALA A 139 -29.36 -8.01 -21.26
C ALA A 139 -28.79 -7.71 -22.66
N ILE A 140 -29.72 -7.52 -23.63
CA ILE A 140 -29.33 -7.30 -24.98
C ILE A 140 -28.71 -5.92 -25.06
N PHE A 141 -29.43 -4.91 -24.55
CA PHE A 141 -28.93 -3.55 -24.65
C PHE A 141 -27.65 -3.26 -23.83
N SER A 142 -27.46 -3.97 -22.71
CA SER A 142 -26.23 -3.88 -21.93
C SER A 142 -25.04 -4.36 -22.75
N THR A 143 -25.23 -5.44 -23.49
CA THR A 143 -24.23 -5.91 -24.44
C THR A 143 -23.95 -4.85 -25.47
N VAL A 144 -24.99 -4.15 -25.94
CA VAL A 144 -24.80 -3.19 -26.99
C VAL A 144 -24.02 -1.99 -26.43
N SER A 145 -24.45 -1.45 -25.28
CA SER A 145 -23.74 -0.31 -24.68
C SER A 145 -22.29 -0.66 -24.35
N PHE A 146 -22.04 -1.87 -23.80
CA PHE A 146 -20.71 -2.40 -23.62
C PHE A 146 -19.81 -2.30 -24.90
N LEU A 147 -20.30 -2.91 -25.98
CA LEU A 147 -19.65 -2.82 -27.27
C LEU A 147 -19.48 -1.37 -27.70
N LEU A 148 -20.47 -0.49 -27.53
CA LEU A 148 -20.17 0.95 -27.89
C LEU A 148 -18.99 1.50 -27.05
N GLY A 149 -18.95 1.11 -25.77
CA GLY A 149 -18.07 1.70 -24.80
C GLY A 149 -16.72 1.20 -25.17
N GLY A 150 -16.62 -0.08 -25.50
CA GLY A 150 -15.30 -0.62 -25.82
C GLY A 150 -14.77 0.05 -27.10
N VAL A 151 -15.66 0.27 -28.09
CA VAL A 151 -15.24 0.75 -29.39
C VAL A 151 -14.80 2.19 -29.21
N THR A 152 -15.60 2.95 -28.48
CA THR A 152 -15.24 4.33 -28.17
C THR A 152 -13.91 4.47 -27.39
N SER A 153 -13.64 3.57 -26.47
CA SER A 153 -12.40 3.62 -25.72
C SER A 153 -11.19 3.36 -26.66
N LEU A 154 -11.30 2.39 -27.56
CA LEU A 154 -10.20 2.09 -28.49
C LEU A 154 -10.00 3.26 -29.50
N VAL A 155 -11.12 3.84 -29.99
CA VAL A 155 -11.06 5.06 -30.77
C VAL A 155 -10.40 6.23 -30.01
N SER A 156 -10.72 6.39 -28.73
CA SER A 156 -10.08 7.42 -27.91
C SER A 156 -8.59 7.29 -27.88
N GLY A 157 -8.12 6.06 -27.64
CA GLY A 157 -6.67 5.83 -27.55
C GLY A 157 -6.01 6.05 -28.92
N PHE A 158 -6.65 5.49 -29.97
CA PHE A 158 -6.12 5.54 -31.30
C PHE A 158 -6.04 6.95 -31.84
N LEU A 159 -7.06 7.76 -31.59
CA LEU A 159 -7.01 9.16 -32.03
C LEU A 159 -5.94 9.94 -31.22
N GLY A 160 -5.81 9.63 -29.92
CA GLY A 160 -4.76 10.21 -29.12
C GLY A 160 -3.41 9.95 -29.76
N MET A 161 -3.13 8.68 -30.07
CA MET A 161 -1.83 8.29 -30.63
C MET A 161 -1.60 8.98 -32.02
N LYS A 162 -2.65 9.09 -32.83
CA LYS A 162 -2.53 9.76 -34.12
C LYS A 162 -2.22 11.27 -33.99
N ILE A 163 -2.86 11.99 -33.09
CA ILE A 163 -2.47 13.36 -32.93
C ILE A 163 -1.04 13.50 -32.35
N ALA A 164 -0.68 12.69 -31.33
CA ALA A 164 0.63 12.80 -30.72
C ALA A 164 1.83 12.49 -31.71
N THR A 165 1.62 11.46 -32.56
CA THR A 165 2.69 11.03 -33.46
C THR A 165 2.75 11.95 -34.69
N TYR A 166 1.79 12.86 -34.80
CA TYR A 166 1.78 13.91 -35.79
C TYR A 166 2.38 15.16 -35.17
N ALA A 167 2.12 15.40 -33.88
CA ALA A 167 2.53 16.66 -33.30
C ALA A 167 3.96 16.67 -32.88
N ASN A 168 4.51 15.49 -32.65
CA ASN A 168 5.78 15.36 -31.93
C ASN A 168 6.97 16.06 -32.60
N ALA A 169 7.15 15.78 -33.90
CA ALA A 169 8.26 16.35 -34.71
C ALA A 169 8.02 17.83 -35.03
N ARG A 170 6.74 18.22 -35.16
CA ARG A 170 6.36 19.61 -35.40
C ARG A 170 6.72 20.45 -34.20
N THR A 171 6.75 19.81 -33.02
CA THR A 171 7.18 20.45 -31.76
C THR A 171 8.69 20.55 -31.70
N THR A 172 9.38 19.57 -32.24
CA THR A 172 10.83 19.62 -32.35
C THR A 172 11.22 20.83 -33.21
N LEU A 173 10.67 20.91 -34.42
CA LEU A 173 10.88 22.02 -35.33
C LEU A 173 10.56 23.38 -34.73
N GLU A 174 9.42 23.51 -34.05
CA GLU A 174 9.11 24.80 -33.47
C GLU A 174 10.03 25.15 -32.35
N ALA A 175 10.67 24.16 -31.75
CA ALA A 175 11.63 24.47 -30.71
C ALA A 175 12.85 25.21 -31.30
N ARG A 176 12.96 25.27 -32.64
CA ARG A 176 14.07 26.00 -33.24
C ARG A 176 13.82 27.52 -33.00
N LYS A 177 12.55 27.94 -32.94
CA LYS A 177 12.23 29.33 -32.68
C LYS A 177 12.20 29.64 -31.21
N GLY A 178 12.10 28.64 -30.35
CA GLY A 178 11.99 28.92 -28.92
C GLY A 178 11.00 28.04 -28.18
N VAL A 179 11.17 28.03 -26.87
CA VAL A 179 10.39 27.25 -25.98
C VAL A 179 8.88 27.53 -26.05
N GLY A 180 8.53 28.82 -26.11
CA GLY A 180 7.15 29.24 -26.21
C GLY A 180 6.50 28.78 -27.49
N LYS A 181 7.24 28.79 -28.59
CA LYS A 181 6.68 28.26 -29.84
C LYS A 181 6.50 26.76 -29.71
N ALA A 182 7.45 26.06 -29.09
CA ALA A 182 7.31 24.62 -29.00
C ALA A 182 6.09 24.28 -28.04
N PHE A 183 5.93 25.06 -26.96
CA PHE A 183 4.78 24.98 -26.07
C PHE A 183 3.46 25.11 -26.84
N ILE A 184 3.34 26.11 -27.68
CA ILE A 184 2.08 26.32 -28.36
C ILE A 184 1.77 25.09 -29.20
N THR A 185 2.77 24.52 -29.86
CA THR A 185 2.41 23.43 -30.74
C THR A 185 2.02 22.13 -30.00
N ALA A 186 2.79 21.78 -28.97
CA ALA A 186 2.50 20.66 -28.14
C ALA A 186 1.13 20.86 -27.44
N PHE A 187 0.84 22.07 -27.02
CA PHE A 187 -0.32 22.27 -26.19
C PHE A 187 -1.56 22.30 -27.06
N ARG A 188 -1.51 22.95 -28.23
CA ARG A 188 -2.62 22.87 -29.17
C ARG A 188 -2.86 21.42 -29.47
N SER A 189 -1.78 20.64 -29.54
CA SER A 189 -1.93 19.24 -29.92
C SER A 189 -2.57 18.39 -28.79
N GLY A 190 -2.28 18.69 -27.52
CA GLY A 190 -2.97 18.02 -26.43
C GLY A 190 -4.46 18.37 -26.53
N ALA A 191 -4.72 19.65 -26.83
CA ALA A 191 -6.08 20.14 -26.96
C ALA A 191 -6.81 19.41 -28.03
N VAL A 192 -6.14 19.05 -29.12
CA VAL A 192 -6.77 18.18 -30.10
C VAL A 192 -7.35 16.88 -29.48
N MET A 193 -6.51 16.20 -28.71
CA MET A 193 -6.90 14.97 -28.09
C MET A 193 -8.03 15.19 -27.05
N GLY A 194 -7.85 16.18 -26.16
CA GLY A 194 -8.80 16.50 -25.10
C GLY A 194 -10.19 16.73 -25.64
N PHE A 195 -10.32 17.69 -26.58
CA PHE A 195 -11.61 18.00 -27.21
C PHE A 195 -12.21 16.90 -28.08
N LEU A 196 -11.39 16.16 -28.85
CA LEU A 196 -11.93 15.00 -29.54
C LEU A 196 -12.46 13.97 -28.55
N LEU A 197 -11.65 13.61 -27.54
CA LEU A 197 -12.07 12.58 -26.62
C LEU A 197 -13.31 12.99 -25.79
N ALA A 198 -13.31 14.22 -25.28
CA ALA A 198 -14.42 14.68 -24.46
C ALA A 198 -15.68 14.77 -25.32
N ALA A 199 -15.57 15.35 -26.53
CA ALA A 199 -16.75 15.57 -27.41
C ALA A 199 -17.33 14.27 -27.92
N ASN A 200 -16.46 13.40 -28.38
CA ASN A 200 -16.84 12.12 -28.89
C ASN A 200 -17.45 11.21 -27.82
N GLY A 201 -16.84 11.18 -26.62
CA GLY A 201 -17.45 10.41 -25.53
C GLY A 201 -18.85 10.92 -25.16
N LEU A 202 -19.00 12.23 -25.14
CA LEU A 202 -20.28 12.85 -24.87
C LEU A 202 -21.28 12.56 -26.01
N LEU A 203 -20.86 12.69 -27.25
CA LEU A 203 -21.81 12.50 -28.36
C LEU A 203 -22.29 11.07 -28.40
N VAL A 204 -21.38 10.12 -28.21
CA VAL A 204 -21.76 8.72 -28.34
C VAL A 204 -22.78 8.35 -27.23
N LEU A 205 -22.53 8.84 -26.02
CA LEU A 205 -23.46 8.60 -24.92
C LEU A 205 -24.85 9.19 -25.29
N TYR A 206 -24.85 10.44 -25.76
CA TYR A 206 -26.07 11.11 -26.10
C TYR A 206 -26.86 10.34 -27.19
N ILE A 207 -26.16 9.87 -28.20
CA ILE A 207 -26.79 9.08 -29.23
C ILE A 207 -27.36 7.79 -28.65
N ALA A 208 -26.53 6.99 -27.94
CA ALA A 208 -26.96 5.75 -27.33
C ALA A 208 -28.21 5.93 -26.43
N ILE A 209 -28.29 7.02 -25.68
CA ILE A 209 -29.45 7.24 -24.89
C ILE A 209 -30.71 7.45 -25.75
N ASN A 210 -30.69 8.44 -26.65
CA ASN A 210 -31.80 8.61 -27.63
C ASN A 210 -32.23 7.34 -28.37
N LEU A 211 -31.29 6.53 -28.85
CA LEU A 211 -31.66 5.31 -29.59
C LEU A 211 -32.32 4.26 -28.70
N PHE A 212 -31.78 4.07 -27.49
CA PHE A 212 -32.32 3.08 -26.58
C PHE A 212 -33.72 3.50 -26.14
N LYS A 213 -33.92 4.81 -26.01
CA LYS A 213 -35.18 5.38 -25.60
C LYS A 213 -36.33 5.00 -26.56
N ILE A 214 -36.01 4.93 -27.86
CA ILE A 214 -36.96 4.50 -28.89
C ILE A 214 -37.58 3.18 -28.45
N TYR A 215 -36.75 2.24 -28.00
CA TYR A 215 -37.24 0.98 -27.44
C TYR A 215 -37.84 1.08 -26.02
N TYR A 216 -37.13 1.70 -25.10
CA TYR A 216 -37.57 1.66 -23.68
C TYR A 216 -38.84 2.48 -23.37
N GLY A 217 -39.08 3.51 -24.21
CA GLY A 217 -40.12 4.47 -24.00
C GLY A 217 -40.08 5.05 -22.62
N ASP A 218 -41.10 4.68 -21.86
CA ASP A 218 -41.36 5.22 -20.55
C ASP A 218 -40.57 4.45 -19.46
N ASP A 219 -40.00 3.32 -19.85
CA ASP A 219 -39.24 2.55 -18.87
C ASP A 219 -37.79 3.19 -18.74
N TRP A 220 -37.67 4.31 -18.02
CA TRP A 220 -36.33 4.92 -17.87
C TRP A 220 -35.38 4.11 -16.97
N GLY A 221 -35.92 3.32 -16.04
CA GLY A 221 -35.10 2.44 -15.23
C GLY A 221 -34.34 1.47 -16.09
N GLY A 222 -35.05 0.79 -16.98
CA GLY A 222 -34.46 -0.19 -17.87
C GLY A 222 -33.46 0.48 -18.79
N LEU A 223 -33.84 1.64 -19.31
CA LEU A 223 -33.07 2.37 -20.28
C LEU A 223 -31.68 2.65 -19.71
N PHE A 224 -31.63 3.25 -18.55
CA PHE A 224 -30.40 3.66 -17.96
C PHE A 224 -29.65 2.52 -17.28
N GLU A 225 -30.36 1.49 -16.82
CA GLU A 225 -29.65 0.26 -16.38
C GLU A 225 -28.87 -0.28 -17.57
N ALA A 226 -29.45 -0.23 -18.76
CA ALA A 226 -28.76 -0.84 -19.91
C ALA A 226 -27.57 0.06 -20.32
N ILE A 227 -27.75 1.37 -20.19
CA ILE A 227 -26.78 2.34 -20.61
C ILE A 227 -25.46 2.17 -19.80
N THR A 228 -25.57 1.56 -18.62
CA THR A 228 -24.42 1.36 -17.80
C THR A 228 -23.31 0.48 -18.40
N GLY A 229 -23.62 -0.39 -19.37
CA GLY A 229 -22.61 -1.13 -20.14
C GLY A 229 -21.50 -0.28 -20.76
N TYR A 230 -21.88 0.93 -21.08
CA TYR A 230 -21.02 1.89 -21.78
C TYR A 230 -19.74 2.14 -21.01
N GLY A 231 -19.87 2.46 -19.73
CA GLY A 231 -18.73 2.59 -18.86
C GLY A 231 -18.03 1.28 -18.67
N LEU A 232 -18.75 0.17 -18.64
CA LEU A 232 -18.07 -1.07 -18.40
C LEU A 232 -17.25 -1.38 -19.65
N GLY A 233 -17.79 -1.15 -20.85
CA GLY A 233 -16.92 -1.39 -22.01
C GLY A 233 -15.73 -0.41 -22.11
N GLY A 234 -16.00 0.87 -21.77
CA GLY A 234 -14.98 1.91 -21.74
C GLY A 234 -13.73 1.51 -20.94
N SER A 235 -13.95 1.08 -19.70
CA SER A 235 -12.88 0.77 -18.80
C SER A 235 -12.31 -0.67 -18.99
N SER A 236 -13.10 -1.60 -19.55
CA SER A 236 -12.55 -2.94 -19.86
C SER A 236 -11.48 -2.79 -20.91
N MET A 237 -11.79 -2.04 -21.96
CA MET A 237 -10.82 -1.76 -23.01
C MET A 237 -9.60 -0.99 -22.47
N ALA A 238 -9.86 0.01 -21.63
CA ALA A 238 -8.79 0.81 -20.99
C ALA A 238 -7.84 -0.03 -20.18
N LEU A 239 -8.35 -1.02 -19.45
CA LEU A 239 -7.45 -1.75 -18.59
C LEU A 239 -6.33 -2.38 -19.42
N PHE A 240 -6.67 -3.05 -20.51
CA PHE A 240 -5.68 -3.64 -21.40
C PHE A 240 -4.77 -2.60 -22.10
N GLY A 241 -5.38 -1.48 -22.51
CA GLY A 241 -4.64 -0.45 -23.18
C GLY A 241 -3.56 0.14 -22.28
N ARG A 242 -3.92 0.40 -21.02
CA ARG A 242 -3.00 0.97 -20.04
C ARG A 242 -1.94 -0.04 -19.69
N VAL A 243 -2.36 -1.29 -19.46
CA VAL A 243 -1.38 -2.31 -19.00
C VAL A 243 -0.46 -2.74 -20.15
N GLY A 244 -1.07 -3.13 -21.27
CA GLY A 244 -0.33 -3.40 -22.52
C GLY A 244 0.63 -2.28 -22.95
N GLY A 245 0.07 -1.11 -23.17
CA GLY A 245 0.83 0.08 -23.56
C GLY A 245 1.93 0.34 -22.53
N GLY A 246 1.58 0.24 -21.25
CA GLY A 246 2.52 0.47 -20.16
C GLY A 246 3.68 -0.47 -20.06
N ILE A 247 3.46 -1.77 -20.29
CA ILE A 247 4.58 -2.70 -20.22
C ILE A 247 5.51 -2.44 -21.44
N TYR A 248 4.91 -2.19 -22.58
CA TYR A 248 5.60 -1.92 -23.82
C TYR A 248 6.57 -0.75 -23.58
N THR A 249 6.03 0.34 -23.06
CA THR A 249 6.83 1.53 -22.99
C THR A 249 7.89 1.42 -21.97
N LYS A 250 7.62 0.85 -20.82
CA LYS A 250 8.65 0.88 -19.78
C LYS A 250 9.78 -0.15 -19.98
N ALA A 251 9.52 -1.21 -20.74
CA ALA A 251 10.58 -2.15 -21.05
C ALA A 251 11.70 -1.47 -21.84
N ALA A 252 11.26 -0.69 -22.79
CA ALA A 252 12.10 0.10 -23.68
C ALA A 252 12.87 1.18 -22.89
N ASP A 253 12.15 1.99 -22.12
CA ASP A 253 12.65 3.08 -21.35
C ASP A 253 13.72 2.61 -20.33
N VAL A 254 13.42 1.61 -19.53
CA VAL A 254 14.40 1.17 -18.56
C VAL A 254 15.62 0.65 -19.29
N GLY A 255 15.43 -0.04 -20.42
CA GLY A 255 16.57 -0.67 -21.12
C GLY A 255 17.44 0.38 -21.75
N ALA A 256 16.82 1.27 -22.52
CA ALA A 256 17.51 2.36 -23.19
C ALA A 256 18.32 3.16 -22.19
N ASP A 257 17.63 3.57 -21.11
CA ASP A 257 18.26 4.49 -20.15
C ASP A 257 19.36 3.83 -19.38
N LEU A 258 19.17 2.59 -18.96
CA LEU A 258 20.20 1.96 -18.12
C LEU A 258 21.48 1.70 -18.90
N VAL A 259 21.34 1.21 -20.14
CA VAL A 259 22.53 0.88 -20.87
C VAL A 259 23.15 2.14 -21.43
N GLY A 260 22.33 3.00 -22.07
CA GLY A 260 22.83 4.19 -22.74
C GLY A 260 23.41 5.19 -21.74
N LYS A 261 22.68 5.50 -20.66
CA LYS A 261 23.15 6.56 -19.73
C LYS A 261 24.01 6.07 -18.58
N VAL A 262 23.63 4.98 -17.97
CA VAL A 262 24.36 4.54 -16.80
C VAL A 262 25.56 3.74 -17.24
N GLU A 263 25.41 2.88 -18.25
CA GLU A 263 26.54 1.96 -18.63
C GLU A 263 27.54 2.58 -19.60
N ARG A 264 27.03 3.21 -20.65
CA ARG A 264 27.84 3.63 -21.76
C ARG A 264 28.06 5.11 -21.79
N ASN A 265 27.53 5.89 -20.83
CA ASN A 265 27.82 7.32 -20.78
C ASN A 265 27.47 8.06 -22.10
N ILE A 266 26.37 7.72 -22.74
CA ILE A 266 25.92 8.44 -23.92
C ILE A 266 24.63 9.26 -23.57
N PRO A 267 24.32 10.30 -24.34
CA PRO A 267 23.06 11.02 -24.04
C PRO A 267 21.78 10.12 -24.02
N GLU A 268 20.76 10.51 -23.26
CA GLU A 268 19.43 9.97 -23.40
C GLU A 268 18.97 10.17 -24.83
N ASP A 269 18.25 9.19 -25.38
CA ASP A 269 17.68 9.24 -26.73
C ASP A 269 18.73 9.30 -27.85
N ASP A 270 19.97 8.97 -27.53
CA ASP A 270 21.02 8.94 -28.54
C ASP A 270 20.62 7.98 -29.69
N PRO A 271 20.78 8.41 -30.95
CA PRO A 271 20.30 7.47 -32.05
C PRO A 271 21.14 6.19 -32.15
N ARG A 272 22.30 6.15 -31.51
CA ARG A 272 23.04 4.90 -31.39
C ARG A 272 22.31 3.83 -30.57
N ASN A 273 21.46 4.21 -29.60
CA ASN A 273 20.81 3.26 -28.70
C ASN A 273 19.75 2.49 -29.46
N PRO A 274 19.85 1.15 -29.55
CA PRO A 274 18.82 0.40 -30.25
C PRO A 274 17.45 0.49 -29.58
N ALA A 275 17.41 0.78 -28.27
CA ALA A 275 16.10 0.83 -27.65
C ALA A 275 15.35 2.18 -27.82
N VAL A 276 15.94 3.18 -28.48
CA VAL A 276 15.25 4.46 -28.44
C VAL A 276 14.03 4.63 -29.31
N ILE A 277 13.97 3.96 -30.43
CA ILE A 277 12.70 4.00 -31.17
C ILE A 277 11.57 3.36 -30.34
N ALA A 278 11.90 2.29 -29.62
CA ALA A 278 10.85 1.57 -28.92
C ALA A 278 10.39 2.48 -27.73
N ASP A 279 11.32 3.26 -27.19
CA ASP A 279 11.07 4.16 -26.05
C ASP A 279 10.12 5.28 -26.45
N ASN A 280 10.45 5.93 -27.56
CA ASN A 280 9.54 6.96 -28.12
C ASN A 280 8.21 6.51 -28.68
N VAL A 281 8.15 5.28 -29.24
CA VAL A 281 6.87 4.71 -29.65
C VAL A 281 6.07 4.51 -28.37
N GLY A 282 6.79 4.05 -27.32
CA GLY A 282 6.22 3.77 -26.04
C GLY A 282 5.48 4.93 -25.39
N ASP A 283 6.05 6.15 -25.48
CA ASP A 283 5.36 7.36 -24.97
C ASP A 283 3.97 7.46 -25.64
N ASN A 284 3.85 7.02 -26.90
CA ASN A 284 2.56 7.20 -27.64
C ASN A 284 1.51 6.10 -27.38
N VAL A 285 2.02 4.94 -26.96
CA VAL A 285 1.21 3.72 -26.92
C VAL A 285 0.70 3.48 -25.49
N GLY A 286 1.52 3.92 -24.50
CA GLY A 286 1.19 4.02 -23.08
C GLY A 286 0.67 5.38 -22.68
N ASP A 287 1.58 6.35 -22.56
CA ASP A 287 1.28 7.62 -21.96
C ASP A 287 0.20 8.31 -22.76
N ILE A 288 0.07 7.99 -24.05
CA ILE A 288 -0.99 8.63 -24.85
C ILE A 288 -2.18 7.69 -25.00
N ALA A 289 -2.01 6.53 -25.62
CA ALA A 289 -3.18 5.74 -26.06
C ALA A 289 -3.81 5.09 -24.84
N GLY A 290 -2.94 4.60 -23.93
CA GLY A 290 -3.40 3.98 -22.68
C GLY A 290 -4.16 4.94 -21.76
N MET A 291 -3.56 6.11 -21.56
CA MET A 291 -4.15 7.20 -20.86
C MET A 291 -5.47 7.67 -21.47
N GLY A 292 -5.53 7.82 -22.79
CA GLY A 292 -6.77 8.33 -23.42
C GLY A 292 -7.95 7.41 -23.15
N SER A 293 -7.76 6.11 -23.37
CA SER A 293 -8.78 5.11 -23.04
C SER A 293 -9.18 5.13 -21.54
N ASP A 294 -8.18 5.17 -20.66
CA ASP A 294 -8.30 5.29 -19.16
C ASP A 294 -9.24 6.44 -18.80
N LEU A 295 -8.97 7.62 -19.34
CA LEU A 295 -9.78 8.78 -18.96
C LEU A 295 -11.17 8.73 -19.54
N PHE A 296 -11.28 8.19 -20.76
CA PHE A 296 -12.58 7.96 -21.38
C PHE A 296 -13.45 7.05 -20.48
N GLY A 297 -12.88 5.97 -19.92
CA GLY A 297 -13.61 5.10 -19.02
C GLY A 297 -14.06 5.81 -17.74
N SER A 298 -13.17 6.65 -17.15
CA SER A 298 -13.59 7.60 -16.09
C SER A 298 -14.84 8.42 -16.44
N TYR A 299 -14.77 9.14 -17.56
CA TYR A 299 -15.87 9.92 -18.06
C TYR A 299 -17.16 9.07 -18.23
N ALA A 300 -17.06 7.98 -18.98
CA ALA A 300 -18.19 7.07 -19.18
C ALA A 300 -18.75 6.50 -17.85
N GLU A 301 -17.90 5.96 -16.94
CA GLU A 301 -18.45 5.45 -15.70
C GLU A 301 -19.15 6.51 -14.92
N SER A 302 -18.56 7.71 -14.83
CA SER A 302 -19.14 8.78 -13.97
C SER A 302 -20.51 9.25 -14.48
N SER A 303 -20.59 9.40 -15.79
CA SER A 303 -21.83 9.81 -16.39
C SER A 303 -22.84 8.69 -16.14
N CYS A 304 -22.41 7.44 -16.42
CA CYS A 304 -23.31 6.29 -16.26
C CYS A 304 -23.84 6.13 -14.81
N ALA A 305 -22.96 6.35 -13.81
CA ALA A 305 -23.34 6.22 -12.43
C ALA A 305 -24.38 7.30 -12.08
N ALA A 306 -24.14 8.54 -12.50
CA ALA A 306 -25.15 9.60 -12.26
C ALA A 306 -26.48 9.22 -12.93
N LEU A 307 -26.42 8.65 -14.14
CA LEU A 307 -27.66 8.30 -14.89
C LEU A 307 -28.42 7.13 -14.24
N VAL A 308 -27.73 6.05 -13.82
CA VAL A 308 -28.48 5.02 -13.10
C VAL A 308 -29.22 5.53 -11.84
N VAL A 309 -28.56 6.32 -11.00
CA VAL A 309 -29.27 6.75 -9.82
C VAL A 309 -30.46 7.68 -10.18
N ALA A 310 -30.26 8.63 -11.10
CA ALA A 310 -31.30 9.58 -11.42
C ALA A 310 -32.50 8.88 -12.06
N SER A 311 -32.26 7.76 -12.75
CA SER A 311 -33.29 7.10 -13.52
C SER A 311 -34.40 6.53 -12.57
N ILE A 312 -34.07 6.32 -11.29
CA ILE A 312 -35.09 5.84 -10.34
C ILE A 312 -35.26 6.83 -9.23
N SER A 313 -34.90 8.07 -9.54
CA SER A 313 -35.19 9.21 -8.69
C SER A 313 -36.28 10.02 -9.38
N SER A 314 -36.65 11.17 -8.82
CA SER A 314 -37.75 11.93 -9.42
C SER A 314 -37.58 12.26 -10.92
N PHE A 315 -36.37 12.64 -11.33
CA PHE A 315 -36.12 13.00 -12.74
C PHE A 315 -36.56 11.86 -13.64
N GLY A 316 -36.12 10.65 -13.33
CA GLY A 316 -36.38 9.48 -14.16
C GLY A 316 -37.83 9.04 -13.97
N LEU A 317 -38.32 9.03 -12.72
CA LEU A 317 -39.72 8.60 -12.49
C LEU A 317 -40.71 9.56 -13.15
N ASN A 318 -40.36 10.84 -13.25
CA ASN A 318 -41.26 11.83 -13.85
C ASN A 318 -40.96 12.13 -15.32
N HIS A 319 -39.98 11.43 -15.87
CA HIS A 319 -39.56 11.56 -17.25
C HIS A 319 -39.19 13.01 -17.54
N GLU A 320 -38.39 13.61 -16.69
CA GLU A 320 -37.96 14.97 -16.90
C GLU A 320 -36.59 14.97 -17.62
N LEU A 321 -36.60 15.17 -18.96
CA LEU A 321 -35.40 14.89 -19.72
C LEU A 321 -34.21 15.76 -19.31
N THR A 322 -34.45 17.07 -19.25
CA THR A 322 -33.38 18.00 -18.95
C THR A 322 -32.63 17.61 -17.64
N ALA A 323 -33.38 17.50 -16.53
CA ALA A 323 -32.78 17.19 -15.25
C ALA A 323 -32.16 15.77 -15.29
N MET A 324 -32.83 14.85 -15.99
CA MET A 324 -32.29 13.53 -16.15
C MET A 324 -30.91 13.61 -16.77
N LEU A 325 -30.69 14.52 -17.72
CA LEU A 325 -29.44 14.57 -18.44
C LEU A 325 -28.50 15.61 -17.93
N TYR A 326 -28.77 16.05 -16.70
CA TYR A 326 -27.93 17.02 -16.00
C TYR A 326 -26.42 16.77 -16.09
N PRO A 327 -25.99 15.51 -15.91
CA PRO A 327 -24.55 15.21 -16.09
C PRO A 327 -24.03 15.51 -17.50
N LEU A 328 -24.82 15.16 -18.50
CA LEU A 328 -24.41 15.44 -19.86
C LEU A 328 -24.40 16.93 -20.08
N ILE A 329 -25.28 17.65 -19.44
CA ILE A 329 -25.38 19.08 -19.70
C ILE A 329 -24.16 19.71 -19.04
N VAL A 330 -23.84 19.27 -17.81
CA VAL A 330 -22.63 19.68 -17.18
C VAL A 330 -21.40 19.46 -18.10
N SER A 331 -21.27 18.28 -18.68
CA SER A 331 -20.09 18.01 -19.53
C SER A 331 -20.09 18.84 -20.82
N SER A 332 -21.28 19.17 -21.30
CA SER A 332 -21.42 19.99 -22.52
C SER A 332 -20.88 21.37 -22.21
N VAL A 333 -21.30 21.94 -21.07
CA VAL A 333 -20.83 23.26 -20.65
C VAL A 333 -19.31 23.18 -20.31
N GLY A 334 -18.87 22.07 -19.68
CA GLY A 334 -17.44 21.85 -19.50
C GLY A 334 -16.57 22.00 -20.75
N ILE A 335 -17.05 21.48 -21.86
CA ILE A 335 -16.41 21.67 -23.13
C ILE A 335 -16.28 23.18 -23.54
N LEU A 336 -17.36 23.94 -23.44
CA LEU A 336 -17.33 25.36 -23.72
C LEU A 336 -16.35 26.03 -22.78
N VAL A 337 -16.48 25.77 -21.50
CA VAL A 337 -15.54 26.36 -20.56
C VAL A 337 -14.09 26.06 -20.90
N CYS A 338 -13.83 24.85 -21.39
CA CYS A 338 -12.45 24.45 -21.63
C CYS A 338 -11.89 25.10 -22.90
N LEU A 339 -12.79 25.35 -23.87
CA LEU A 339 -12.41 26.02 -25.09
C LEU A 339 -11.94 27.42 -24.68
N LEU A 340 -12.78 28.12 -23.92
CA LEU A 340 -12.41 29.45 -23.43
C LEU A 340 -11.05 29.36 -22.76
N THR A 341 -10.92 28.46 -21.77
CA THR A 341 -9.69 28.34 -20.98
C THR A 341 -8.45 28.13 -21.91
N THR A 342 -8.62 27.29 -22.93
CA THR A 342 -7.55 26.93 -23.85
C THR A 342 -7.00 28.19 -24.54
N LEU A 343 -7.89 29.12 -24.90
CA LEU A 343 -7.47 30.33 -25.60
C LEU A 343 -6.47 31.12 -24.75
N PHE A 344 -6.60 31.11 -23.42
CA PHE A 344 -5.59 31.79 -22.58
C PHE A 344 -4.15 31.30 -22.78
N ALA A 345 -3.94 30.01 -23.05
CA ALA A 345 -2.58 29.49 -23.20
C ALA A 345 -2.10 29.49 -24.64
N THR A 346 -3.02 29.74 -25.55
CA THR A 346 -2.88 29.45 -26.96
C THR A 346 -2.76 30.75 -27.77
N ASP A 347 -3.52 31.76 -27.37
CA ASP A 347 -3.53 33.00 -28.07
C ASP A 347 -3.16 34.17 -27.12
N PHE A 348 -3.75 34.27 -25.92
CA PHE A 348 -3.59 35.47 -25.04
C PHE A 348 -2.25 35.66 -24.29
N PHE A 349 -1.60 34.58 -23.84
CA PHE A 349 -0.29 34.76 -23.19
C PHE A 349 0.74 34.08 -24.05
N GLU A 350 1.98 34.54 -23.92
CA GLU A 350 3.12 33.80 -24.45
C GLU A 350 4.23 33.57 -23.45
N ILE A 351 4.85 32.41 -23.62
CA ILE A 351 5.92 31.96 -22.80
C ILE A 351 7.20 32.47 -23.50
N LYS A 352 8.10 33.05 -22.69
CA LYS A 352 9.39 33.52 -23.19
C LYS A 352 10.57 32.98 -22.34
N ALA A 353 10.29 32.23 -21.29
CA ALA A 353 11.31 31.76 -20.35
C ALA A 353 10.87 30.41 -19.79
N VAL A 354 11.83 29.54 -19.43
CA VAL A 354 11.49 28.19 -19.02
C VAL A 354 10.64 28.14 -17.72
N LYS A 355 10.87 29.10 -16.80
CA LYS A 355 10.14 29.03 -15.54
C LYS A 355 8.62 29.35 -15.66
N GLU A 356 8.19 29.82 -16.81
CA GLU A 356 6.80 30.12 -17.05
C GLU A 356 5.99 28.91 -17.59
N ILE A 357 6.63 27.79 -17.97
CA ILE A 357 5.90 26.66 -18.55
C ILE A 357 4.91 25.99 -17.57
N GLU A 358 5.44 25.59 -16.38
CA GLU A 358 4.63 24.97 -15.37
C GLU A 358 3.50 25.91 -14.93
N PRO A 359 3.80 27.23 -14.70
CA PRO A 359 2.72 28.09 -14.24
C PRO A 359 1.64 28.29 -15.30
N ALA A 360 2.01 28.33 -16.57
CA ALA A 360 1.00 28.47 -17.60
C ALA A 360 0.05 27.22 -17.49
N LEU A 361 0.65 26.04 -17.26
CA LEU A 361 -0.08 24.80 -17.25
C LEU A 361 -1.01 24.76 -16.04
N LYS A 362 -0.48 25.18 -14.89
CA LYS A 362 -1.30 25.39 -13.70
C LYS A 362 -2.47 26.36 -13.88
N LYS A 363 -2.22 27.51 -14.51
CA LYS A 363 -3.32 28.43 -14.79
C LYS A 363 -4.44 27.83 -15.62
N GLN A 364 -4.11 26.94 -16.56
CA GLN A 364 -5.16 26.20 -17.30
C GLN A 364 -6.16 25.50 -16.31
N LEU A 365 -5.66 24.93 -15.22
CA LEU A 365 -6.54 24.30 -14.27
C LEU A 365 -7.27 25.29 -13.38
N VAL A 366 -6.56 26.28 -12.84
CA VAL A 366 -7.18 27.39 -12.12
C VAL A 366 -8.28 28.07 -12.97
N ILE A 367 -8.00 28.44 -14.21
CA ILE A 367 -9.02 29.14 -14.97
C ILE A 367 -10.25 28.27 -15.27
N SER A 368 -10.00 27.05 -15.76
CA SER A 368 -11.10 26.09 -16.04
C SER A 368 -11.92 25.85 -14.74
N THR A 369 -11.26 25.66 -13.61
CA THR A 369 -11.98 25.45 -12.38
C THR A 369 -12.83 26.66 -12.01
N VAL A 370 -12.26 27.86 -12.10
CA VAL A 370 -13.01 29.04 -11.79
C VAL A 370 -14.17 29.24 -12.80
N LEU A 371 -13.92 29.07 -14.10
CA LEU A 371 -15.03 29.23 -15.05
C LEU A 371 -16.09 28.12 -14.92
N MET A 372 -15.68 26.89 -14.60
CA MET A 372 -16.62 25.79 -14.49
C MET A 372 -17.45 25.96 -13.22
N THR A 373 -16.90 26.60 -12.19
CA THR A 373 -17.74 26.88 -11.02
C THR A 373 -18.97 27.71 -11.44
N ILE A 374 -18.72 28.75 -12.21
CA ILE A 374 -19.79 29.59 -12.76
C ILE A 374 -20.67 28.81 -13.71
N GLY A 375 -20.08 28.07 -14.63
CA GLY A 375 -20.91 27.32 -15.59
C GLY A 375 -21.81 26.30 -14.87
N VAL A 376 -21.29 25.72 -13.79
CA VAL A 376 -22.00 24.68 -13.14
C VAL A 376 -23.14 25.35 -12.36
N ALA A 377 -22.88 26.55 -11.79
CA ALA A 377 -23.92 27.34 -11.11
C ALA A 377 -25.06 27.61 -12.08
N VAL A 378 -24.72 28.01 -13.30
CA VAL A 378 -25.72 28.25 -14.38
C VAL A 378 -26.50 26.99 -14.74
N VAL A 379 -25.78 25.94 -15.09
CA VAL A 379 -26.42 24.65 -15.31
C VAL A 379 -27.34 24.25 -14.13
N SER A 380 -26.89 24.45 -12.90
CA SER A 380 -27.71 24.00 -11.80
C SER A 380 -28.98 24.84 -11.63
N PHE A 381 -28.83 26.15 -11.87
CA PHE A 381 -29.96 27.05 -11.98
C PHE A 381 -30.99 26.76 -13.11
N VAL A 382 -30.57 26.34 -14.30
CA VAL A 382 -31.56 26.24 -15.40
C VAL A 382 -31.97 24.82 -15.71
N ALA A 383 -31.24 23.84 -15.20
CA ALA A 383 -31.47 22.50 -15.69
C ALA A 383 -32.05 21.63 -14.57
N LEU A 384 -32.27 22.24 -13.42
CA LEU A 384 -32.85 21.51 -12.31
C LEU A 384 -34.07 22.22 -11.75
N PRO A 385 -35.08 21.44 -11.32
CA PRO A 385 -36.15 22.05 -10.51
C PRO A 385 -35.54 22.34 -9.14
N THR A 386 -36.04 23.35 -8.43
CA THR A 386 -35.36 23.78 -7.22
C THR A 386 -35.45 22.70 -6.15
N SER A 387 -36.41 21.79 -6.31
CA SER A 387 -36.72 20.68 -5.37
C SER A 387 -36.97 19.39 -6.09
N PHE A 388 -36.49 18.25 -5.59
CA PHE A 388 -36.75 16.98 -6.23
C PHE A 388 -36.32 15.95 -5.22
N THR A 389 -36.32 14.68 -5.60
CA THR A 389 -35.92 13.64 -4.67
C THR A 389 -34.91 12.75 -5.40
N ILE A 390 -34.03 12.16 -4.59
CA ILE A 390 -33.02 11.32 -5.10
C ILE A 390 -33.17 9.98 -4.42
N PHE A 391 -33.17 8.93 -5.23
CA PHE A 391 -33.12 7.60 -4.69
C PHE A 391 -31.97 7.41 -3.67
N ASN A 392 -32.27 6.84 -2.52
CA ASN A 392 -31.32 6.73 -1.46
C ASN A 392 -31.70 5.48 -0.73
N PHE A 393 -31.15 4.37 -1.20
CA PHE A 393 -31.21 3.11 -0.48
C PHE A 393 -32.65 2.68 -0.19
N GLY A 394 -33.55 2.99 -1.15
CA GLY A 394 -34.91 2.50 -1.14
C GLY A 394 -35.96 3.57 -0.85
N VAL A 395 -35.56 4.81 -0.61
CA VAL A 395 -36.36 5.87 -0.03
C VAL A 395 -36.00 7.06 -0.91
N GLN A 396 -36.95 7.96 -1.16
CA GLN A 396 -36.73 9.09 -1.98
C GLN A 396 -36.35 10.22 -1.06
N LYS A 397 -35.13 10.70 -1.20
CA LYS A 397 -34.65 11.74 -0.29
C LYS A 397 -34.82 13.11 -0.93
N ASP A 398 -35.31 14.08 -0.17
CA ASP A 398 -35.51 15.47 -0.60
C ASP A 398 -34.24 16.21 -0.84
N VAL A 399 -34.07 16.76 -2.02
CA VAL A 399 -32.79 17.44 -2.27
C VAL A 399 -33.16 18.69 -3.00
N LYS A 400 -32.45 19.77 -2.71
CA LYS A 400 -32.60 21.04 -3.42
C LYS A 400 -31.51 21.23 -4.47
N SER A 401 -31.79 22.02 -5.50
CA SER A 401 -30.83 22.25 -6.57
C SER A 401 -29.53 22.95 -6.14
N TRP A 402 -29.57 23.80 -5.13
CA TRP A 402 -28.31 24.39 -4.64
C TRP A 402 -27.42 23.35 -3.99
N GLN A 403 -27.99 22.25 -3.46
CA GLN A 403 -27.18 21.21 -2.80
C GLN A 403 -26.50 20.34 -3.90
N LEU A 404 -27.21 20.17 -5.00
CA LEU A 404 -26.69 19.46 -6.12
C LEU A 404 -25.55 20.28 -6.75
N PHE A 405 -25.72 21.60 -6.81
CA PHE A 405 -24.62 22.47 -7.22
C PHE A 405 -23.39 22.21 -6.33
N LEU A 406 -23.57 22.14 -5.03
CA LEU A 406 -22.40 21.93 -4.22
C LEU A 406 -21.76 20.53 -4.42
N CYS A 407 -22.56 19.50 -4.80
CA CYS A 407 -22.03 18.17 -4.96
C CYS A 407 -21.02 18.18 -6.11
N VAL A 408 -21.44 18.74 -7.24
CA VAL A 408 -20.63 18.85 -8.40
C VAL A 408 -19.40 19.71 -8.14
N ALA A 409 -19.58 20.75 -7.34
CA ALA A 409 -18.54 21.73 -7.10
C ALA A 409 -17.50 21.22 -6.14
N VAL A 410 -17.87 20.43 -5.14
CA VAL A 410 -16.82 19.86 -4.32
C VAL A 410 -15.93 18.93 -5.12
N GLY A 411 -16.47 18.29 -6.19
CA GLY A 411 -15.64 17.37 -6.98
C GLY A 411 -14.59 18.18 -7.73
N LEU A 412 -15.11 19.22 -8.40
CA LEU A 412 -14.34 20.18 -9.17
C LEU A 412 -13.24 20.80 -8.33
N TRP A 413 -13.58 21.29 -7.16
CA TRP A 413 -12.57 21.91 -6.32
C TRP A 413 -11.54 20.95 -5.70
N ALA A 414 -12.03 19.76 -5.27
CA ALA A 414 -11.15 18.67 -4.83
C ALA A 414 -10.16 18.32 -5.95
N GLY A 415 -10.61 18.30 -7.18
CA GLY A 415 -9.64 18.17 -8.26
C GLY A 415 -8.51 19.19 -8.25
N LEU A 416 -8.82 20.46 -8.09
CA LEU A 416 -7.79 21.46 -8.18
C LEU A 416 -6.82 21.34 -6.97
N ILE A 417 -7.39 21.04 -5.82
CA ILE A 417 -6.55 20.80 -4.65
C ILE A 417 -5.57 19.70 -4.97
N ILE A 418 -6.06 18.62 -5.63
CA ILE A 418 -5.24 17.48 -5.96
C ILE A 418 -4.16 17.93 -6.92
N GLY A 419 -4.52 18.79 -7.88
CA GLY A 419 -3.55 19.32 -8.84
C GLY A 419 -2.41 20.07 -8.14
N PHE A 420 -2.79 21.01 -7.27
CA PHE A 420 -1.81 21.82 -6.54
C PHE A 420 -0.87 21.01 -5.70
N VAL A 421 -1.42 20.08 -4.95
CA VAL A 421 -0.62 19.19 -4.13
C VAL A 421 0.30 18.26 -4.92
N THR A 422 -0.20 17.76 -6.03
CA THR A 422 0.59 16.87 -6.86
C THR A 422 1.74 17.66 -7.50
N GLU A 423 1.45 18.87 -7.94
CA GLU A 423 2.50 19.72 -8.43
C GLU A 423 3.55 19.94 -7.37
N TYR A 424 3.10 20.20 -6.16
CA TYR A 424 4.05 20.49 -5.11
C TYR A 424 4.96 19.32 -4.91
N TYR A 425 4.44 18.11 -5.03
CA TYR A 425 5.24 16.88 -4.78
C TYR A 425 6.06 16.34 -5.95
N THR A 426 5.78 16.81 -7.14
CA THR A 426 6.42 16.19 -8.31
C THR A 426 7.23 17.17 -9.18
N SER A 427 7.02 18.45 -8.93
CA SER A 427 7.76 19.47 -9.67
C SER A 427 9.13 19.80 -9.03
N ASN A 428 10.21 19.89 -9.84
CA ASN A 428 11.53 20.29 -9.27
C ASN A 428 11.70 21.79 -8.92
N ALA A 429 10.67 22.62 -9.13
CA ALA A 429 10.61 23.98 -8.58
C ALA A 429 10.43 23.88 -7.06
N TYR A 430 10.08 22.73 -6.50
CA TYR A 430 9.81 22.75 -5.07
C TYR A 430 10.75 21.89 -4.24
N SER A 431 10.71 22.08 -2.93
CA SER A 431 11.69 21.37 -2.14
C SER A 431 11.54 19.82 -2.07
N PRO A 432 10.30 19.26 -2.04
CA PRO A 432 10.30 17.77 -1.90
C PRO A 432 11.18 17.11 -3.00
N VAL A 433 11.07 17.55 -4.26
CA VAL A 433 11.85 16.88 -5.33
C VAL A 433 13.34 17.25 -5.32
N GLN A 434 13.62 18.51 -4.95
CA GLN A 434 14.97 18.99 -4.85
C GLN A 434 15.71 18.26 -3.74
N ASP A 435 15.05 17.85 -2.66
CA ASP A 435 15.74 17.09 -1.64
C ASP A 435 15.93 15.67 -2.12
N VAL A 436 15.09 15.23 -3.06
CA VAL A 436 15.18 13.89 -3.62
C VAL A 436 16.41 13.89 -4.52
N ALA A 437 16.49 14.86 -5.41
CA ALA A 437 17.73 15.01 -6.19
C ALA A 437 18.91 15.19 -5.26
N ASP A 438 18.79 16.03 -4.24
CA ASP A 438 19.90 16.22 -3.35
C ASP A 438 20.38 14.93 -2.75
N SER A 439 19.51 13.94 -2.57
CA SER A 439 19.89 12.70 -1.78
C SER A 439 20.73 11.80 -2.66
N CYS A 440 20.74 12.09 -3.95
CA CYS A 440 21.66 11.42 -4.88
C CYS A 440 23.13 11.54 -4.46
N ARG A 441 23.47 12.63 -3.77
CA ARG A 441 24.83 12.89 -3.28
C ARG A 441 25.33 11.75 -2.45
N THR A 442 24.39 10.95 -1.92
CA THR A 442 24.84 9.79 -1.15
C THR A 442 24.49 8.47 -1.82
N GLY A 443 24.07 8.53 -3.09
CA GLY A 443 23.99 7.31 -3.87
C GLY A 443 22.55 6.90 -4.17
N ALA A 444 22.43 5.80 -4.93
CA ALA A 444 21.10 5.36 -5.40
C ALA A 444 20.16 4.91 -4.23
N ALA A 445 20.74 4.37 -3.12
CA ALA A 445 19.94 3.83 -2.10
C ALA A 445 19.18 4.98 -1.38
N THR A 446 19.88 6.10 -1.17
CA THR A 446 19.23 7.24 -0.54
C THR A 446 18.28 7.94 -1.55
N ASN A 447 18.61 8.03 -2.85
CA ASN A 447 17.58 8.54 -3.83
C ASN A 447 16.24 7.75 -3.62
N VAL A 448 16.33 6.44 -3.39
CA VAL A 448 15.13 5.59 -3.49
C VAL A 448 14.32 5.67 -2.18
N ILE A 449 15.04 5.67 -1.05
CA ILE A 449 14.41 5.82 0.24
C ILE A 449 13.67 7.13 0.29
N PHE A 450 14.33 8.21 -0.12
CA PHE A 450 13.63 9.51 -0.23
C PHE A 450 12.44 9.53 -1.27
N GLY A 451 12.61 8.92 -2.44
CA GLY A 451 11.52 8.97 -3.44
C GLY A 451 10.32 8.16 -2.89
N LEU A 452 10.60 7.07 -2.19
CA LEU A 452 9.56 6.25 -1.65
C LEU A 452 8.77 7.02 -0.59
N ALA A 453 9.48 7.68 0.33
CA ALA A 453 8.88 8.47 1.43
C ALA A 453 8.09 9.61 0.82
N LEU A 454 8.65 10.26 -0.19
CA LEU A 454 7.87 11.35 -0.81
C LEU A 454 6.48 10.89 -1.34
N GLY A 455 6.44 9.78 -2.13
CA GLY A 455 5.19 9.19 -2.61
C GLY A 455 4.18 8.89 -1.51
N TYR A 456 4.64 8.19 -0.45
CA TYR A 456 3.86 7.86 0.72
C TYR A 456 3.30 9.12 1.34
N LYS A 457 4.16 10.14 1.52
CA LYS A 457 3.82 11.42 2.08
C LYS A 457 2.75 12.12 1.27
N SER A 458 2.89 12.03 -0.05
CA SER A 458 2.01 12.72 -1.00
C SER A 458 0.53 12.30 -0.94
N VAL A 459 0.20 11.19 -0.31
CA VAL A 459 -1.19 10.78 -0.38
C VAL A 459 -2.09 11.55 0.60
N ILE A 460 -1.51 12.13 1.66
CA ILE A 460 -2.30 12.70 2.77
C ILE A 460 -3.38 13.66 2.31
N ILE A 461 -2.95 14.70 1.62
CA ILE A 461 -3.94 15.71 1.24
C ILE A 461 -4.91 15.26 0.18
N PRO A 462 -4.44 14.56 -0.90
CA PRO A 462 -5.50 14.04 -1.82
C PRO A 462 -6.56 13.17 -1.09
N ILE A 463 -6.17 12.29 -0.19
CA ILE A 463 -7.13 11.50 0.52
C ILE A 463 -8.14 12.35 1.34
N PHE A 464 -7.62 13.36 2.07
CA PHE A 464 -8.43 14.30 2.80
C PHE A 464 -9.38 15.01 1.86
N ALA A 465 -8.92 15.43 0.70
CA ALA A 465 -9.83 16.09 -0.27
C ALA A 465 -10.94 15.14 -0.75
N ILE A 466 -10.60 13.88 -0.98
CA ILE A 466 -11.56 12.92 -1.46
C ILE A 466 -12.56 12.63 -0.34
N ALA A 467 -12.05 12.52 0.87
CA ALA A 467 -12.91 12.29 2.04
C ALA A 467 -13.94 13.45 2.25
N ILE A 468 -13.46 14.69 2.11
CA ILE A 468 -14.36 15.84 2.16
C ILE A 468 -15.40 15.80 1.03
N SER A 469 -15.00 15.44 -0.18
CA SER A 469 -16.01 15.41 -1.28
C SER A 469 -17.02 14.28 -1.07
N ILE A 470 -16.60 13.18 -0.45
CA ILE A 470 -17.49 12.07 -0.22
C ILE A 470 -18.50 12.55 0.84
N PHE A 471 -18.00 13.16 1.89
CA PHE A 471 -18.87 13.57 2.94
C PHE A 471 -19.93 14.57 2.48
N VAL A 472 -19.47 15.62 1.82
CA VAL A 472 -20.39 16.59 1.29
C VAL A 472 -21.41 15.99 0.32
N SER A 473 -20.95 15.24 -0.69
CA SER A 473 -21.87 14.88 -1.79
C SER A 473 -22.74 13.71 -1.33
N PHE A 474 -22.18 12.83 -0.48
CA PHE A 474 -22.92 11.70 0.16
C PHE A 474 -24.08 12.26 1.02
N THR A 475 -23.73 13.23 1.86
CA THR A 475 -24.65 13.81 2.81
C THR A 475 -25.77 14.53 2.05
N PHE A 476 -25.44 15.34 1.05
CA PHE A 476 -26.48 16.00 0.31
C PHE A 476 -27.29 15.10 -0.58
N ALA A 477 -26.71 14.08 -1.20
CA ALA A 477 -27.50 13.45 -2.27
C ALA A 477 -27.13 12.02 -2.56
N ALA A 478 -26.61 11.37 -1.53
CA ALA A 478 -26.34 9.93 -1.60
C ALA A 478 -25.47 9.57 -2.80
N MET A 479 -25.75 8.45 -3.48
CA MET A 479 -24.92 7.91 -4.58
C MET A 479 -25.02 8.86 -5.79
N TYR A 480 -26.16 9.49 -6.01
CA TYR A 480 -26.22 10.51 -7.12
C TYR A 480 -25.23 11.68 -6.94
N GLY A 481 -25.23 12.27 -5.72
CA GLY A 481 -24.33 13.37 -5.39
C GLY A 481 -22.86 12.94 -5.52
N ILE A 482 -22.52 11.74 -5.01
CA ILE A 482 -21.16 11.21 -5.19
C ILE A 482 -20.77 11.08 -6.68
N ALA A 483 -21.71 10.53 -7.46
CA ALA A 483 -21.49 10.33 -8.88
C ALA A 483 -21.24 11.69 -9.58
N VAL A 484 -22.05 12.71 -9.28
CA VAL A 484 -21.87 13.97 -10.02
C VAL A 484 -20.70 14.74 -9.41
N ALA A 485 -20.32 14.40 -8.18
CA ALA A 485 -19.03 14.85 -7.69
C ALA A 485 -17.85 14.25 -8.54
N ALA A 486 -17.92 12.96 -8.85
CA ALA A 486 -16.91 12.35 -9.75
C ALA A 486 -16.89 13.11 -11.03
N LEU A 487 -18.07 13.41 -11.53
CA LEU A 487 -18.23 14.01 -12.81
C LEU A 487 -17.79 15.45 -12.76
N GLY A 488 -18.05 16.14 -11.64
CA GLY A 488 -17.60 17.52 -11.48
C GLY A 488 -16.06 17.59 -11.53
N MET A 489 -15.40 16.70 -10.80
CA MET A 489 -13.95 16.57 -10.91
C MET A 489 -13.49 16.36 -12.36
N LEU A 490 -14.33 15.78 -13.18
CA LEU A 490 -14.01 15.52 -14.54
C LEU A 490 -14.75 16.45 -15.50
N SER A 491 -15.27 17.57 -14.99
CA SER A 491 -16.12 18.41 -15.85
C SER A 491 -15.23 19.24 -16.79
N THR A 492 -13.97 19.36 -16.39
CA THR A 492 -12.98 20.08 -17.18
C THR A 492 -12.00 19.13 -17.92
N ILE A 493 -12.50 17.97 -18.29
CA ILE A 493 -11.71 16.90 -18.85
C ILE A 493 -11.00 17.26 -20.18
N ALA A 494 -11.62 18.09 -21.02
CA ALA A 494 -10.96 18.50 -22.25
C ALA A 494 -9.58 19.19 -21.95
N THR A 495 -9.54 20.03 -20.94
CA THR A 495 -8.34 20.73 -20.51
C THR A 495 -7.41 19.83 -19.75
N GLY A 496 -7.97 19.00 -18.86
CA GLY A 496 -7.23 17.96 -18.14
C GLY A 496 -6.46 17.08 -19.11
N LEU A 497 -7.15 16.53 -20.09
CA LEU A 497 -6.46 15.80 -21.16
C LEU A 497 -5.42 16.63 -21.98
N ALA A 498 -5.70 17.91 -22.21
CA ALA A 498 -4.80 18.76 -23.00
C ALA A 498 -3.53 18.95 -22.22
N ILE A 499 -3.59 19.35 -20.96
CA ILE A 499 -2.33 19.54 -20.21
C ILE A 499 -1.56 18.22 -20.06
N ASP A 500 -2.26 17.09 -19.99
CA ASP A 500 -1.64 15.80 -19.86
C ASP A 500 -0.98 15.34 -21.16
N ALA A 501 -1.72 15.36 -22.28
CA ALA A 501 -1.25 14.88 -23.57
C ALA A 501 -0.06 15.71 -24.07
N TYR A 502 -0.03 16.97 -23.61
CA TYR A 502 1.01 17.91 -23.90
C TYR A 502 2.40 17.28 -23.59
N GLY A 503 2.46 16.55 -22.44
CA GLY A 503 3.66 15.90 -21.89
C GLY A 503 4.33 14.83 -22.79
N PRO A 504 3.59 13.79 -23.23
CA PRO A 504 4.28 12.80 -24.08
C PRO A 504 4.70 13.38 -25.39
N ILE A 505 3.89 14.29 -25.94
CA ILE A 505 4.27 14.98 -27.18
C ILE A 505 5.64 15.71 -27.02
N SER A 506 5.77 16.44 -25.92
CA SER A 506 7.02 17.11 -25.55
C SER A 506 8.18 16.19 -25.34
N ASP A 507 7.87 15.05 -24.73
CA ASP A 507 8.82 13.98 -24.51
C ASP A 507 9.42 13.45 -25.83
N ASN A 508 8.57 12.99 -26.75
CA ASN A 508 8.96 12.66 -28.13
C ASN A 508 9.78 13.78 -28.83
N ALA A 509 9.30 15.01 -28.70
CA ALA A 509 9.94 16.19 -29.28
C ALA A 509 11.45 16.24 -28.99
N GLY A 510 11.81 15.98 -27.73
CA GLY A 510 13.20 15.88 -27.31
C GLY A 510 13.90 14.59 -27.70
N GLY A 511 13.12 13.50 -27.86
CA GLY A 511 13.68 12.24 -28.36
C GLY A 511 14.07 12.47 -29.81
N ILE A 512 13.19 13.13 -30.54
CA ILE A 512 13.43 13.40 -31.93
C ILE A 512 14.62 14.41 -32.11
N ALA A 513 14.70 15.43 -31.23
CA ALA A 513 15.78 16.41 -31.25
C ALA A 513 17.13 15.72 -31.19
N GLU A 514 17.27 14.77 -30.25
CA GLU A 514 18.51 14.11 -29.98
C GLU A 514 18.80 13.16 -31.15
N MET A 515 17.78 12.45 -31.59
CA MET A 515 17.96 11.50 -32.67
C MET A 515 18.32 12.20 -33.96
N ALA A 516 17.87 13.43 -34.12
CA ALA A 516 18.14 14.17 -35.38
C ALA A 516 19.50 14.91 -35.32
N GLY A 517 20.19 14.75 -34.16
CA GLY A 517 21.50 15.34 -33.91
C GLY A 517 21.38 16.86 -33.88
N MET A 518 20.26 17.39 -33.42
CA MET A 518 20.05 18.85 -33.41
C MET A 518 20.90 19.50 -32.35
N SER A 519 21.02 20.82 -32.36
CA SER A 519 21.90 21.49 -31.43
C SER A 519 21.42 21.33 -29.98
N HIS A 520 22.34 21.49 -29.03
CA HIS A 520 22.07 21.30 -27.59
C HIS A 520 20.95 22.24 -27.09
N ARG A 521 20.72 23.31 -27.84
CA ARG A 521 19.80 24.36 -27.43
C ARG A 521 18.38 23.89 -27.60
N ILE A 522 18.15 23.11 -28.65
CA ILE A 522 16.83 22.54 -28.94
C ILE A 522 16.38 21.56 -27.83
N ARG A 523 17.32 20.65 -27.48
CA ARG A 523 17.19 19.71 -26.38
C ARG A 523 16.94 20.39 -25.05
N GLU A 524 17.65 21.49 -24.76
CA GLU A 524 17.42 22.22 -23.53
C GLU A 524 15.98 22.71 -23.49
N ARG A 525 15.45 23.17 -24.61
CA ARG A 525 14.09 23.63 -24.61
C ARG A 525 13.09 22.47 -24.34
N THR A 526 13.25 21.40 -25.14
CA THR A 526 12.39 20.24 -25.00
C THR A 526 12.53 19.68 -23.60
N ASP A 527 13.69 19.73 -22.98
CA ASP A 527 13.80 19.26 -21.64
C ASP A 527 12.95 20.05 -20.61
N ALA A 528 12.90 21.37 -20.81
CA ALA A 528 12.04 22.21 -20.00
C ALA A 528 10.57 21.84 -20.23
N LEU A 529 10.16 21.64 -21.49
CA LEU A 529 8.79 21.24 -21.79
C LEU A 529 8.48 19.87 -21.17
N ASP A 530 9.40 18.95 -21.34
CA ASP A 530 9.29 17.62 -20.82
C ASP A 530 9.26 17.56 -19.27
N ALA A 531 10.09 18.34 -18.58
CA ALA A 531 9.98 18.31 -17.10
C ALA A 531 8.55 18.71 -16.65
N ALA A 532 7.97 19.70 -17.35
CA ALA A 532 6.66 20.20 -16.91
C ALA A 532 5.57 19.14 -17.22
N GLY A 533 5.69 18.47 -18.38
CA GLY A 533 4.89 17.30 -18.74
C GLY A 533 4.95 16.17 -17.68
N ASN A 534 6.10 15.99 -17.04
CA ASN A 534 6.20 15.02 -15.96
C ASN A 534 5.25 15.37 -14.82
N THR A 535 5.15 16.68 -14.54
CA THR A 535 4.32 17.14 -13.43
C THR A 535 2.86 16.99 -13.79
N THR A 536 2.56 17.26 -15.03
CA THR A 536 1.26 17.33 -15.53
C THR A 536 0.72 15.86 -15.68
N ALA A 537 1.63 14.91 -15.96
CA ALA A 537 1.21 13.52 -15.98
C ALA A 537 0.80 13.02 -14.57
N ALA A 538 1.57 13.44 -13.55
CA ALA A 538 1.27 13.06 -12.21
C ALA A 538 -0.12 13.71 -11.81
N ILE A 539 -0.31 14.97 -12.26
CA ILE A 539 -1.57 15.64 -11.97
C ILE A 539 -2.76 14.84 -12.56
N GLY A 540 -2.63 14.40 -13.82
CA GLY A 540 -3.66 13.65 -14.53
C GLY A 540 -3.92 12.37 -13.72
N LYS A 541 -2.88 11.74 -13.22
CA LYS A 541 -3.05 10.49 -12.55
C LYS A 541 -3.87 10.81 -11.31
N GLY A 542 -3.52 11.94 -10.64
CA GLY A 542 -4.26 12.38 -9.41
C GLY A 542 -5.75 12.63 -9.69
N PHE A 543 -6.07 13.20 -10.83
CA PHE A 543 -7.45 13.37 -11.20
C PHE A 543 -8.12 12.04 -11.47
N ALA A 544 -7.44 11.11 -12.16
CA ALA A 544 -8.00 9.77 -12.46
C ALA A 544 -8.28 9.03 -11.18
N ILE A 545 -7.38 9.11 -10.24
CA ILE A 545 -7.56 8.38 -8.95
C ILE A 545 -8.68 8.99 -8.08
N GLY A 546 -8.69 10.34 -8.01
CA GLY A 546 -9.74 11.05 -7.33
C GLY A 546 -11.10 10.68 -7.87
N SER A 547 -11.27 10.65 -9.21
CA SER A 547 -12.60 10.52 -9.70
C SER A 547 -12.93 9.03 -9.62
N ALA A 548 -11.91 8.16 -9.66
CA ALA A 548 -12.17 6.74 -9.55
C ALA A 548 -12.71 6.43 -8.18
N ALA A 549 -12.15 7.05 -7.14
CA ALA A 549 -12.62 6.80 -5.78
C ALA A 549 -14.10 7.21 -5.67
N LEU A 550 -14.42 8.40 -6.17
CA LEU A 550 -15.75 8.92 -6.15
C LEU A 550 -16.69 8.03 -6.95
N VAL A 551 -16.37 7.73 -8.22
CA VAL A 551 -17.39 6.97 -8.96
C VAL A 551 -17.51 5.58 -8.39
N SER A 552 -16.41 5.02 -7.90
CA SER A 552 -16.47 3.66 -7.39
C SER A 552 -17.36 3.56 -6.19
N LEU A 553 -17.34 4.59 -5.33
CA LEU A 553 -18.22 4.62 -4.18
C LEU A 553 -19.66 4.72 -4.69
N ALA A 554 -19.94 5.62 -5.64
CA ALA A 554 -21.30 5.77 -6.20
C ALA A 554 -21.79 4.40 -6.74
N LEU A 555 -20.93 3.73 -7.54
CA LEU A 555 -21.26 2.45 -8.16
C LEU A 555 -21.41 1.33 -7.11
N PHE A 556 -20.53 1.31 -6.09
CA PHE A 556 -20.64 0.40 -4.96
C PHE A 556 -22.03 0.54 -4.28
N GLY A 557 -22.41 1.73 -3.85
CA GLY A 557 -23.77 1.91 -3.37
C GLY A 557 -24.88 1.50 -4.32
N ALA A 558 -24.76 1.79 -5.62
CA ALA A 558 -25.82 1.43 -6.58
C ALA A 558 -25.87 -0.09 -6.70
N PHE A 559 -24.71 -0.72 -6.64
CA PHE A 559 -24.62 -2.16 -6.70
C PHE A 559 -25.41 -2.77 -5.55
N VAL A 560 -25.27 -2.20 -4.36
CA VAL A 560 -25.85 -2.77 -3.16
C VAL A 560 -27.38 -2.75 -3.37
N SER A 561 -27.93 -1.65 -3.88
CA SER A 561 -29.35 -1.66 -4.19
C SER A 561 -29.73 -2.69 -5.26
N ARG A 562 -29.02 -2.72 -6.37
CA ARG A 562 -29.38 -3.61 -7.45
C ARG A 562 -29.35 -5.07 -7.01
N ALA A 563 -28.51 -5.37 -6.01
CA ALA A 563 -28.30 -6.72 -5.57
C ALA A 563 -29.24 -7.03 -4.37
N SER A 564 -30.10 -6.09 -4.02
CA SER A 564 -31.00 -6.29 -2.88
C SER A 564 -30.32 -6.56 -1.54
N ILE A 565 -29.15 -5.99 -1.30
CA ILE A 565 -28.52 -6.11 0.00
C ILE A 565 -29.18 -5.07 0.91
N THR A 566 -29.61 -5.45 2.10
CA THR A 566 -30.19 -4.45 3.01
C THR A 566 -29.08 -3.63 3.66
N THR A 567 -28.02 -4.28 4.15
CA THR A 567 -26.94 -3.58 4.83
C THR A 567 -25.60 -4.18 4.53
N VAL A 568 -24.65 -3.37 4.10
CA VAL A 568 -23.30 -3.88 4.06
C VAL A 568 -22.77 -3.62 5.41
N ASP A 569 -22.62 -4.66 6.20
CA ASP A 569 -22.28 -4.52 7.59
C ASP A 569 -20.86 -5.05 7.75
N VAL A 570 -19.92 -4.20 8.18
CA VAL A 570 -18.49 -4.60 8.10
C VAL A 570 -18.18 -5.73 9.05
N LEU A 571 -18.94 -5.79 10.12
CA LEU A 571 -18.69 -6.80 11.09
C LEU A 571 -19.57 -8.06 10.86
N THR A 572 -19.43 -8.64 9.68
CA THR A 572 -20.06 -9.91 9.37
C THR A 572 -18.94 -10.64 8.68
N PRO A 573 -18.82 -11.95 8.93
CA PRO A 573 -17.77 -12.77 8.25
C PRO A 573 -17.68 -12.58 6.71
N LYS A 574 -18.84 -12.55 6.04
CA LYS A 574 -18.85 -12.36 4.56
C LYS A 574 -18.23 -11.03 4.10
N VAL A 575 -18.73 -9.92 4.66
CA VAL A 575 -18.25 -8.60 4.28
C VAL A 575 -16.77 -8.45 4.62
N PHE A 576 -16.40 -8.98 5.79
CA PHE A 576 -15.07 -8.68 6.25
C PHE A 576 -14.00 -9.39 5.47
N ILE A 577 -14.23 -10.66 5.16
CA ILE A 577 -13.29 -11.35 4.29
C ILE A 577 -13.21 -10.68 2.89
N GLY A 578 -14.32 -10.12 2.39
CA GLY A 578 -14.28 -9.39 1.12
C GLY A 578 -13.41 -8.15 1.25
N LEU A 579 -13.52 -7.45 2.40
CA LEU A 579 -12.78 -6.23 2.64
C LEU A 579 -11.26 -6.46 2.60
N ILE A 580 -10.77 -7.43 3.38
CA ILE A 580 -9.34 -7.64 3.46
C ILE A 580 -8.78 -8.25 2.15
N VAL A 581 -9.53 -9.14 1.48
CA VAL A 581 -9.08 -9.67 0.21
C VAL A 581 -9.13 -8.54 -0.82
N GLY A 582 -10.21 -7.77 -0.79
CA GLY A 582 -10.31 -6.63 -1.71
C GLY A 582 -9.08 -5.71 -1.56
N ALA A 583 -8.61 -5.53 -0.31
CA ALA A 583 -7.54 -4.54 -0.07
C ALA A 583 -6.18 -5.06 -0.64
N MET A 584 -6.16 -6.38 -0.92
CA MET A 584 -4.95 -7.10 -1.33
C MET A 584 -4.86 -7.07 -2.86
N LEU A 585 -6.02 -7.04 -3.52
CA LEU A 585 -6.00 -7.09 -5.00
C LEU A 585 -5.04 -6.10 -5.64
N PRO A 586 -4.99 -4.86 -5.11
CA PRO A 586 -4.11 -3.89 -5.76
C PRO A 586 -2.61 -4.21 -5.62
N TYR A 587 -2.20 -4.90 -4.55
CA TYR A 587 -0.86 -5.47 -4.42
C TYR A 587 -0.56 -6.62 -5.39
N TRP A 588 -1.45 -7.59 -5.51
CA TRP A 588 -1.30 -8.68 -6.43
C TRP A 588 -1.18 -8.09 -7.85
N PHE A 589 -2.03 -7.10 -8.19
CA PHE A 589 -1.97 -6.47 -9.52
C PHE A 589 -0.62 -5.81 -9.77
N SER A 590 -0.11 -5.13 -8.74
CA SER A 590 1.16 -4.38 -8.80
C SER A 590 2.34 -5.35 -8.93
N ALA A 591 2.25 -6.46 -8.20
CA ALA A 591 3.24 -7.55 -8.31
C ALA A 591 3.39 -8.04 -9.76
N MET A 592 2.27 -8.27 -10.41
CA MET A 592 2.34 -8.77 -11.79
C MET A 592 2.89 -7.77 -12.77
N THR A 593 2.42 -6.52 -12.68
CA THR A 593 2.83 -5.48 -13.63
C THR A 593 4.29 -5.04 -13.40
N MET A 594 4.75 -5.02 -12.14
CA MET A 594 6.13 -4.64 -11.85
C MET A 594 7.05 -5.78 -12.31
N LYS A 595 6.69 -7.05 -12.03
CA LYS A 595 7.46 -8.23 -12.44
C LYS A 595 7.62 -8.25 -14.00
N SER A 596 6.54 -8.01 -14.73
CA SER A 596 6.58 -7.96 -16.16
C SER A 596 7.58 -6.93 -16.68
N VAL A 597 7.59 -5.74 -16.08
CA VAL A 597 8.40 -4.67 -16.66
C VAL A 597 9.81 -5.06 -16.31
N GLY A 598 10.00 -5.56 -15.09
CA GLY A 598 11.30 -5.97 -14.63
C GLY A 598 11.91 -6.94 -15.62
N SER A 599 11.10 -7.94 -16.00
CA SER A 599 11.60 -9.07 -16.80
C SER A 599 11.87 -8.59 -18.23
N ALA A 600 10.92 -7.85 -18.80
CA ALA A 600 11.11 -7.31 -20.09
C ALA A 600 12.29 -6.29 -20.15
N ALA A 601 12.42 -5.50 -19.08
CA ALA A 601 13.55 -4.58 -18.98
C ALA A 601 14.91 -5.32 -19.00
N LEU A 602 14.96 -6.42 -18.24
CA LEU A 602 16.15 -7.23 -18.11
C LEU A 602 16.50 -7.79 -19.51
N LYS A 603 15.51 -8.35 -20.21
CA LYS A 603 15.71 -8.72 -21.62
C LYS A 603 16.19 -7.52 -22.48
N MET A 604 15.57 -6.35 -22.30
CA MET A 604 15.96 -5.19 -23.08
C MET A 604 17.45 -4.80 -22.87
N VAL A 605 17.89 -4.76 -21.61
CA VAL A 605 19.26 -4.47 -21.27
C VAL A 605 20.23 -5.49 -21.98
N GLU A 606 19.98 -6.79 -21.82
CA GLU A 606 20.72 -7.81 -22.56
C GLU A 606 20.92 -7.56 -24.09
N GLU A 607 19.82 -7.20 -24.76
CA GLU A 607 19.82 -6.88 -26.18
C GLU A 607 20.60 -5.58 -26.50
N VAL A 608 20.32 -4.51 -25.76
CA VAL A 608 21.07 -3.28 -26.00
C VAL A 608 22.57 -3.50 -25.80
N ARG A 609 22.92 -4.15 -24.69
CA ARG A 609 24.31 -4.49 -24.42
C ARG A 609 25.00 -5.26 -25.60
N ARG A 610 24.26 -6.23 -26.17
CA ARG A 610 24.77 -7.12 -27.17
C ARG A 610 25.00 -6.26 -28.42
N GLN A 611 24.10 -5.33 -28.74
CA GLN A 611 24.39 -4.56 -29.91
C GLN A 611 25.62 -3.62 -29.70
N PHE A 612 25.75 -3.06 -28.50
CA PHE A 612 26.86 -2.13 -28.31
C PHE A 612 28.15 -2.91 -28.33
N ASN A 613 28.11 -4.14 -27.84
CA ASN A 613 29.32 -4.97 -27.60
C ASN A 613 29.78 -5.77 -28.82
N THR A 614 28.92 -5.90 -29.83
CA THR A 614 29.23 -6.77 -30.96
C THR A 614 28.94 -6.11 -32.32
N ILE A 615 28.27 -4.97 -32.40
CA ILE A 615 28.10 -4.40 -33.74
C ILE A 615 29.24 -3.39 -33.97
N PRO A 616 30.24 -3.79 -34.81
CA PRO A 616 31.41 -2.90 -34.99
C PRO A 616 30.99 -1.55 -35.57
N GLY A 617 31.47 -0.47 -34.94
CA GLY A 617 31.08 0.84 -35.43
C GLY A 617 29.85 1.51 -34.81
N LEU A 618 29.04 0.76 -34.05
CA LEU A 618 27.85 1.31 -33.40
C LEU A 618 28.24 2.37 -32.38
N MET A 619 29.13 2.07 -31.45
CA MET A 619 29.53 3.07 -30.47
C MET A 619 30.16 4.31 -31.06
N GLU A 620 30.67 4.21 -32.30
CA GLU A 620 31.40 5.30 -33.00
C GLU A 620 30.53 6.04 -34.00
N GLY A 621 29.28 5.63 -34.14
CA GLY A 621 28.38 6.36 -35.04
C GLY A 621 28.48 5.95 -36.48
N THR A 622 29.17 4.87 -36.79
CA THR A 622 29.31 4.56 -38.23
C THR A 622 28.51 3.35 -38.68
N ALA A 623 27.81 2.73 -37.73
CA ALA A 623 26.88 1.67 -38.02
C ALA A 623 25.51 2.00 -37.38
N LYS A 624 24.45 1.55 -38.05
CA LYS A 624 23.10 1.74 -37.60
C LYS A 624 22.71 0.65 -36.58
N PRO A 625 21.99 1.01 -35.50
CA PRO A 625 21.60 -0.11 -34.59
C PRO A 625 20.44 -0.89 -35.16
N ASP A 626 20.07 -1.98 -34.53
CA ASP A 626 18.89 -2.67 -34.96
C ASP A 626 17.70 -2.29 -34.04
N TYR A 627 16.82 -1.41 -34.52
CA TYR A 627 15.75 -0.91 -33.66
C TYR A 627 14.62 -1.91 -33.48
N ALA A 628 14.36 -2.68 -34.54
CA ALA A 628 13.26 -3.61 -34.62
C ALA A 628 13.37 -4.66 -33.52
N THR A 629 14.57 -5.11 -33.17
CA THR A 629 14.65 -6.13 -32.16
C THR A 629 14.10 -5.63 -30.78
N CYS A 630 14.38 -4.36 -30.46
CA CYS A 630 13.93 -3.74 -29.20
C CYS A 630 12.41 -3.55 -29.21
N VAL A 631 11.90 -3.10 -30.35
CA VAL A 631 10.47 -3.04 -30.57
C VAL A 631 9.80 -4.38 -30.40
N LYS A 632 10.46 -5.44 -30.90
CA LYS A 632 9.95 -6.79 -30.75
C LYS A 632 9.90 -7.20 -29.32
N ILE A 633 10.99 -7.00 -28.56
CA ILE A 633 11.03 -7.48 -27.16
C ILE A 633 9.88 -6.79 -26.39
N SER A 634 9.64 -5.51 -26.67
CA SER A 634 8.64 -4.85 -25.89
C SER A 634 7.17 -5.18 -26.39
N THR A 635 7.02 -5.45 -27.69
CA THR A 635 5.77 -5.99 -28.27
C THR A 635 5.37 -7.36 -27.72
N ASP A 636 6.30 -8.30 -27.64
CA ASP A 636 5.95 -9.64 -27.17
C ASP A 636 5.61 -9.70 -25.70
N ALA A 637 6.43 -8.99 -24.90
CA ALA A 637 6.26 -8.88 -23.46
C ALA A 637 4.88 -8.27 -23.10
N SER A 638 4.48 -7.25 -23.84
CA SER A 638 3.33 -6.53 -23.42
C SER A 638 2.06 -7.25 -23.84
N ILE A 639 2.11 -7.93 -24.98
CA ILE A 639 0.94 -8.60 -25.52
C ILE A 639 0.67 -9.87 -24.70
N LYS A 640 1.73 -10.51 -24.29
CA LYS A 640 1.59 -11.65 -23.48
C LYS A 640 1.23 -11.26 -22.04
N GLU A 641 1.98 -10.33 -21.41
CA GLU A 641 1.86 -10.06 -19.99
C GLU A 641 0.70 -9.17 -19.64
N MET A 642 0.05 -8.54 -20.62
CA MET A 642 -1.14 -7.76 -20.28
C MET A 642 -2.27 -8.70 -19.81
N ILE A 643 -2.14 -10.01 -20.06
CA ILE A 643 -3.32 -10.83 -19.94
C ILE A 643 -3.65 -11.18 -18.47
N PRO A 644 -2.66 -11.66 -17.71
CA PRO A 644 -3.00 -12.05 -16.34
C PRO A 644 -3.61 -10.90 -15.49
N PRO A 645 -2.95 -9.70 -15.47
CA PRO A 645 -3.51 -8.60 -14.71
C PRO A 645 -4.88 -8.23 -15.21
N GLY A 646 -5.09 -8.22 -16.53
CA GLY A 646 -6.44 -8.05 -17.07
C GLY A 646 -7.44 -9.14 -16.59
N ALA A 647 -7.01 -10.41 -16.62
CA ALA A 647 -7.80 -11.52 -16.07
C ALA A 647 -8.17 -11.32 -14.59
N LEU A 648 -7.16 -10.96 -13.79
CA LEU A 648 -7.39 -10.76 -12.33
C LEU A 648 -8.48 -9.69 -12.10
N VAL A 649 -8.39 -8.58 -12.82
CA VAL A 649 -9.41 -7.55 -12.59
C VAL A 649 -10.82 -7.99 -13.05
N MET A 650 -10.88 -8.61 -14.20
CA MET A 650 -12.18 -8.88 -14.79
C MET A 650 -12.86 -10.17 -14.32
N LEU A 651 -12.03 -11.07 -13.83
CA LEU A 651 -12.55 -12.27 -13.27
C LEU A 651 -12.96 -12.13 -11.80
N THR A 652 -12.31 -11.25 -11.03
CA THR A 652 -12.56 -11.16 -9.55
C THR A 652 -14.05 -10.94 -9.23
N PRO A 653 -14.70 -10.00 -9.92
CA PRO A 653 -16.12 -9.90 -9.58
C PRO A 653 -16.90 -11.13 -9.92
N LEU A 654 -16.51 -11.83 -10.99
CA LEU A 654 -17.26 -13.01 -11.42
C LEU A 654 -17.00 -14.16 -10.41
N VAL A 655 -15.74 -14.45 -10.15
CA VAL A 655 -15.40 -15.49 -9.22
C VAL A 655 -16.01 -15.16 -7.85
N VAL A 656 -15.88 -13.92 -7.36
CA VAL A 656 -16.41 -13.59 -6.02
C VAL A 656 -17.96 -13.61 -5.96
N GLY A 657 -18.61 -13.05 -6.98
CA GLY A 657 -20.05 -12.97 -7.02
C GLY A 657 -20.72 -14.33 -7.15
N ILE A 658 -20.15 -15.19 -7.98
CA ILE A 658 -20.64 -16.55 -8.17
C ILE A 658 -20.28 -17.46 -6.99
N LEU A 659 -19.02 -17.50 -6.59
CA LEU A 659 -18.64 -18.34 -5.46
C LEU A 659 -19.13 -17.87 -4.08
N PHE A 660 -18.85 -16.62 -3.73
CA PHE A 660 -19.12 -16.16 -2.35
C PHE A 660 -20.36 -15.32 -2.27
N GLY A 661 -20.77 -14.67 -3.36
CA GLY A 661 -21.98 -13.88 -3.26
C GLY A 661 -21.72 -12.39 -3.08
N VAL A 662 -22.82 -11.67 -3.06
CA VAL A 662 -22.96 -10.28 -3.19
C VAL A 662 -22.50 -9.48 -1.95
N GLU A 663 -22.63 -10.10 -0.78
CA GLU A 663 -22.15 -9.48 0.45
C GLU A 663 -20.62 -9.48 0.47
N THR A 664 -20.01 -10.57 0.04
CA THR A 664 -18.54 -10.67 0.05
C THR A 664 -18.00 -9.67 -1.01
N LEU A 665 -18.72 -9.59 -2.13
CA LEU A 665 -18.31 -8.75 -3.23
C LEU A 665 -18.34 -7.30 -2.78
N SER A 666 -19.38 -6.91 -2.03
CA SER A 666 -19.44 -5.62 -1.33
C SER A 666 -18.15 -5.34 -0.61
N GLY A 667 -17.68 -6.23 0.27
CA GLY A 667 -16.42 -5.97 0.99
C GLY A 667 -15.28 -5.79 -0.01
N VAL A 668 -15.27 -6.59 -1.08
CA VAL A 668 -14.24 -6.51 -2.10
C VAL A 668 -14.24 -5.13 -2.72
N LEU A 669 -15.41 -4.61 -3.04
CA LEU A 669 -15.44 -3.30 -3.64
C LEU A 669 -14.92 -2.24 -2.66
N ALA A 670 -15.31 -2.31 -1.37
CA ALA A 670 -14.95 -1.25 -0.44
C ALA A 670 -13.45 -1.28 -0.22
N GLY A 671 -12.93 -2.52 -0.02
CA GLY A 671 -11.53 -2.74 0.28
C GLY A 671 -10.57 -2.36 -0.85
N SER A 672 -10.97 -2.62 -2.09
CA SER A 672 -10.05 -2.44 -3.17
C SER A 672 -9.99 -0.96 -3.37
N LEU A 673 -11.10 -0.28 -3.18
CA LEU A 673 -11.16 1.15 -3.34
C LEU A 673 -10.23 1.82 -2.30
N VAL A 674 -10.44 1.57 -1.02
CA VAL A 674 -9.69 2.32 0.00
C VAL A 674 -8.25 1.97 -0.04
N SER A 675 -7.96 0.75 -0.44
CA SER A 675 -6.58 0.32 -0.39
C SER A 675 -5.81 0.72 -1.66
N GLY A 676 -6.46 0.56 -2.80
CA GLY A 676 -5.77 0.72 -4.07
C GLY A 676 -5.45 2.18 -4.34
N VAL A 677 -6.32 3.03 -3.83
CA VAL A 677 -6.08 4.49 -3.98
C VAL A 677 -4.75 4.97 -3.28
N GLN A 678 -4.40 4.39 -2.12
CA GLN A 678 -3.14 4.70 -1.47
C GLN A 678 -1.93 4.33 -2.34
N ILE A 679 -1.88 3.08 -2.81
CA ILE A 679 -0.73 2.65 -3.61
C ILE A 679 -0.67 3.34 -4.99
N ALA A 680 -1.83 3.59 -5.54
CA ALA A 680 -1.87 4.22 -6.82
C ALA A 680 -1.22 5.62 -6.73
N ILE A 681 -1.65 6.43 -5.75
CA ILE A 681 -1.11 7.78 -5.55
C ILE A 681 0.37 7.76 -5.22
N SER A 682 0.80 6.88 -4.29
CA SER A 682 2.19 6.95 -3.92
C SER A 682 3.10 6.52 -5.10
N ALA A 683 2.65 5.51 -5.85
CA ALA A 683 3.45 4.91 -6.93
C ALA A 683 3.63 6.00 -7.95
N SER A 684 2.53 6.66 -8.32
CA SER A 684 2.62 7.63 -9.36
C SER A 684 3.47 8.84 -8.99
N ASN A 685 3.32 9.31 -7.74
CA ASN A 685 3.99 10.54 -7.39
C ASN A 685 5.46 10.24 -7.16
N THR A 686 5.77 9.07 -6.57
CA THR A 686 7.13 8.66 -6.43
C THR A 686 7.89 8.61 -7.81
N GLY A 687 7.28 7.94 -8.78
CA GLY A 687 7.79 7.85 -10.11
C GLY A 687 7.99 9.24 -10.66
N GLY A 688 7.00 10.11 -10.46
CA GLY A 688 7.06 11.48 -11.05
C GLY A 688 8.23 12.24 -10.38
N ALA A 689 8.35 12.08 -9.06
CA ALA A 689 9.37 12.81 -8.32
C ALA A 689 10.80 12.38 -8.78
N TRP A 690 11.03 11.05 -8.92
CA TRP A 690 12.32 10.55 -9.47
C TRP A 690 12.64 11.06 -10.86
N ASP A 691 11.62 11.13 -11.72
CA ASP A 691 11.84 11.63 -13.08
C ASP A 691 12.33 13.11 -12.98
N ASN A 692 11.56 13.97 -12.31
CA ASN A 692 11.95 15.37 -12.21
C ASN A 692 13.21 15.71 -11.38
N ALA A 693 13.57 14.88 -10.41
CA ALA A 693 14.80 14.99 -9.67
C ALA A 693 15.94 14.80 -10.65
N LYS A 694 15.76 13.80 -11.54
CA LYS A 694 16.70 13.53 -12.59
C LYS A 694 16.73 14.73 -13.50
N LYS A 695 15.59 15.18 -13.99
CA LYS A 695 15.54 16.29 -14.94
C LYS A 695 16.24 17.55 -14.39
N TYR A 696 16.18 17.74 -13.07
CA TYR A 696 16.80 18.87 -12.39
C TYR A 696 18.33 18.77 -12.38
N ILE A 697 18.87 17.57 -12.11
CA ILE A 697 20.31 17.33 -12.35
C ILE A 697 20.63 17.55 -13.83
N GLU A 698 19.78 17.09 -14.71
CA GLU A 698 20.09 17.29 -16.12
C GLU A 698 20.16 18.75 -16.61
N ALA A 699 19.29 19.60 -16.09
CA ALA A 699 19.19 20.96 -16.56
C ALA A 699 20.28 21.85 -15.98
N GLY A 700 20.82 21.51 -14.79
CA GLY A 700 21.66 22.38 -14.00
C GLY A 700 21.28 23.87 -14.01
N ALA A 701 20.10 24.23 -13.51
CA ALA A 701 19.61 25.61 -13.62
C ALA A 701 19.80 26.36 -12.32
N SER A 702 20.70 25.91 -11.45
CA SER A 702 20.91 26.67 -10.26
C SER A 702 22.14 26.09 -9.64
N GLU A 703 22.74 26.85 -8.74
CA GLU A 703 23.95 26.34 -8.14
C GLU A 703 23.80 24.91 -7.60
N HIS A 704 22.75 24.64 -6.81
CA HIS A 704 22.51 23.31 -6.19
C HIS A 704 22.38 22.23 -7.28
N ALA A 705 21.56 22.49 -8.32
CA ALA A 705 21.46 21.57 -9.41
C ALA A 705 22.81 21.34 -10.09
N ARG A 706 23.54 22.43 -10.42
CA ARG A 706 24.86 22.32 -11.08
C ARG A 706 25.81 21.46 -10.30
N SER A 707 25.76 21.54 -8.97
CA SER A 707 26.67 20.82 -8.11
C SER A 707 26.36 19.32 -8.04
N LEU A 708 25.19 18.91 -8.56
CA LEU A 708 24.88 17.51 -8.58
C LEU A 708 25.35 16.93 -9.91
N GLY A 709 25.62 17.82 -10.88
CA GLY A 709 26.02 17.39 -12.18
C GLY A 709 27.54 17.27 -12.29
N PRO A 710 28.06 17.31 -13.52
CA PRO A 710 27.23 17.34 -14.72
C PRO A 710 26.65 15.93 -15.08
N LYS A 711 26.00 15.83 -16.23
CA LYS A 711 25.58 14.55 -16.76
C LYS A 711 26.69 13.51 -16.78
N GLY A 712 26.43 12.34 -16.19
CA GLY A 712 27.40 11.25 -16.12
C GLY A 712 28.02 11.20 -14.74
N SER A 713 27.74 12.22 -13.90
CA SER A 713 28.25 12.23 -12.51
C SER A 713 27.62 11.06 -11.71
N ASP A 714 28.19 10.67 -10.56
CA ASP A 714 27.57 9.65 -9.72
C ASP A 714 26.18 10.05 -9.18
N CYS A 715 26.02 11.32 -8.81
CA CYS A 715 24.69 11.89 -8.49
C CYS A 715 23.73 11.67 -9.64
N HIS A 716 24.15 12.02 -10.84
CA HIS A 716 23.24 11.89 -11.95
C HIS A 716 22.82 10.41 -12.17
N LYS A 717 23.76 9.47 -12.03
CA LYS A 717 23.48 8.07 -12.27
C LYS A 717 22.59 7.50 -11.17
N ALA A 718 22.77 8.00 -9.95
CA ALA A 718 21.87 7.65 -8.87
C ALA A 718 20.43 8.17 -9.22
N ALA A 719 20.33 9.35 -9.86
CA ALA A 719 19.04 9.90 -10.17
C ALA A 719 18.40 9.03 -11.20
N VAL A 720 19.17 8.61 -12.20
CA VAL A 720 18.72 7.68 -13.26
C VAL A 720 18.27 6.33 -12.68
N ILE A 721 18.98 5.80 -11.67
CA ILE A 721 18.55 4.59 -11.08
C ILE A 721 17.11 4.81 -10.50
N GLY A 722 16.91 5.87 -9.70
CA GLY A 722 15.58 6.17 -9.14
C GLY A 722 14.53 6.33 -10.27
N ASP A 723 14.85 7.07 -11.31
CA ASP A 723 13.88 7.32 -12.40
C ASP A 723 13.37 6.03 -13.06
N THR A 724 14.28 5.08 -13.33
CA THR A 724 13.96 3.83 -14.02
C THR A 724 13.19 2.86 -13.13
N ILE A 725 13.47 2.87 -11.83
CA ILE A 725 12.62 2.21 -10.90
C ILE A 725 11.21 2.85 -10.88
N GLY A 726 11.13 4.18 -11.01
CA GLY A 726 9.86 4.87 -11.06
C GLY A 726 9.06 4.62 -12.30
N ASP A 727 9.76 4.14 -13.31
CA ASP A 727 9.13 3.98 -14.61
C ASP A 727 7.91 3.00 -14.53
N PRO A 728 8.13 1.71 -14.16
CA PRO A 728 6.93 0.90 -14.07
C PRO A 728 5.90 1.41 -12.97
N LEU A 729 6.42 1.99 -11.89
CA LEU A 729 5.53 2.48 -10.79
C LEU A 729 4.55 3.49 -11.30
N LYS A 730 5.06 4.41 -12.12
CA LYS A 730 4.22 5.50 -12.49
C LYS A 730 3.57 5.27 -13.81
N ASP A 731 4.12 4.38 -14.63
CA ASP A 731 3.56 4.30 -16.00
C ASP A 731 2.91 2.95 -16.30
N THR A 732 3.04 2.00 -15.40
CA THR A 732 2.42 0.70 -15.63
C THR A 732 1.45 0.32 -14.50
N SER A 733 1.92 0.25 -13.26
CA SER A 733 1.08 -0.29 -12.23
C SER A 733 0.25 0.79 -11.59
N GLY A 734 0.90 1.89 -11.23
CA GLY A 734 0.23 3.03 -10.55
C GLY A 734 -1.00 3.56 -11.26
N PRO A 735 -0.84 4.06 -12.46
CA PRO A 735 -1.99 4.56 -13.25
C PRO A 735 -3.06 3.50 -13.54
N SER A 736 -2.72 2.21 -13.57
CA SER A 736 -3.72 1.21 -14.05
C SER A 736 -4.63 0.85 -12.86
N LEU A 737 -4.13 1.14 -11.66
CA LEU A 737 -4.80 0.87 -10.44
C LEU A 737 -6.10 1.65 -10.33
N ASN A 738 -6.19 2.86 -10.86
CA ASN A 738 -7.47 3.55 -10.82
C ASN A 738 -8.44 2.74 -11.65
N ILE A 739 -7.93 2.08 -12.70
CA ILE A 739 -8.82 1.31 -13.56
C ILE A 739 -9.25 0.04 -12.80
N LEU A 740 -8.33 -0.65 -12.10
CA LEU A 740 -8.73 -1.81 -11.31
C LEU A 740 -9.97 -1.45 -10.44
N ILE A 741 -9.90 -0.33 -9.74
CA ILE A 741 -10.90 0.05 -8.80
C ILE A 741 -12.20 0.36 -9.58
N LYS A 742 -12.15 1.33 -10.52
CA LYS A 742 -13.39 1.78 -11.09
C LYS A 742 -14.06 0.68 -11.95
N LEU A 743 -13.25 -0.22 -12.54
CA LEU A 743 -13.78 -1.26 -13.42
C LEU A 743 -14.42 -2.41 -12.60
N MET A 744 -13.78 -2.87 -11.50
CA MET A 744 -14.48 -3.82 -10.65
C MET A 744 -15.80 -3.27 -10.20
N ALA A 745 -15.86 -1.98 -9.88
CA ALA A 745 -17.11 -1.43 -9.42
C ALA A 745 -18.21 -1.46 -10.54
N VAL A 746 -17.91 -1.09 -11.79
CA VAL A 746 -19.05 -0.96 -12.73
C VAL A 746 -19.42 -2.40 -13.15
N GLU A 747 -18.43 -3.26 -13.31
CA GLU A 747 -18.64 -4.66 -13.56
C GLU A 747 -19.57 -5.35 -12.53
N SER A 748 -19.34 -5.14 -11.24
CA SER A 748 -20.20 -5.69 -10.21
C SER A 748 -21.63 -5.16 -10.37
N LEU A 749 -21.77 -3.87 -10.66
CA LEU A 749 -23.08 -3.34 -10.82
C LEU A 749 -23.77 -4.04 -12.02
N VAL A 750 -23.08 -4.16 -13.17
CA VAL A 750 -23.75 -4.68 -14.38
C VAL A 750 -24.24 -6.12 -14.14
N PHE A 751 -23.37 -6.92 -13.49
CA PHE A 751 -23.69 -8.28 -13.11
C PHE A 751 -24.52 -8.50 -11.78
N ALA A 752 -24.78 -7.44 -11.02
CA ALA A 752 -25.54 -7.54 -9.79
C ALA A 752 -26.77 -8.45 -9.81
N PRO A 753 -27.69 -8.28 -10.80
CA PRO A 753 -28.90 -9.14 -10.83
C PRO A 753 -28.54 -10.61 -11.01
N PHE A 754 -27.44 -10.87 -11.69
CA PHE A 754 -27.02 -12.23 -11.92
C PHE A 754 -26.42 -12.85 -10.61
N PHE A 755 -25.52 -12.11 -9.94
CA PHE A 755 -24.96 -12.54 -8.66
C PHE A 755 -26.02 -12.68 -7.61
N ALA A 756 -26.98 -11.78 -7.62
CA ALA A 756 -27.99 -11.81 -6.59
C ALA A 756 -28.89 -13.04 -6.76
N THR A 757 -29.05 -13.53 -7.98
CA THR A 757 -29.96 -14.66 -8.19
C THR A 757 -29.22 -15.97 -8.23
N HIS A 758 -28.09 -16.02 -8.95
CA HIS A 758 -27.42 -17.30 -9.13
C HIS A 758 -26.10 -17.41 -8.40
N GLY A 759 -25.72 -16.41 -7.60
CA GLY A 759 -24.38 -16.46 -7.00
C GLY A 759 -24.45 -16.94 -5.58
N GLY A 760 -23.33 -16.80 -4.86
CA GLY A 760 -23.22 -17.29 -3.50
C GLY A 760 -23.28 -18.81 -3.50
N LEU A 761 -22.83 -19.42 -4.58
CA LEU A 761 -22.88 -20.86 -4.65
C LEU A 761 -22.36 -21.57 -3.41
N LEU A 762 -21.16 -21.24 -2.95
CA LEU A 762 -20.55 -21.97 -1.82
C LEU A 762 -21.41 -21.88 -0.57
N PHE A 763 -22.22 -20.85 -0.46
CA PHE A 763 -23.05 -20.78 0.72
C PHE A 763 -24.38 -21.52 0.54
N LYS A 764 -24.73 -21.79 -0.72
CA LYS A 764 -25.96 -22.51 -1.08
C LYS A 764 -25.73 -24.02 -0.97
N ILE A 765 -24.56 -24.48 -1.39
CA ILE A 765 -24.32 -25.87 -1.35
C ILE A 765 -24.00 -26.36 0.07
N PHE A 766 -23.55 -25.46 0.95
CA PHE A 766 -23.38 -25.81 2.38
C PHE A 766 -24.32 -24.96 3.25
N GLY B 2 -22.23 -27.25 31.88
CA GLY B 2 -22.34 -26.26 33.02
C GLY B 2 -21.03 -25.54 33.39
N ALA B 3 -20.13 -26.28 34.09
CA ALA B 3 -18.68 -25.95 34.35
C ALA B 3 -17.76 -27.12 33.86
N ALA B 4 -16.45 -27.00 34.06
CA ALA B 4 -15.45 -27.86 33.36
C ALA B 4 -14.70 -28.95 34.18
N ILE B 5 -14.03 -29.85 33.47
CA ILE B 5 -13.27 -30.93 34.12
C ILE B 5 -12.17 -30.41 35.04
N LEU B 6 -11.46 -29.35 34.62
CA LEU B 6 -10.40 -28.75 35.45
C LEU B 6 -10.96 -27.73 36.43
N PRO B 7 -10.88 -27.99 37.75
CA PRO B 7 -11.47 -27.01 38.72
C PRO B 7 -10.74 -25.66 38.81
N ASP B 8 -11.46 -24.62 39.22
CA ASP B 8 -10.89 -23.29 39.40
C ASP B 8 -9.52 -23.28 40.09
N LEU B 9 -9.36 -24.11 41.13
CA LEU B 9 -8.12 -24.17 41.89
C LEU B 9 -6.99 -24.74 41.03
N GLY B 10 -7.28 -25.83 40.30
CA GLY B 10 -6.28 -26.44 39.38
C GLY B 10 -5.72 -25.37 38.42
N THR B 11 -6.60 -24.50 37.93
CA THR B 11 -6.24 -23.41 37.05
C THR B 11 -5.40 -22.34 37.74
N GLU B 12 -5.84 -21.97 38.93
CA GLU B 12 -5.11 -21.02 39.74
C GLU B 12 -3.67 -21.49 40.02
N ILE B 13 -3.42 -22.80 39.95
CA ILE B 13 -2.11 -23.36 40.23
C ILE B 13 -1.30 -23.54 38.95
N LEU B 14 -1.92 -24.23 38.00
CA LEU B 14 -1.33 -24.53 36.73
C LEU B 14 -0.73 -23.31 36.03
N ILE B 15 -1.41 -22.18 36.02
CA ILE B 15 -0.87 -21.02 35.28
C ILE B 15 0.48 -20.53 35.84
N PRO B 16 0.56 -20.19 37.14
CA PRO B 16 1.87 -19.67 37.59
C PRO B 16 2.93 -20.79 37.62
N VAL B 17 2.53 -22.06 37.73
CA VAL B 17 3.54 -23.11 37.72
C VAL B 17 4.26 -23.08 36.35
N CYS B 18 3.43 -23.07 35.28
CA CYS B 18 3.89 -23.06 33.89
C CYS B 18 4.75 -21.84 33.60
N ALA B 19 4.34 -20.69 34.15
CA ALA B 19 5.14 -19.52 34.04
C ALA B 19 6.55 -19.82 34.64
N VAL B 20 6.59 -20.35 35.88
CA VAL B 20 7.88 -20.57 36.54
C VAL B 20 8.66 -21.65 35.81
N ILE B 21 8.00 -22.70 35.32
CA ILE B 21 8.70 -23.66 34.49
C ILE B 21 9.45 -22.89 33.35
N GLY B 22 8.74 -22.00 32.63
CA GLY B 22 9.36 -21.21 31.58
C GLY B 22 10.50 -20.33 31.99
N ILE B 23 10.32 -19.61 33.08
CA ILE B 23 11.40 -18.79 33.60
C ILE B 23 12.62 -19.68 34.02
N ALA B 24 12.33 -20.84 34.59
CA ALA B 24 13.39 -21.74 35.10
C ALA B 24 14.18 -22.16 33.89
N PHE B 25 13.46 -22.65 32.88
CA PHE B 25 14.07 -23.13 31.64
C PHE B 25 14.84 -22.03 30.91
N ALA B 26 14.37 -20.80 30.99
CA ALA B 26 15.19 -19.73 30.46
C ALA B 26 16.50 -19.58 31.24
N LEU B 27 16.41 -19.59 32.57
CA LEU B 27 17.57 -19.44 33.42
C LEU B 27 18.62 -20.57 33.18
N PHE B 28 18.14 -21.80 33.08
CA PHE B 28 18.94 -22.94 32.72
C PHE B 28 19.70 -22.76 31.38
N GLN B 29 18.99 -22.29 30.34
CA GLN B 29 19.59 -22.00 29.04
C GLN B 29 20.61 -20.90 29.12
N TRP B 30 20.35 -19.84 29.90
CA TRP B 30 21.38 -18.84 30.14
C TRP B 30 22.65 -19.49 30.81
N LEU B 31 22.41 -20.48 31.68
CA LEU B 31 23.47 -21.06 32.45
C LEU B 31 24.40 -21.87 31.57
N LEU B 32 23.79 -22.70 30.72
CA LEU B 32 24.48 -23.37 29.66
C LEU B 32 25.31 -22.40 28.82
N VAL B 33 24.77 -21.22 28.55
CA VAL B 33 25.43 -20.29 27.65
C VAL B 33 26.61 -19.61 28.36
N SER B 34 26.46 -19.35 29.66
CA SER B 34 27.59 -18.82 30.50
C SER B 34 28.85 -19.76 30.49
N LYS B 35 28.68 -21.05 30.20
CA LYS B 35 29.81 -21.95 29.96
C LYS B 35 30.83 -21.47 28.91
N VAL B 36 30.41 -20.74 27.87
CA VAL B 36 31.43 -20.17 26.99
C VAL B 36 31.98 -18.91 27.62
N LYS B 37 33.31 -18.89 27.76
CA LYS B 37 34.02 -17.94 28.63
C LYS B 37 34.75 -16.87 27.84
N LEU B 38 34.69 -15.64 28.35
CA LEU B 38 35.47 -14.53 27.85
C LEU B 38 35.46 -13.38 28.85
N SER B 39 36.55 -12.58 28.85
CA SER B 39 36.55 -11.21 29.44
C SER B 39 37.73 -10.41 28.86
N ALA B 40 37.75 -9.10 29.17
CA ALA B 40 38.65 -8.10 28.54
C ALA B 40 39.92 -7.69 29.33
N VAL B 41 40.13 -8.32 30.50
CA VAL B 41 41.13 -7.90 31.53
C VAL B 41 42.58 -7.67 31.03
N ASP B 67 43.03 -19.53 20.67
CA ASP B 67 43.83 -18.32 20.92
C ASP B 67 43.49 -17.71 22.29
N HIS B 68 43.77 -16.42 22.44
CA HIS B 68 43.61 -15.70 23.71
C HIS B 68 43.53 -14.19 23.47
N ASN B 69 44.39 -13.66 22.57
CA ASN B 69 44.29 -12.28 22.10
C ASN B 69 42.92 -12.09 21.44
N VAL B 70 42.49 -13.12 20.71
CA VAL B 70 41.22 -13.12 20.04
C VAL B 70 40.06 -13.01 21.05
N VAL B 71 40.07 -13.87 22.07
CA VAL B 71 39.07 -13.84 23.13
C VAL B 71 38.98 -12.43 23.72
N VAL B 72 40.13 -11.85 24.04
CA VAL B 72 40.18 -10.49 24.59
C VAL B 72 39.56 -9.46 23.65
N LYS B 73 39.80 -9.61 22.35
CA LYS B 73 39.25 -8.70 21.34
C LYS B 73 37.69 -8.81 21.25
N CYS B 74 37.18 -10.05 21.24
CA CYS B 74 35.75 -10.33 21.26
C CYS B 74 35.11 -9.65 22.45
N ALA B 75 35.66 -9.92 23.64
CA ALA B 75 35.17 -9.29 24.84
C ALA B 75 35.26 -7.78 24.82
N GLU B 76 36.27 -7.22 24.19
CA GLU B 76 36.35 -5.78 24.24
C GLU B 76 35.27 -5.20 23.34
N ILE B 77 35.00 -5.95 22.24
CA ILE B 77 34.00 -5.56 21.26
C ILE B 77 32.60 -5.80 21.87
N GLN B 78 32.41 -6.92 22.55
CA GLN B 78 31.15 -7.13 23.21
C GLN B 78 30.88 -5.94 24.13
N ASN B 79 31.90 -5.41 24.83
CA ASN B 79 31.59 -4.41 25.83
C ASN B 79 31.21 -3.13 25.16
N ALA B 80 31.91 -2.79 24.10
CA ALA B 80 31.59 -1.55 23.41
C ALA B 80 30.09 -1.51 22.96
N ILE B 81 29.60 -2.68 22.49
CA ILE B 81 28.28 -2.88 21.96
C ILE B 81 27.26 -2.87 23.09
N SER B 82 27.55 -3.69 24.09
CA SER B 82 26.84 -3.77 25.35
C SER B 82 26.61 -2.42 26.01
N GLU B 83 27.64 -1.58 26.05
CA GLU B 83 27.49 -0.25 26.59
C GLU B 83 26.63 0.61 25.71
N GLY B 84 26.74 0.45 24.40
CA GLY B 84 26.02 1.32 23.50
C GLY B 84 24.52 1.03 23.56
N ALA B 85 24.20 -0.25 23.68
CA ALA B 85 22.81 -0.68 23.64
C ALA B 85 22.09 -0.25 24.92
N THR B 86 22.72 -0.56 26.06
CA THR B 86 22.34 -0.08 27.39
C THR B 86 22.17 1.43 27.46
N SER B 87 23.13 2.12 26.94
CA SER B 87 23.03 3.52 27.00
C SER B 87 21.87 4.11 26.19
N PHE B 88 21.61 3.60 24.96
CA PHE B 88 20.49 4.13 24.14
C PHE B 88 19.13 3.69 24.75
N LEU B 89 19.04 2.45 25.21
CA LEU B 89 17.78 2.02 25.83
C LEU B 89 17.49 2.92 27.02
N PHE B 90 18.47 3.13 27.91
CA PHE B 90 18.23 4.08 29.04
C PHE B 90 17.69 5.43 28.53
N THR B 91 18.28 5.99 27.50
CA THR B 91 17.81 7.30 27.03
C THR B 91 16.39 7.20 26.41
N GLU B 92 16.16 6.14 25.64
CA GLU B 92 14.89 5.97 24.96
C GLU B 92 13.78 5.69 26.01
N TYR B 93 14.02 4.73 26.89
CA TYR B 93 13.12 4.42 28.01
C TYR B 93 12.83 5.61 28.91
N LYS B 94 13.76 6.53 29.05
CA LYS B 94 13.43 7.73 29.80
C LYS B 94 12.33 8.58 29.08
N TYR B 95 12.49 8.87 27.79
CA TYR B 95 11.43 9.62 27.07
C TYR B 95 10.07 8.88 27.04
N VAL B 96 10.11 7.58 26.82
CA VAL B 96 8.93 6.75 26.71
C VAL B 96 8.17 6.60 28.03
N GLY B 97 8.93 6.52 29.13
CA GLY B 97 8.36 6.41 30.48
C GLY B 97 7.68 7.71 30.87
N ILE B 98 8.27 8.82 30.48
CA ILE B 98 7.64 10.09 30.74
C ILE B 98 6.35 10.16 29.89
N PHE B 99 6.45 9.86 28.60
CA PHE B 99 5.21 9.91 27.81
C PHE B 99 4.17 8.92 28.39
N MET B 100 4.63 7.82 28.93
CA MET B 100 3.73 6.84 29.47
C MET B 100 2.94 7.42 30.66
N VAL B 101 3.67 8.16 31.52
CA VAL B 101 3.08 8.78 32.70
C VAL B 101 2.03 9.81 32.24
N ALA B 102 2.39 10.69 31.33
CA ALA B 102 1.44 11.66 30.77
C ALA B 102 0.17 10.94 30.25
N PHE B 103 0.36 9.86 29.48
CA PHE B 103 -0.75 9.20 28.83
C PHE B 103 -1.64 8.51 29.86
N ALA B 104 -1.03 7.96 30.91
CA ALA B 104 -1.78 7.37 32.02
C ALA B 104 -2.71 8.38 32.68
N ILE B 105 -2.28 9.63 32.69
CA ILE B 105 -3.11 10.66 33.24
C ILE B 105 -4.33 10.90 32.31
N LEU B 106 -4.11 10.91 31.00
CA LEU B 106 -5.24 11.08 30.08
C LEU B 106 -6.25 9.92 30.21
N ILE B 107 -5.76 8.71 30.41
CA ILE B 107 -6.65 7.56 30.61
C ILE B 107 -7.61 7.78 31.82
N PHE B 108 -7.00 8.06 32.99
CA PHE B 108 -7.69 8.35 34.22
C PHE B 108 -8.73 9.42 34.03
N LEU B 109 -8.32 10.55 33.46
CA LEU B 109 -9.18 11.71 33.32
C LEU B 109 -10.33 11.41 32.38
N PHE B 110 -10.00 10.92 31.16
CA PHE B 110 -11.02 10.61 30.16
C PHE B 110 -11.96 9.50 30.61
N LEU B 111 -11.47 8.44 31.22
CA LEU B 111 -12.39 7.40 31.60
C LEU B 111 -13.18 7.81 32.87
N GLY B 112 -12.54 8.66 33.66
CA GLY B 112 -13.09 9.06 34.92
C GLY B 112 -14.19 10.02 34.67
N SER B 113 -14.18 10.74 33.53
CA SER B 113 -15.21 11.74 33.22
C SER B 113 -16.55 11.19 32.67
N VAL B 114 -16.65 9.89 32.43
CA VAL B 114 -17.82 9.30 31.79
C VAL B 114 -19.05 9.47 32.73
N GLU B 115 -18.93 9.14 34.02
CA GLU B 115 -19.99 9.35 35.01
C GLU B 115 -19.64 10.50 35.96
N GLY B 116 -19.06 11.58 35.43
CA GLY B 116 -18.61 12.74 36.19
C GLY B 116 -17.79 12.40 37.42
N PHE B 117 -16.90 11.43 37.33
CA PHE B 117 -16.07 11.08 38.50
C PHE B 117 -16.90 10.72 39.70
N SER B 118 -18.13 10.28 39.55
CA SER B 118 -18.93 9.87 40.70
C SER B 118 -18.22 8.76 41.40
N THR B 119 -18.56 8.52 42.67
CA THR B 119 -18.00 7.39 43.42
C THR B 119 -19.03 6.31 43.63
N SER B 120 -20.24 6.56 43.12
CA SER B 120 -21.33 5.58 43.26
C SER B 120 -21.23 4.44 42.25
N PRO B 121 -21.65 3.22 42.66
CA PRO B 121 -21.92 2.23 41.63
C PRO B 121 -22.95 2.73 40.58
N GLN B 122 -23.10 1.99 39.48
CA GLN B 122 -24.11 2.26 38.46
C GLN B 122 -24.50 0.95 37.81
N ALA B 123 -25.54 1.01 37.00
CA ALA B 123 -25.99 -0.16 36.24
C ALA B 123 -24.80 -0.74 35.40
N CYS B 124 -24.69 -2.06 35.31
CA CYS B 124 -23.73 -2.69 34.42
C CYS B 124 -24.00 -2.37 32.94
N SER B 125 -22.93 -1.90 32.28
CA SER B 125 -22.87 -1.64 30.85
C SER B 125 -23.38 -2.82 30.05
N TYR B 126 -23.16 -4.00 30.57
CA TYR B 126 -23.53 -5.22 29.90
C TYR B 126 -24.83 -5.83 30.40
N ASP B 127 -25.41 -5.26 31.45
CA ASP B 127 -26.71 -5.77 31.93
C ASP B 127 -27.32 -4.79 32.91
N LYS B 128 -28.30 -4.04 32.43
CA LYS B 128 -28.78 -2.89 33.19
C LYS B 128 -29.60 -3.27 34.46
N THR B 129 -29.90 -4.56 34.60
CA THR B 129 -30.62 -5.10 35.73
C THR B 129 -29.69 -5.31 36.92
N LYS B 130 -28.36 -5.30 36.68
CA LYS B 130 -27.39 -5.51 37.75
C LYS B 130 -26.68 -4.25 38.09
N THR B 131 -26.01 -4.27 39.24
CA THR B 131 -25.22 -3.15 39.71
C THR B 131 -23.73 -3.46 39.57
N CYS B 132 -22.95 -2.49 39.17
CA CYS B 132 -21.54 -2.76 38.82
C CYS B 132 -20.70 -1.72 39.55
N LYS B 133 -19.38 -1.97 39.60
CA LYS B 133 -18.48 -1.02 40.28
C LYS B 133 -18.47 0.28 39.58
N PRO B 134 -18.12 1.33 40.30
CA PRO B 134 -18.18 2.61 39.58
C PRO B 134 -17.14 2.69 38.44
N ALA B 135 -17.56 3.37 37.38
CA ALA B 135 -16.75 3.72 36.27
C ALA B 135 -15.40 4.36 36.68
N LEU B 136 -15.46 5.33 37.58
CA LEU B 136 -14.30 5.99 38.17
C LEU B 136 -13.30 4.97 38.65
N ALA B 137 -13.77 3.89 39.27
CA ALA B 137 -12.84 2.85 39.72
C ALA B 137 -12.13 2.14 38.54
N THR B 138 -12.94 1.85 37.49
CA THR B 138 -12.44 1.21 36.31
C THR B 138 -11.50 2.19 35.59
N ALA B 139 -11.73 3.49 35.73
CA ALA B 139 -10.79 4.50 35.25
C ALA B 139 -9.41 4.35 35.92
N ILE B 140 -9.42 4.12 37.25
CA ILE B 140 -8.21 3.83 38.05
C ILE B 140 -7.56 2.48 37.75
N PHE B 141 -8.27 1.36 37.83
CA PHE B 141 -7.63 0.10 37.49
C PHE B 141 -7.13 0.02 36.00
N SER B 142 -7.74 0.81 35.09
CA SER B 142 -7.31 0.87 33.68
C SER B 142 -5.98 1.55 33.59
N THR B 143 -5.88 2.69 34.28
CA THR B 143 -4.63 3.40 34.49
C THR B 143 -3.57 2.45 35.07
N VAL B 144 -3.96 1.61 36.03
CA VAL B 144 -2.99 0.74 36.66
C VAL B 144 -2.49 -0.34 35.65
N SER B 145 -3.40 -0.93 34.85
CA SER B 145 -3.06 -2.12 34.05
C SER B 145 -2.22 -1.61 32.88
N PHE B 146 -2.56 -0.40 32.44
CA PHE B 146 -1.81 0.36 31.46
C PHE B 146 -0.29 0.53 31.79
N LEU B 147 0.00 1.18 32.93
CA LEU B 147 1.35 1.24 33.57
C LEU B 147 1.96 -0.15 33.80
N LEU B 148 1.20 -1.13 34.26
CA LEU B 148 1.79 -2.49 34.34
C LEU B 148 2.33 -2.97 32.95
N GLY B 149 1.49 -2.77 31.90
CA GLY B 149 1.80 -3.24 30.54
C GLY B 149 2.96 -2.47 29.93
N GLY B 150 3.02 -1.17 30.19
CA GLY B 150 4.16 -0.31 29.78
C GLY B 150 5.44 -0.79 30.47
N VAL B 151 5.43 -0.88 31.80
CA VAL B 151 6.58 -1.49 32.47
C VAL B 151 6.97 -2.89 31.97
N THR B 152 6.02 -3.82 31.85
CA THR B 152 6.34 -5.20 31.37
C THR B 152 6.86 -5.19 29.93
N SER B 153 6.48 -4.15 29.16
CA SER B 153 6.95 -4.04 27.80
C SER B 153 8.43 -3.57 27.71
N LEU B 154 8.76 -2.47 28.40
CA LEU B 154 10.16 -2.06 28.57
C LEU B 154 11.02 -3.15 29.19
N VAL B 155 10.51 -3.88 30.16
CA VAL B 155 11.31 -4.99 30.72
C VAL B 155 11.55 -6.13 29.70
N SER B 156 10.56 -6.33 28.82
CA SER B 156 10.63 -7.34 27.75
C SER B 156 11.75 -7.00 26.78
N GLY B 157 11.75 -5.76 26.32
CA GLY B 157 12.76 -5.29 25.41
C GLY B 157 14.13 -5.35 26.05
N PHE B 158 14.25 -4.76 27.25
CA PHE B 158 15.49 -4.75 28.06
C PHE B 158 16.10 -6.13 28.37
N LEU B 159 15.30 -7.07 28.88
CA LEU B 159 15.81 -8.40 29.07
C LEU B 159 16.33 -8.99 27.76
N GLY B 160 15.59 -8.76 26.67
CA GLY B 160 15.96 -9.30 25.40
C GLY B 160 17.32 -8.73 25.03
N MET B 161 17.52 -7.44 25.28
CA MET B 161 18.73 -6.79 24.89
C MET B 161 19.91 -7.30 25.72
N LYS B 162 19.69 -7.56 27.01
CA LYS B 162 20.71 -8.11 27.91
C LYS B 162 21.19 -9.46 27.45
N ILE B 163 20.28 -10.41 27.21
CA ILE B 163 20.71 -11.71 26.73
C ILE B 163 21.41 -11.66 25.34
N ALA B 164 20.90 -10.84 24.39
CA ALA B 164 21.52 -10.69 23.08
C ALA B 164 22.98 -10.12 23.11
N THR B 165 23.15 -8.99 23.81
CA THR B 165 24.44 -8.37 24.01
C THR B 165 25.35 -9.24 24.97
N TYR B 166 24.87 -10.39 25.44
CA TYR B 166 25.68 -11.28 26.27
C TYR B 166 26.00 -12.49 25.42
N ALA B 167 25.03 -12.89 24.58
CA ALA B 167 25.25 -14.06 23.78
C ALA B 167 26.08 -13.83 22.52
N ASN B 168 26.22 -12.59 22.06
CA ASN B 168 26.71 -12.34 20.70
C ASN B 168 28.17 -12.84 20.53
N ALA B 169 29.08 -12.32 21.35
CA ALA B 169 30.50 -12.79 21.40
C ALA B 169 30.67 -14.29 21.70
N ARG B 170 29.71 -14.86 22.43
CA ARG B 170 29.79 -16.27 22.78
C ARG B 170 29.51 -17.13 21.58
N THR B 171 28.71 -16.61 20.66
CA THR B 171 28.37 -17.43 19.54
C THR B 171 29.49 -17.22 18.52
N THR B 172 30.08 -16.03 18.47
CA THR B 172 31.30 -15.82 17.72
C THR B 172 32.41 -16.80 18.06
N LEU B 173 32.71 -16.97 19.36
CA LEU B 173 33.74 -17.91 19.86
C LEU B 173 33.39 -19.33 19.52
N GLU B 174 32.13 -19.70 19.76
CA GLU B 174 31.70 -21.05 19.42
C GLU B 174 31.81 -21.34 17.93
N ALA B 175 31.95 -20.30 17.13
CA ALA B 175 32.00 -20.48 15.68
C ALA B 175 33.36 -21.11 15.27
N ARG B 176 34.37 -20.87 16.10
CA ARG B 176 35.68 -21.50 15.97
C ARG B 176 35.55 -23.03 15.90
N LYS B 177 34.57 -23.61 16.60
CA LYS B 177 34.34 -25.07 16.59
C LYS B 177 33.36 -25.65 15.53
N GLY B 178 32.86 -24.84 14.59
CA GLY B 178 31.87 -25.33 13.60
C GLY B 178 30.54 -24.58 13.64
N VAL B 179 29.76 -24.64 12.55
CA VAL B 179 28.50 -23.91 12.49
C VAL B 179 27.58 -24.41 13.57
N GLY B 180 27.48 -25.75 13.69
CA GLY B 180 26.60 -26.38 14.62
C GLY B 180 26.73 -25.84 16.03
N LYS B 181 27.97 -25.64 16.51
CA LYS B 181 28.13 -25.21 17.90
C LYS B 181 27.72 -23.74 18.03
N ALA B 182 28.04 -22.92 17.03
CA ALA B 182 27.57 -21.55 17.05
C ALA B 182 26.01 -21.46 16.95
N PHE B 183 25.40 -22.19 16.03
CA PHE B 183 23.97 -22.29 15.99
C PHE B 183 23.36 -22.54 17.37
N ILE B 184 23.79 -23.63 17.99
CA ILE B 184 23.31 -24.01 19.31
C ILE B 184 23.38 -22.85 20.31
N THR B 185 24.46 -22.10 20.35
CA THR B 185 24.48 -21.08 21.41
C THR B 185 23.60 -19.86 21.10
N ALA B 186 23.38 -19.64 19.80
CA ALA B 186 22.54 -18.54 19.31
C ALA B 186 21.07 -18.97 19.61
N PHE B 187 20.78 -20.22 19.31
CA PHE B 187 19.44 -20.68 19.53
C PHE B 187 19.04 -20.75 21.04
N ARG B 188 19.90 -21.33 21.92
CA ARG B 188 19.64 -21.35 23.37
C ARG B 188 19.40 -19.92 23.78
N SER B 189 20.25 -18.98 23.38
CA SER B 189 20.07 -17.61 23.81
C SER B 189 18.75 -16.95 23.34
N GLY B 190 18.27 -17.31 22.15
CA GLY B 190 16.99 -16.85 21.71
C GLY B 190 15.89 -17.40 22.61
N ALA B 191 16.03 -18.68 22.93
CA ALA B 191 15.11 -19.36 23.85
C ALA B 191 15.13 -18.66 25.21
N VAL B 192 16.28 -18.21 25.70
CA VAL B 192 16.26 -17.39 26.91
C VAL B 192 15.30 -16.21 26.74
N MET B 193 15.45 -15.45 25.64
CA MET B 193 14.56 -14.31 25.40
C MET B 193 13.10 -14.75 25.26
N GLY B 194 12.87 -15.82 24.53
CA GLY B 194 11.49 -16.26 24.27
C GLY B 194 10.73 -16.74 25.50
N PHE B 195 11.42 -17.54 26.31
CA PHE B 195 10.80 -18.06 27.51
C PHE B 195 10.61 -16.99 28.55
N LEU B 196 11.59 -16.13 28.79
CA LEU B 196 11.41 -15.02 29.74
C LEU B 196 10.25 -14.07 29.39
N LEU B 197 10.09 -13.70 28.10
CA LEU B 197 8.98 -12.81 27.73
C LEU B 197 7.64 -13.51 27.76
N ALA B 198 7.56 -14.74 27.24
CA ALA B 198 6.30 -15.48 27.27
C ALA B 198 5.86 -15.72 28.73
N ALA B 199 6.78 -16.25 29.57
CA ALA B 199 6.48 -16.59 30.97
C ALA B 199 6.18 -15.35 31.78
N ASN B 200 6.99 -14.34 31.58
CA ASN B 200 6.75 -13.10 32.23
C ASN B 200 5.44 -12.39 31.92
N GLY B 201 5.09 -12.26 30.63
CA GLY B 201 3.89 -11.53 30.22
C GLY B 201 2.70 -12.31 30.73
N LEU B 202 2.84 -13.63 30.75
CA LEU B 202 1.80 -14.44 31.33
C LEU B 202 1.68 -14.28 32.90
N LEU B 203 2.79 -14.23 33.62
CA LEU B 203 2.75 -14.25 35.07
C LEU B 203 2.18 -12.94 35.63
N VAL B 204 2.64 -11.84 35.05
CA VAL B 204 2.16 -10.50 35.35
C VAL B 204 0.66 -10.34 35.07
N LEU B 205 0.17 -10.93 33.97
CA LEU B 205 -1.26 -10.81 33.66
C LEU B 205 -2.06 -11.55 34.75
N TYR B 206 -1.66 -12.79 35.00
CA TYR B 206 -2.29 -13.66 36.01
C TYR B 206 -2.36 -12.97 37.38
N ILE B 207 -1.26 -12.32 37.73
CA ILE B 207 -1.20 -11.65 39.01
C ILE B 207 -2.16 -10.47 39.00
N ALA B 208 -2.09 -9.67 37.95
CA ALA B 208 -2.97 -8.52 37.82
C ALA B 208 -4.45 -8.95 37.83
N ILE B 209 -4.79 -10.03 37.15
CA ILE B 209 -6.17 -10.49 37.22
C ILE B 209 -6.60 -10.80 38.67
N ASN B 210 -5.81 -11.62 39.37
CA ASN B 210 -6.03 -11.97 40.75
C ASN B 210 -6.03 -10.74 41.64
N LEU B 211 -5.18 -9.77 41.40
CA LEU B 211 -5.22 -8.58 42.27
C LEU B 211 -6.51 -7.85 42.03
N PHE B 212 -6.79 -7.56 40.76
CA PHE B 212 -8.01 -6.84 40.39
C PHE B 212 -9.27 -7.49 40.91
N LYS B 213 -9.27 -8.80 40.99
CA LYS B 213 -10.50 -9.53 41.35
C LYS B 213 -10.95 -9.30 42.80
N ILE B 214 -9.95 -9.08 43.68
CA ILE B 214 -10.16 -8.60 45.04
C ILE B 214 -11.10 -7.39 45.07
N TYR B 215 -10.82 -6.36 44.28
CA TYR B 215 -11.73 -5.22 44.26
C TYR B 215 -13.06 -5.55 43.58
N TYR B 216 -13.02 -6.24 42.43
CA TYR B 216 -14.18 -6.39 41.52
C TYR B 216 -15.32 -7.31 41.97
N GLY B 217 -15.00 -8.38 42.69
CA GLY B 217 -16.02 -9.26 43.24
C GLY B 217 -16.66 -10.08 42.16
N ASP B 218 -17.99 -9.99 42.08
CA ASP B 218 -18.77 -10.65 41.05
C ASP B 218 -18.83 -9.86 39.70
N ASP B 219 -18.43 -8.58 39.72
CA ASP B 219 -18.36 -7.78 38.52
C ASP B 219 -17.15 -8.20 37.57
N TRP B 220 -17.21 -9.36 36.91
CA TRP B 220 -16.13 -9.74 36.01
C TRP B 220 -15.99 -8.83 34.76
N GLY B 221 -17.12 -8.30 34.30
CA GLY B 221 -17.17 -7.29 33.24
C GLY B 221 -16.21 -6.14 33.49
N GLY B 222 -16.40 -5.47 34.63
CA GLY B 222 -15.57 -4.33 35.04
C GLY B 222 -14.14 -4.82 35.23
N LEU B 223 -13.97 -6.01 35.82
CA LEU B 223 -12.64 -6.57 36.01
C LEU B 223 -11.80 -6.70 34.70
N PHE B 224 -12.38 -7.31 33.65
CA PHE B 224 -11.56 -7.56 32.44
C PHE B 224 -11.53 -6.38 31.51
N GLU B 225 -12.50 -5.49 31.68
CA GLU B 225 -12.51 -4.17 31.05
C GLU B 225 -11.32 -3.37 31.52
N ALA B 226 -11.09 -3.41 32.84
CA ALA B 226 -9.95 -2.74 33.47
C ALA B 226 -8.62 -3.39 33.01
N ILE B 227 -8.61 -4.69 32.94
CA ILE B 227 -7.43 -5.41 32.53
C ILE B 227 -6.96 -5.08 31.09
N THR B 228 -7.88 -4.62 30.26
CA THR B 228 -7.61 -4.25 28.87
C THR B 228 -6.44 -3.26 28.71
N GLY B 229 -6.25 -2.41 29.73
CA GLY B 229 -5.20 -1.37 29.69
C GLY B 229 -3.82 -2.04 29.61
N TYR B 230 -3.75 -3.27 30.01
CA TYR B 230 -2.48 -3.97 29.93
C TYR B 230 -1.92 -4.10 28.46
N GLY B 231 -2.78 -4.58 27.55
CA GLY B 231 -2.47 -4.59 26.14
C GLY B 231 -2.12 -3.22 25.62
N LEU B 232 -2.92 -2.20 26.01
CA LEU B 232 -2.70 -0.84 25.58
C LEU B 232 -1.35 -0.33 26.08
N GLY B 233 -0.99 -0.69 27.34
CA GLY B 233 0.34 -0.38 27.87
C GLY B 233 1.46 -1.09 27.12
N GLY B 234 1.28 -2.36 26.81
CA GLY B 234 2.31 -3.07 26.07
C GLY B 234 2.65 -2.47 24.70
N SER B 235 1.60 -2.17 23.93
CA SER B 235 1.84 -1.80 22.57
C SER B 235 2.21 -0.32 22.46
N SER B 236 1.74 0.50 23.42
CA SER B 236 2.02 1.94 23.42
C SER B 236 3.52 2.12 23.52
N MET B 237 4.11 1.46 24.53
CA MET B 237 5.55 1.44 24.68
C MET B 237 6.28 0.74 23.52
N ALA B 238 5.74 -0.38 23.03
CA ALA B 238 6.32 -1.09 21.90
C ALA B 238 6.40 -0.16 20.71
N LEU B 239 5.39 0.71 20.51
CA LEU B 239 5.42 1.58 19.36
C LEU B 239 6.71 2.37 19.30
N PHE B 240 7.04 3.10 20.38
CA PHE B 240 8.26 3.90 20.44
C PHE B 240 9.54 3.04 20.38
N GLY B 241 9.56 1.90 21.08
CA GLY B 241 10.68 0.95 21.04
C GLY B 241 11.05 0.52 19.62
N ARG B 242 10.01 0.15 18.81
CA ARG B 242 10.18 -0.28 17.44
C ARG B 242 10.59 0.85 16.55
N VAL B 243 9.93 1.98 16.68
CA VAL B 243 10.32 3.14 15.85
C VAL B 243 11.66 3.75 16.23
N GLY B 244 11.84 4.11 17.52
CA GLY B 244 13.12 4.56 18.01
C GLY B 244 14.28 3.60 17.69
N GLY B 245 14.15 2.34 18.09
CA GLY B 245 15.21 1.37 17.81
C GLY B 245 15.42 1.30 16.30
N GLY B 246 14.31 1.19 15.55
CA GLY B 246 14.34 1.02 14.13
C GLY B 246 15.07 2.14 13.45
N ILE B 247 14.86 3.39 13.90
CA ILE B 247 15.56 4.48 13.27
C ILE B 247 17.07 4.44 13.69
N TYR B 248 17.35 4.22 14.98
CA TYR B 248 18.75 4.12 15.42
C TYR B 248 19.50 3.09 14.53
N THR B 249 18.99 1.86 14.48
CA THR B 249 19.76 0.82 13.82
C THR B 249 19.90 1.05 12.30
N LYS B 250 18.84 1.49 11.63
CA LYS B 250 18.95 1.58 10.23
C LYS B 250 19.73 2.79 9.74
N ALA B 251 19.75 3.87 10.49
CA ALA B 251 20.60 5.00 10.08
C ALA B 251 22.09 4.55 9.93
N ALA B 252 22.57 3.79 10.95
CA ALA B 252 23.87 3.21 11.02
C ALA B 252 24.13 2.20 9.93
N ASP B 253 23.21 1.22 9.84
CA ASP B 253 23.31 0.10 8.91
C ASP B 253 23.54 0.65 7.51
N VAL B 254 22.66 1.58 7.08
CA VAL B 254 22.76 2.11 5.72
C VAL B 254 24.08 2.88 5.51
N GLY B 255 24.44 3.74 6.47
CA GLY B 255 25.63 4.58 6.36
C GLY B 255 26.88 3.74 6.30
N ALA B 256 26.96 2.76 7.22
CA ALA B 256 28.05 1.82 7.28
C ALA B 256 28.23 1.08 5.96
N ASP B 257 27.15 0.41 5.48
CA ASP B 257 27.22 -0.48 4.33
C ASP B 257 27.51 0.32 3.06
N LEU B 258 27.02 1.55 2.95
CA LEU B 258 27.21 2.32 1.72
C LEU B 258 28.61 2.88 1.46
N VAL B 259 29.16 3.56 2.46
CA VAL B 259 30.52 4.02 2.41
C VAL B 259 31.44 2.82 2.38
N GLY B 260 31.25 1.87 3.28
CA GLY B 260 32.24 0.80 3.44
C GLY B 260 32.32 -0.14 2.22
N LYS B 261 31.17 -0.74 1.86
CA LYS B 261 31.09 -1.77 0.82
C LYS B 261 30.96 -1.21 -0.58
N VAL B 262 30.16 -0.16 -0.76
CA VAL B 262 29.89 0.33 -2.08
C VAL B 262 30.98 1.33 -2.48
N GLU B 263 31.31 2.26 -1.60
CA GLU B 263 32.24 3.32 -1.95
C GLU B 263 33.76 2.91 -1.79
N ARG B 264 34.10 2.24 -0.71
CA ARG B 264 35.46 2.04 -0.27
C ARG B 264 36.01 0.68 -0.54
N ASN B 265 35.14 -0.28 -0.84
CA ASN B 265 35.55 -1.66 -1.13
C ASN B 265 36.19 -2.37 0.05
N ILE B 266 35.78 -2.01 1.26
CA ILE B 266 36.17 -2.74 2.46
C ILE B 266 35.03 -3.69 2.87
N PRO B 267 35.33 -4.69 3.72
CA PRO B 267 34.31 -5.68 4.08
C PRO B 267 33.17 -5.11 4.95
N GLU B 268 32.01 -5.77 4.89
CA GLU B 268 30.95 -5.44 5.79
C GLU B 268 31.54 -5.55 7.18
N ASP B 269 31.13 -4.63 8.07
CA ASP B 269 31.48 -4.72 9.51
C ASP B 269 32.96 -4.56 9.78
N ASP B 270 33.69 -3.89 8.90
CA ASP B 270 35.10 -3.63 9.10
C ASP B 270 35.33 -2.59 10.19
N PRO B 271 36.26 -2.88 11.14
CA PRO B 271 36.57 -1.95 12.29
C PRO B 271 37.10 -0.54 11.88
N ARG B 272 37.64 -0.42 10.68
CA ARG B 272 37.98 0.94 10.25
C ARG B 272 36.70 1.76 10.06
N ASN B 273 35.57 1.09 9.78
CA ASN B 273 34.31 1.77 9.55
C ASN B 273 33.76 2.36 10.86
N PRO B 274 33.69 3.71 10.94
CA PRO B 274 33.19 4.45 12.10
C PRO B 274 31.75 4.10 12.50
N ALA B 275 30.97 3.49 11.58
CA ALA B 275 29.51 3.29 11.83
C ALA B 275 29.23 1.93 12.39
N VAL B 276 30.22 1.06 12.42
CA VAL B 276 29.97 -0.36 12.65
C VAL B 276 29.50 -0.64 14.06
N ILE B 277 30.01 0.14 15.04
CA ILE B 277 29.55 -0.05 16.41
C ILE B 277 28.04 0.36 16.51
N ALA B 278 27.71 1.56 16.09
CA ALA B 278 26.31 1.94 15.91
C ALA B 278 25.46 0.83 15.19
N ASP B 279 26.01 0.25 14.11
CA ASP B 279 25.33 -0.81 13.38
C ASP B 279 25.00 -1.95 14.30
N ASN B 280 26.01 -2.40 15.02
CA ASN B 280 25.84 -3.66 15.76
C ASN B 280 25.09 -3.44 17.03
N VAL B 281 25.22 -2.24 17.60
CA VAL B 281 24.40 -1.82 18.72
C VAL B 281 22.92 -1.87 18.23
N GLY B 282 22.70 -1.19 17.11
CA GLY B 282 21.50 -1.29 16.32
C GLY B 282 20.72 -2.59 16.32
N ASP B 283 21.38 -3.70 16.03
CA ASP B 283 20.72 -5.02 16.02
C ASP B 283 20.05 -5.30 17.32
N ASN B 284 20.63 -4.79 18.41
CA ASN B 284 20.17 -5.06 19.75
C ASN B 284 19.05 -4.14 20.25
N VAL B 285 19.10 -2.87 19.85
CA VAL B 285 18.07 -1.91 20.26
C VAL B 285 16.80 -1.90 19.39
N GLY B 286 16.91 -2.39 18.13
CA GLY B 286 15.80 -2.49 17.17
C GLY B 286 15.32 -3.93 17.14
N ASP B 287 16.03 -4.71 16.31
CA ASP B 287 15.71 -6.09 16.02
C ASP B 287 15.49 -6.92 17.30
N ILE B 288 16.15 -6.55 18.40
CA ILE B 288 15.97 -7.27 19.69
C ILE B 288 14.99 -6.54 20.62
N ALA B 289 15.30 -5.33 21.01
CA ALA B 289 14.52 -4.71 22.08
C ALA B 289 13.16 -4.18 21.57
N GLY B 290 13.17 -3.47 20.43
CA GLY B 290 11.94 -3.06 19.77
C GLY B 290 11.03 -4.24 19.49
N MET B 291 11.59 -5.38 19.08
CA MET B 291 10.69 -6.44 18.69
C MET B 291 10.15 -7.28 19.83
N GLY B 292 10.96 -7.42 20.89
CA GLY B 292 10.50 -8.04 22.13
C GLY B 292 9.31 -7.30 22.74
N SER B 293 9.40 -5.98 22.79
CA SER B 293 8.24 -5.12 23.14
C SER B 293 7.01 -5.39 22.28
N ASP B 294 7.25 -5.35 20.96
CA ASP B 294 6.21 -5.51 19.90
C ASP B 294 5.46 -6.85 20.16
N LEU B 295 6.22 -7.91 20.34
CA LEU B 295 5.62 -9.21 20.54
C LEU B 295 4.89 -9.39 21.86
N PHE B 296 5.40 -8.74 22.91
CA PHE B 296 4.72 -8.63 24.19
C PHE B 296 3.37 -7.89 23.98
N GLY B 297 3.39 -6.74 23.27
CA GLY B 297 2.16 -6.04 22.82
C GLY B 297 1.16 -6.98 22.19
N SER B 298 1.61 -7.82 21.24
CA SER B 298 0.73 -8.83 20.58
C SER B 298 0.18 -9.84 21.55
N TYR B 299 1.05 -10.46 22.36
CA TYR B 299 0.62 -11.41 23.39
C TYR B 299 -0.47 -10.76 24.32
N ALA B 300 -0.25 -9.52 24.70
CA ALA B 300 -1.05 -8.88 25.71
C ALA B 300 -2.45 -8.49 25.18
N GLU B 301 -2.47 -7.78 24.05
CA GLU B 301 -3.70 -7.45 23.36
C GLU B 301 -4.53 -8.71 23.06
N SER B 302 -3.90 -9.78 22.57
CA SER B 302 -4.68 -10.96 22.29
C SER B 302 -5.33 -11.63 23.48
N SER B 303 -4.59 -11.71 24.59
CA SER B 303 -5.16 -12.27 25.81
C SER B 303 -6.27 -11.34 26.32
N CYS B 304 -5.99 -10.04 26.36
CA CYS B 304 -6.96 -9.05 26.74
C CYS B 304 -8.24 -9.10 25.90
N ALA B 305 -8.10 -9.23 24.56
CA ALA B 305 -9.28 -9.22 23.69
C ALA B 305 -10.11 -10.41 24.05
N ALA B 306 -9.47 -11.54 24.35
CA ALA B 306 -10.26 -12.72 24.61
C ALA B 306 -10.99 -12.61 25.98
N LEU B 307 -10.26 -12.12 26.99
CA LEU B 307 -10.77 -11.95 28.34
C LEU B 307 -12.00 -11.00 28.31
N VAL B 308 -11.90 -9.91 27.57
CA VAL B 308 -12.96 -8.96 27.53
C VAL B 308 -14.31 -9.58 26.97
N VAL B 309 -14.22 -10.30 25.83
CA VAL B 309 -15.43 -10.93 25.33
C VAL B 309 -15.91 -12.10 26.27
N ALA B 310 -14.98 -12.83 26.87
CA ALA B 310 -15.40 -13.94 27.73
C ALA B 310 -16.10 -13.42 29.00
N SER B 311 -15.66 -12.24 29.46
CA SER B 311 -16.13 -11.69 30.69
C SER B 311 -17.61 -11.30 30.67
N ILE B 312 -18.15 -11.02 29.47
CA ILE B 312 -19.57 -10.80 29.33
C ILE B 312 -20.25 -11.92 28.53
N SER B 313 -19.63 -13.09 28.56
CA SER B 313 -20.22 -14.30 27.98
C SER B 313 -20.58 -15.28 29.11
N SER B 314 -21.02 -16.50 28.81
CA SER B 314 -21.36 -17.38 29.91
C SER B 314 -20.24 -17.57 31.00
N PHE B 315 -18.98 -17.73 30.57
CA PHE B 315 -17.86 -17.86 31.51
C PHE B 315 -17.82 -16.75 32.56
N GLY B 316 -18.03 -15.52 32.13
CA GLY B 316 -17.84 -14.41 33.02
C GLY B 316 -19.13 -14.15 33.81
N LEU B 317 -20.26 -14.40 33.14
CA LEU B 317 -21.53 -14.12 33.76
C LEU B 317 -21.77 -15.18 34.83
N ASN B 318 -21.26 -16.38 34.62
CA ASN B 318 -21.46 -17.51 35.57
C ASN B 318 -20.29 -17.64 36.56
N HIS B 319 -19.35 -16.69 36.47
CA HIS B 319 -18.11 -16.73 37.26
C HIS B 319 -17.39 -18.07 37.23
N GLU B 320 -17.15 -18.62 36.05
CA GLU B 320 -16.46 -19.89 35.95
C GLU B 320 -15.02 -19.57 35.63
N LEU B 321 -14.12 -19.78 36.58
CA LEU B 321 -12.78 -19.17 36.42
C LEU B 321 -11.85 -19.91 35.45
N THR B 322 -11.89 -21.24 35.48
CA THR B 322 -11.18 -22.04 34.50
C THR B 322 -11.55 -21.59 33.07
N ALA B 323 -12.81 -21.75 32.68
CA ALA B 323 -13.24 -21.43 31.32
C ALA B 323 -12.87 -19.96 30.99
N MET B 324 -13.14 -19.05 31.92
CA MET B 324 -12.73 -17.65 31.82
C MET B 324 -11.24 -17.44 31.47
N LEU B 325 -10.35 -18.28 32.01
CA LEU B 325 -8.91 -18.11 31.87
C LEU B 325 -8.35 -19.09 30.86
N TYR B 326 -9.26 -19.67 30.08
CA TYR B 326 -8.92 -20.49 28.91
C TYR B 326 -7.72 -19.90 28.12
N PRO B 327 -7.75 -18.58 27.84
CA PRO B 327 -6.64 -18.04 27.10
C PRO B 327 -5.31 -18.14 27.82
N LEU B 328 -5.27 -17.89 29.13
CA LEU B 328 -4.05 -18.06 29.89
C LEU B 328 -3.68 -19.52 30.00
N ILE B 329 -4.66 -20.41 30.01
CA ILE B 329 -4.35 -21.83 30.11
C ILE B 329 -3.70 -22.29 28.79
N VAL B 330 -4.19 -21.78 27.65
CA VAL B 330 -3.56 -22.05 26.34
C VAL B 330 -2.10 -21.54 26.30
N SER B 331 -1.90 -20.32 26.76
CA SER B 331 -0.54 -19.79 26.79
C SER B 331 0.39 -20.60 27.72
N SER B 332 -0.20 -21.12 28.79
CA SER B 332 0.51 -21.90 29.78
C SER B 332 0.95 -23.15 29.10
N VAL B 333 0.02 -23.89 28.51
CA VAL B 333 0.40 -25.12 27.81
C VAL B 333 1.32 -24.88 26.63
N GLY B 334 1.26 -23.68 26.06
CA GLY B 334 2.19 -23.30 24.99
C GLY B 334 3.62 -23.22 25.45
N ILE B 335 3.85 -22.69 26.65
CA ILE B 335 5.20 -22.69 27.23
C ILE B 335 5.71 -24.13 27.35
N LEU B 336 4.85 -25.06 27.74
CA LEU B 336 5.30 -26.45 27.93
C LEU B 336 5.72 -27.03 26.58
N VAL B 337 4.85 -26.84 25.58
CA VAL B 337 5.07 -27.41 24.28
C VAL B 337 6.37 -26.87 23.65
N CYS B 338 6.65 -25.60 23.88
CA CYS B 338 7.81 -24.94 23.31
C CYS B 338 9.10 -25.37 23.97
N LEU B 339 9.10 -25.51 25.30
CA LEU B 339 10.19 -26.16 26.01
C LEU B 339 10.50 -27.51 25.36
N LEU B 340 9.49 -28.36 25.18
CA LEU B 340 9.78 -29.69 24.57
C LEU B 340 10.38 -29.55 23.18
N THR B 341 9.77 -28.63 22.40
CA THR B 341 10.18 -28.31 21.06
C THR B 341 11.65 -27.84 21.00
N THR B 342 12.00 -26.92 21.90
CA THR B 342 13.35 -26.37 21.92
C THR B 342 14.39 -27.51 21.95
N LEU B 343 14.08 -28.56 22.72
CA LEU B 343 15.00 -29.66 22.98
C LEU B 343 15.50 -30.31 21.70
N PHE B 344 14.64 -30.31 20.67
CA PHE B 344 14.99 -30.88 19.37
C PHE B 344 16.13 -30.18 18.65
N ALA B 345 16.36 -28.90 18.95
CA ALA B 345 17.32 -28.08 18.22
C ALA B 345 18.58 -27.88 19.03
N THR B 346 18.44 -28.02 20.35
CA THR B 346 19.55 -27.81 21.28
C THR B 346 20.22 -29.13 21.67
N ASP B 347 19.43 -30.19 21.81
CA ASP B 347 19.94 -31.47 22.29
C ASP B 347 19.78 -32.56 21.21
N PHE B 348 18.58 -33.12 21.05
CA PHE B 348 18.34 -34.26 20.12
C PHE B 348 19.03 -34.26 18.72
N PHE B 349 19.32 -33.09 18.14
CA PHE B 349 19.92 -33.00 16.79
C PHE B 349 21.12 -32.06 16.72
N GLU B 350 22.05 -32.32 15.79
CA GLU B 350 23.26 -31.49 15.58
C GLU B 350 23.38 -31.03 14.11
N ILE B 351 23.66 -29.74 13.89
CA ILE B 351 23.94 -29.18 12.55
C ILE B 351 25.39 -29.45 12.13
N LYS B 352 25.58 -30.15 11.02
CA LYS B 352 26.93 -30.38 10.49
C LYS B 352 27.20 -29.63 9.18
N ALA B 353 26.13 -29.36 8.41
CA ALA B 353 26.24 -28.65 7.13
C ALA B 353 25.36 -27.38 7.15
N VAL B 354 25.87 -26.27 6.61
CA VAL B 354 25.11 -24.99 6.53
C VAL B 354 23.68 -25.09 5.98
N LYS B 355 23.45 -26.00 5.03
CA LYS B 355 22.12 -26.14 4.42
C LYS B 355 21.08 -26.71 5.40
N GLU B 356 21.57 -27.10 6.58
CA GLU B 356 20.76 -27.69 7.65
C GLU B 356 20.17 -26.62 8.62
N ILE B 357 20.68 -25.40 8.57
CA ILE B 357 20.26 -24.33 9.47
C ILE B 357 18.80 -23.92 9.28
N GLU B 358 18.46 -23.38 8.08
CA GLU B 358 17.10 -23.00 7.75
C GLU B 358 16.11 -24.09 8.04
N PRO B 359 16.34 -25.33 7.50
CA PRO B 359 15.45 -26.48 7.87
C PRO B 359 15.29 -26.71 9.38
N ALA B 360 16.36 -26.49 10.18
CA ALA B 360 16.27 -26.74 11.63
C ALA B 360 15.30 -25.68 12.26
N LEU B 361 15.49 -24.41 11.90
CA LEU B 361 14.65 -23.34 12.41
C LEU B 361 13.21 -23.66 12.06
N LYS B 362 12.97 -24.01 10.79
CA LYS B 362 11.65 -24.38 10.37
C LYS B 362 11.03 -25.58 11.09
N LYS B 363 11.84 -26.59 11.37
CA LYS B 363 11.40 -27.76 12.15
C LYS B 363 10.83 -27.26 13.50
N GLN B 364 11.49 -26.28 14.11
CA GLN B 364 10.93 -25.68 15.32
C GLN B 364 9.40 -25.24 15.18
N LEU B 365 9.08 -24.58 14.06
CA LEU B 365 7.68 -24.20 13.75
C LEU B 365 6.79 -25.39 13.57
N VAL B 366 7.24 -26.38 12.79
CA VAL B 366 6.40 -27.54 12.51
C VAL B 366 6.16 -28.34 13.80
N ILE B 367 7.21 -28.54 14.59
CA ILE B 367 7.05 -29.37 15.80
C ILE B 367 6.11 -28.70 16.80
N SER B 368 6.40 -27.43 17.13
CA SER B 368 5.53 -26.66 18.03
C SER B 368 4.07 -26.61 17.56
N THR B 369 3.86 -26.48 16.25
CA THR B 369 2.49 -26.44 15.74
C THR B 369 1.78 -27.76 15.92
N VAL B 370 2.44 -28.85 15.57
CA VAL B 370 1.85 -30.17 15.74
C VAL B 370 1.56 -30.48 17.24
N LEU B 371 2.57 -30.28 18.10
CA LEU B 371 2.43 -30.57 19.52
C LEU B 371 1.36 -29.66 20.10
N MET B 372 1.45 -28.37 19.72
CA MET B 372 0.44 -27.40 20.19
C MET B 372 -0.98 -27.72 19.75
N THR B 373 -1.18 -28.33 18.60
CA THR B 373 -2.53 -28.78 18.22
C THR B 373 -3.04 -29.82 19.23
N ILE B 374 -2.18 -30.79 19.55
CA ILE B 374 -2.44 -31.71 20.67
C ILE B 374 -2.73 -30.92 21.96
N GLY B 375 -1.86 -29.99 22.32
CA GLY B 375 -2.07 -29.18 23.51
C GLY B 375 -3.43 -28.48 23.60
N VAL B 376 -3.84 -27.85 22.49
CA VAL B 376 -5.04 -27.03 22.51
C VAL B 376 -6.25 -27.93 22.62
N ALA B 377 -6.20 -29.11 21.97
CA ALA B 377 -7.26 -30.11 22.07
C ALA B 377 -7.48 -30.59 23.56
N VAL B 378 -6.37 -30.84 24.27
CA VAL B 378 -6.40 -31.28 25.68
C VAL B 378 -6.96 -30.14 26.54
N VAL B 379 -6.40 -28.94 26.35
CA VAL B 379 -6.90 -27.76 27.07
C VAL B 379 -8.40 -27.53 26.84
N SER B 380 -8.85 -27.74 25.61
CA SER B 380 -10.28 -27.52 25.26
C SER B 380 -11.17 -28.64 25.84
N PHE B 381 -10.59 -29.85 25.93
CA PHE B 381 -11.31 -30.97 26.53
C PHE B 381 -11.46 -30.78 28.02
N VAL B 382 -10.52 -30.08 28.64
CA VAL B 382 -10.42 -30.03 30.07
C VAL B 382 -10.90 -28.69 30.68
N ALA B 383 -10.74 -27.59 29.94
CA ALA B 383 -10.94 -26.25 30.52
C ALA B 383 -12.20 -25.56 30.12
N LEU B 384 -12.96 -26.20 29.22
CA LEU B 384 -14.25 -25.64 28.81
C LEU B 384 -15.42 -26.59 29.11
N PRO B 385 -16.60 -26.05 29.48
CA PRO B 385 -17.77 -26.98 29.41
C PRO B 385 -18.00 -27.38 27.95
N THR B 386 -18.75 -28.44 27.68
CA THR B 386 -19.03 -28.74 26.27
C THR B 386 -19.94 -27.72 25.53
N SER B 387 -20.80 -27.01 26.26
CA SER B 387 -21.69 -25.92 25.73
C SER B 387 -21.60 -24.70 26.59
N PHE B 388 -21.72 -23.55 25.98
CA PHE B 388 -21.69 -22.30 26.68
C PHE B 388 -22.18 -21.29 25.68
N THR B 389 -22.17 -20.02 26.03
CA THR B 389 -22.66 -19.03 25.11
C THR B 389 -21.59 -17.96 25.07
N ILE B 390 -21.52 -17.26 23.92
CA ILE B 390 -20.51 -16.29 23.70
C ILE B 390 -21.23 -15.01 23.30
N PHE B 391 -20.88 -13.91 23.94
CA PHE B 391 -21.42 -12.67 23.61
C PHE B 391 -21.19 -12.35 22.11
N ASN B 392 -22.25 -11.88 21.45
CA ASN B 392 -22.26 -11.66 20.05
C ASN B 392 -23.14 -10.46 19.77
N PHE B 393 -22.61 -9.25 19.88
CA PHE B 393 -23.34 -8.03 19.55
C PHE B 393 -24.74 -7.98 20.20
N GLY B 394 -24.81 -8.33 21.49
CA GLY B 394 -25.98 -8.11 22.25
C GLY B 394 -26.73 -9.39 22.53
N VAL B 395 -26.31 -10.48 21.91
CA VAL B 395 -27.04 -11.74 21.95
C VAL B 395 -26.09 -12.84 22.47
N GLN B 396 -26.58 -13.77 23.28
CA GLN B 396 -25.72 -14.86 23.68
C GLN B 396 -25.77 -16.01 22.69
N LYS B 397 -24.64 -16.27 22.03
CA LYS B 397 -24.56 -17.30 20.99
C LYS B 397 -24.08 -18.66 21.51
N ASP B 398 -24.75 -19.74 21.11
CA ASP B 398 -24.44 -21.08 21.62
C ASP B 398 -23.18 -21.51 20.95
N VAL B 399 -22.22 -21.96 21.74
CA VAL B 399 -20.94 -22.41 21.19
C VAL B 399 -20.51 -23.74 21.88
N LYS B 400 -19.81 -24.61 21.16
CA LYS B 400 -19.34 -25.90 21.67
C LYS B 400 -17.84 -25.83 21.81
N SER B 401 -17.33 -26.53 22.83
CA SER B 401 -15.91 -26.59 23.05
C SER B 401 -15.12 -27.03 21.78
N TRP B 402 -15.67 -27.99 21.02
CA TRP B 402 -15.00 -28.40 19.77
C TRP B 402 -14.95 -27.26 18.71
N GLN B 403 -15.88 -26.30 18.79
CA GLN B 403 -15.82 -25.14 17.88
C GLN B 403 -14.71 -24.17 18.28
N LEU B 404 -14.57 -23.98 19.59
CA LEU B 404 -13.55 -23.15 20.15
C LEU B 404 -12.19 -23.78 19.94
N PHE B 405 -12.11 -25.10 19.96
CA PHE B 405 -10.85 -25.73 19.61
C PHE B 405 -10.44 -25.33 18.19
N LEU B 406 -11.42 -25.30 17.31
CA LEU B 406 -11.20 -25.02 15.94
C LEU B 406 -10.77 -23.55 15.73
N CYS B 407 -11.30 -22.65 16.57
CA CYS B 407 -10.88 -21.26 16.52
C CYS B 407 -9.44 -21.09 16.91
N VAL B 408 -8.98 -21.81 17.93
CA VAL B 408 -7.57 -21.58 18.24
C VAL B 408 -6.60 -22.20 17.26
N ALA B 409 -7.00 -23.38 16.79
CA ALA B 409 -6.29 -24.17 15.81
C ALA B 409 -6.13 -23.48 14.47
N VAL B 410 -7.20 -22.80 14.00
CA VAL B 410 -7.14 -22.20 12.68
C VAL B 410 -6.07 -21.08 12.69
N GLY B 411 -6.00 -20.34 13.80
CA GLY B 411 -5.00 -19.27 13.93
C GLY B 411 -3.62 -19.91 14.05
N LEU B 412 -3.54 -21.04 14.75
CA LEU B 412 -2.27 -21.74 14.95
C LEU B 412 -1.69 -22.21 13.57
N TRP B 413 -2.55 -22.79 12.76
CA TRP B 413 -2.18 -23.29 11.44
C TRP B 413 -1.98 -22.18 10.37
N ALA B 414 -2.86 -21.17 10.41
CA ALA B 414 -2.63 -19.95 9.68
C ALA B 414 -1.21 -19.40 9.89
N GLY B 415 -0.75 -19.42 11.15
CA GLY B 415 0.61 -18.96 11.46
C GLY B 415 1.68 -19.77 10.72
N LEU B 416 1.50 -21.10 10.71
CA LEU B 416 2.48 -22.02 10.13
C LEU B 416 2.50 -21.77 8.61
N ILE B 417 1.30 -21.64 8.04
CA ILE B 417 1.18 -21.29 6.66
C ILE B 417 1.95 -20.02 6.33
N ILE B 418 1.73 -18.97 7.13
CA ILE B 418 2.41 -17.73 6.93
C ILE B 418 3.93 -17.95 7.01
N GLY B 419 4.38 -18.82 7.92
CA GLY B 419 5.81 -19.04 8.05
C GLY B 419 6.40 -19.69 6.78
N PHE B 420 5.71 -20.70 6.27
CA PHE B 420 6.12 -21.38 5.07
C PHE B 420 6.14 -20.49 3.88
N VAL B 421 5.11 -19.68 3.69
CA VAL B 421 5.15 -18.76 2.54
C VAL B 421 6.23 -17.70 2.74
N THR B 422 6.45 -17.25 3.97
CA THR B 422 7.42 -16.16 4.11
C THR B 422 8.84 -16.69 3.80
N GLU B 423 9.08 -17.93 4.23
CA GLU B 423 10.38 -18.59 4.02
C GLU B 423 10.63 -18.69 2.55
N TYR B 424 9.58 -19.08 1.85
CA TYR B 424 9.64 -19.26 0.41
C TYR B 424 10.02 -17.95 -0.32
N TYR B 425 9.46 -16.84 0.14
CA TYR B 425 9.72 -15.55 -0.48
C TYR B 425 10.90 -14.83 0.07
N THR B 426 11.51 -15.31 1.15
CA THR B 426 12.69 -14.56 1.64
C THR B 426 14.00 -15.38 1.79
N SER B 427 13.92 -16.71 1.80
CA SER B 427 15.15 -17.49 1.84
C SER B 427 15.89 -17.55 0.48
N ASN B 428 17.23 -17.45 0.51
CA ASN B 428 18.01 -17.63 -0.78
C ASN B 428 18.17 -19.08 -1.20
N ALA B 429 17.50 -20.01 -0.51
CA ALA B 429 17.39 -21.39 -0.98
C ALA B 429 16.32 -21.58 -2.07
N TYR B 430 15.50 -20.57 -2.38
CA TYR B 430 14.43 -20.67 -3.39
C TYR B 430 14.53 -19.64 -4.46
N SER B 431 13.73 -19.87 -5.50
CA SER B 431 13.89 -19.04 -6.67
C SER B 431 13.39 -17.58 -6.52
N PRO B 432 12.35 -17.30 -5.69
CA PRO B 432 12.10 -15.84 -5.71
C PRO B 432 13.35 -14.99 -5.29
N VAL B 433 14.07 -15.37 -4.24
CA VAL B 433 15.21 -14.56 -3.87
C VAL B 433 16.41 -14.71 -4.83
N GLN B 434 16.57 -15.92 -5.36
CA GLN B 434 17.62 -16.20 -6.37
C GLN B 434 17.39 -15.40 -7.62
N ASP B 435 16.13 -15.22 -8.04
CA ASP B 435 15.89 -14.36 -9.22
C ASP B 435 16.13 -12.86 -8.95
N VAL B 436 15.82 -12.40 -7.74
CA VAL B 436 16.11 -11.03 -7.32
C VAL B 436 17.62 -10.78 -7.42
N ALA B 437 18.40 -11.70 -6.85
CA ALA B 437 19.88 -11.68 -6.97
C ALA B 437 20.33 -11.67 -8.42
N ASP B 438 19.74 -12.53 -9.20
CA ASP B 438 20.08 -12.66 -10.57
C ASP B 438 19.91 -11.34 -11.30
N SER B 439 18.89 -10.58 -10.89
CA SER B 439 18.46 -9.38 -11.61
C SER B 439 19.50 -8.31 -11.42
N CYS B 440 20.42 -8.54 -10.47
CA CYS B 440 21.54 -7.63 -10.27
C CYS B 440 22.47 -7.50 -11.48
N ARG B 441 22.43 -8.49 -12.38
CA ARG B 441 23.29 -8.57 -13.55
C ARG B 441 22.93 -7.34 -14.38
N THR B 442 21.68 -6.91 -14.30
CA THR B 442 21.37 -5.70 -15.02
C THR B 442 21.33 -4.43 -14.17
N GLY B 443 21.90 -4.47 -12.97
CA GLY B 443 22.02 -3.26 -12.15
C GLY B 443 21.05 -3.12 -10.95
N ALA B 444 21.26 -2.06 -10.18
CA ALA B 444 20.43 -1.74 -8.99
C ALA B 444 18.94 -1.53 -9.31
N ALA B 445 18.63 -0.89 -10.43
CA ALA B 445 17.26 -0.58 -10.81
C ALA B 445 16.42 -1.83 -10.96
N THR B 446 16.96 -2.84 -11.65
CA THR B 446 16.24 -4.10 -11.86
C THR B 446 16.21 -4.85 -10.56
N ASN B 447 17.32 -4.86 -9.81
CA ASN B 447 17.23 -5.42 -8.44
C ASN B 447 16.03 -4.86 -7.60
N VAL B 448 15.89 -3.53 -7.57
CA VAL B 448 14.83 -2.91 -6.82
C VAL B 448 13.44 -3.25 -7.38
N ILE B 449 13.31 -3.18 -8.72
CA ILE B 449 12.04 -3.44 -9.30
C ILE B 449 11.58 -4.88 -8.97
N PHE B 450 12.52 -5.84 -9.10
CA PHE B 450 12.20 -7.24 -8.77
C PHE B 450 11.88 -7.36 -7.30
N GLY B 451 12.62 -6.69 -6.43
CA GLY B 451 12.38 -6.86 -4.98
C GLY B 451 11.00 -6.29 -4.58
N LEU B 452 10.65 -5.13 -5.14
CA LEU B 452 9.34 -4.54 -4.90
C LEU B 452 8.21 -5.50 -5.32
N ALA B 453 8.32 -6.02 -6.54
CA ALA B 453 7.38 -7.05 -7.09
C ALA B 453 7.30 -8.29 -6.23
N LEU B 454 8.42 -8.78 -5.75
CA LEU B 454 8.43 -9.90 -4.84
C LEU B 454 7.58 -9.64 -3.57
N GLY B 455 7.69 -8.44 -2.97
CA GLY B 455 7.03 -8.20 -1.66
C GLY B 455 5.55 -8.04 -1.91
N TYR B 456 5.22 -7.33 -3.01
CA TYR B 456 3.85 -7.23 -3.42
C TYR B 456 3.22 -8.61 -3.60
N LYS B 457 3.93 -9.46 -4.34
CA LYS B 457 3.46 -10.78 -4.69
C LYS B 457 3.30 -11.58 -3.42
N SER B 458 4.19 -11.39 -2.47
CA SER B 458 4.21 -12.21 -1.23
C SER B 458 2.97 -12.06 -0.32
N VAL B 459 2.15 -11.03 -0.48
CA VAL B 459 1.03 -10.81 0.44
C VAL B 459 -0.12 -11.78 0.18
N ILE B 460 -0.20 -12.32 -1.04
CA ILE B 460 -1.38 -13.06 -1.46
C ILE B 460 -1.79 -14.18 -0.52
N ILE B 461 -0.88 -15.11 -0.29
CA ILE B 461 -1.27 -16.25 0.53
C ILE B 461 -1.46 -15.89 2.00
N PRO B 462 -0.56 -15.06 2.57
CA PRO B 462 -0.81 -14.73 4.00
C PRO B 462 -2.20 -14.10 4.21
N ILE B 463 -2.63 -13.24 3.28
CA ILE B 463 -3.96 -12.65 3.35
C ILE B 463 -5.09 -13.69 3.24
N PHE B 464 -4.96 -14.65 2.31
CA PHE B 464 -5.92 -15.74 2.21
C PHE B 464 -5.97 -16.53 3.54
N ALA B 465 -4.80 -16.79 4.12
CA ALA B 465 -4.71 -17.52 5.38
C ALA B 465 -5.46 -16.75 6.48
N ILE B 466 -5.27 -15.43 6.48
CA ILE B 466 -5.84 -14.61 7.52
C ILE B 466 -7.31 -14.55 7.37
N ALA B 467 -7.76 -14.40 6.11
CA ALA B 467 -9.18 -14.36 5.82
C ALA B 467 -9.86 -15.71 6.18
N ILE B 468 -9.22 -16.84 5.83
CA ILE B 468 -9.81 -18.13 6.14
C ILE B 468 -10.04 -18.21 7.68
N SER B 469 -9.03 -17.75 8.41
CA SER B 469 -9.04 -17.98 9.83
C SER B 469 -9.98 -16.93 10.45
N ILE B 470 -10.12 -15.77 9.82
CA ILE B 470 -11.23 -14.88 10.19
C ILE B 470 -12.60 -15.58 9.97
N PHE B 471 -12.81 -16.09 8.76
CA PHE B 471 -14.13 -16.66 8.45
C PHE B 471 -14.52 -17.75 9.47
N VAL B 472 -13.56 -18.63 9.79
CA VAL B 472 -13.85 -19.79 10.59
C VAL B 472 -14.12 -19.36 12.06
N SER B 473 -13.20 -18.57 12.62
CA SER B 473 -13.29 -18.13 14.01
C SER B 473 -14.48 -17.19 14.27
N PHE B 474 -14.79 -16.31 13.28
CA PHE B 474 -15.91 -15.34 13.34
C PHE B 474 -17.23 -16.11 13.30
N THR B 475 -17.35 -16.98 12.31
CA THR B 475 -18.53 -17.84 12.19
C THR B 475 -18.77 -18.64 13.49
N PHE B 476 -17.76 -19.35 13.99
CA PHE B 476 -17.95 -20.14 15.22
C PHE B 476 -18.18 -19.38 16.54
N ALA B 477 -17.53 -18.24 16.74
CA ALA B 477 -17.54 -17.69 18.10
C ALA B 477 -17.35 -16.20 18.15
N ALA B 478 -17.78 -15.57 17.06
CA ALA B 478 -17.76 -14.12 16.95
C ALA B 478 -16.39 -13.49 17.31
N MET B 479 -16.30 -12.44 18.15
CA MET B 479 -15.05 -11.73 18.46
C MET B 479 -14.21 -12.57 19.46
N TYR B 480 -14.87 -13.35 20.30
CA TYR B 480 -14.14 -14.27 21.13
C TYR B 480 -13.34 -15.26 20.28
N GLY B 481 -14.01 -15.84 19.28
CA GLY B 481 -13.37 -16.74 18.34
C GLY B 481 -12.19 -16.07 17.66
N ILE B 482 -12.37 -14.86 17.21
CA ILE B 482 -11.31 -14.21 16.49
C ILE B 482 -10.14 -13.95 17.42
N ALA B 483 -10.43 -13.58 18.69
CA ALA B 483 -9.39 -13.24 19.68
C ALA B 483 -8.57 -14.45 20.02
N VAL B 484 -9.21 -15.61 20.15
CA VAL B 484 -8.44 -16.78 20.57
C VAL B 484 -7.84 -17.43 19.36
N ALA B 485 -8.32 -17.08 18.17
CA ALA B 485 -7.53 -17.39 16.98
C ALA B 485 -6.23 -16.54 16.95
N ALA B 486 -6.30 -15.27 17.36
CA ALA B 486 -5.07 -14.47 17.49
C ALA B 486 -4.16 -15.11 18.52
N LEU B 487 -4.72 -15.56 19.64
CA LEU B 487 -3.87 -16.12 20.64
C LEU B 487 -3.36 -17.48 20.19
N GLY B 488 -4.17 -18.22 19.44
CA GLY B 488 -3.70 -19.49 18.85
C GLY B 488 -2.48 -19.25 17.98
N MET B 489 -2.53 -18.19 17.17
CA MET B 489 -1.39 -17.85 16.35
C MET B 489 -0.14 -17.53 17.18
N LEU B 490 -0.33 -16.99 18.38
CA LEU B 490 0.77 -16.67 19.28
C LEU B 490 0.94 -17.69 20.41
N SER B 491 0.29 -18.84 20.31
CA SER B 491 0.39 -19.81 21.41
C SER B 491 1.82 -20.46 21.53
N THR B 492 2.55 -20.47 20.43
CA THR B 492 3.86 -21.02 20.36
C THR B 492 4.86 -19.90 20.33
N ILE B 493 4.52 -18.83 21.00
CA ILE B 493 5.35 -17.63 21.00
C ILE B 493 6.76 -17.75 21.65
N ALA B 494 6.94 -18.68 22.62
CA ALA B 494 8.30 -18.84 23.20
C ALA B 494 9.27 -19.28 22.05
N THR B 495 8.85 -20.29 21.31
CA THR B 495 9.57 -20.73 20.14
C THR B 495 9.68 -19.62 19.08
N GLY B 496 8.57 -18.93 18.80
CA GLY B 496 8.58 -17.89 17.79
C GLY B 496 9.63 -16.83 18.12
N LEU B 497 9.57 -16.30 19.33
CA LEU B 497 10.63 -15.48 19.85
C LEU B 497 12.02 -16.18 19.83
N ALA B 498 12.11 -17.49 20.10
CA ALA B 498 13.41 -18.11 20.03
C ALA B 498 14.05 -17.99 18.60
N ILE B 499 13.29 -18.41 17.57
CA ILE B 499 13.80 -18.38 16.20
C ILE B 499 14.10 -16.99 15.70
N ASP B 500 13.29 -16.05 16.15
CA ASP B 500 13.53 -14.68 15.75
C ASP B 500 14.77 -14.09 16.49
N ALA B 501 14.78 -14.12 17.83
CA ALA B 501 15.94 -13.59 18.63
C ALA B 501 17.31 -14.15 18.20
N TYR B 502 17.29 -15.42 17.83
CA TYR B 502 18.39 -16.11 17.18
C TYR B 502 19.11 -15.34 16.04
N GLY B 503 18.35 -14.62 15.19
CA GLY B 503 18.89 -13.88 14.05
C GLY B 503 19.78 -12.67 14.41
N PRO B 504 19.29 -11.76 15.29
CA PRO B 504 20.23 -10.63 15.59
C PRO B 504 21.44 -11.07 16.39
N ILE B 505 21.31 -12.14 17.15
CA ILE B 505 22.46 -12.65 17.90
C ILE B 505 23.51 -13.09 16.90
N SER B 506 23.08 -13.91 15.94
CA SER B 506 23.91 -14.35 14.83
C SER B 506 24.52 -13.22 14.04
N ASP B 507 23.70 -12.20 13.72
CA ASP B 507 24.16 -10.97 13.03
C ASP B 507 25.32 -10.29 13.78
N ASN B 508 25.13 -10.06 15.08
CA ASN B 508 26.19 -9.48 15.93
C ASN B 508 27.44 -10.37 15.91
N ALA B 509 27.22 -11.66 16.04
CA ALA B 509 28.30 -12.60 16.10
C ALA B 509 29.30 -12.43 14.93
N GLY B 510 28.76 -12.24 13.72
CA GLY B 510 29.57 -12.05 12.52
C GLY B 510 30.18 -10.69 12.50
N GLY B 511 29.51 -9.72 13.10
CA GLY B 511 30.11 -8.40 13.19
C GLY B 511 31.33 -8.41 14.13
N ILE B 512 31.19 -9.09 15.25
CA ILE B 512 32.30 -9.25 16.22
C ILE B 512 33.48 -10.02 15.57
N ALA B 513 33.20 -11.14 14.87
CA ALA B 513 34.21 -11.79 14.00
C ALA B 513 34.97 -10.78 13.11
N GLU B 514 34.26 -10.05 12.24
CA GLU B 514 34.98 -9.13 11.39
C GLU B 514 35.79 -8.12 12.23
N MET B 515 35.25 -7.66 13.36
CA MET B 515 35.90 -6.57 14.09
C MET B 515 37.07 -7.11 14.92
N ALA B 516 37.00 -8.40 15.29
CA ALA B 516 38.02 -9.08 16.05
C ALA B 516 39.19 -9.51 15.14
N GLY B 517 39.03 -9.43 13.81
CA GLY B 517 40.09 -9.73 12.87
C GLY B 517 40.21 -11.22 12.61
N MET B 518 39.23 -11.96 13.11
CA MET B 518 39.26 -13.40 13.03
C MET B 518 39.33 -13.95 11.60
N SER B 519 39.46 -15.27 11.49
CA SER B 519 39.68 -15.99 10.25
C SER B 519 38.53 -15.84 9.23
N HIS B 520 38.84 -15.79 7.94
CA HIS B 520 37.80 -15.74 6.88
C HIS B 520 36.65 -16.71 7.16
N ARG B 521 36.95 -17.91 7.67
CA ARG B 521 35.96 -18.97 7.75
C ARG B 521 35.10 -18.89 9.01
N ILE B 522 35.53 -18.11 10.01
CA ILE B 522 34.62 -17.78 11.10
C ILE B 522 33.42 -16.95 10.55
N ARG B 523 33.73 -15.83 9.89
CA ARG B 523 32.73 -15.05 9.13
C ARG B 523 31.83 -15.84 8.15
N GLU B 524 32.32 -16.94 7.55
CA GLU B 524 31.48 -17.72 6.64
C GLU B 524 30.40 -18.45 7.39
N ARG B 525 30.78 -19.02 8.52
CA ARG B 525 29.86 -19.67 9.41
C ARG B 525 28.78 -18.71 9.98
N THR B 526 29.20 -17.52 10.40
CA THR B 526 28.26 -16.64 11.00
C THR B 526 27.35 -16.12 9.91
N ASP B 527 27.92 -15.83 8.74
CA ASP B 527 27.11 -15.41 7.56
C ASP B 527 25.94 -16.35 7.28
N ALA B 528 26.20 -17.66 7.41
CA ALA B 528 25.18 -18.67 7.12
C ALA B 528 24.10 -18.73 8.22
N LEU B 529 24.53 -18.56 9.47
CA LEU B 529 23.59 -18.42 10.58
C LEU B 529 22.70 -17.18 10.34
N ASP B 530 23.36 -16.09 9.95
CA ASP B 530 22.78 -14.78 9.74
C ASP B 530 21.74 -14.77 8.64
N ALA B 531 22.02 -15.51 7.57
CA ALA B 531 21.09 -15.46 6.45
C ALA B 531 19.80 -16.18 6.83
N ALA B 532 19.95 -17.32 7.52
CA ALA B 532 18.80 -18.00 8.13
C ALA B 532 18.00 -17.08 9.07
N GLY B 533 18.73 -16.23 9.82
CA GLY B 533 18.15 -15.21 10.68
C GLY B 533 17.33 -14.19 9.92
N ASN B 534 17.82 -13.78 8.75
CA ASN B 534 17.08 -12.87 7.88
C ASN B 534 15.65 -13.42 7.56
N THR B 535 15.59 -14.71 7.25
CA THR B 535 14.35 -15.42 6.88
C THR B 535 13.42 -15.49 8.09
N THR B 536 14.02 -15.89 9.19
CA THR B 536 13.41 -15.95 10.50
C THR B 536 12.83 -14.60 11.03
N ALA B 537 13.50 -13.50 10.74
CA ALA B 537 12.98 -12.18 11.08
C ALA B 537 11.74 -11.88 10.23
N ALA B 538 11.78 -12.32 8.96
CA ALA B 538 10.64 -12.07 8.09
C ALA B 538 9.49 -12.95 8.61
N ILE B 539 9.80 -14.14 9.13
CA ILE B 539 8.74 -15.00 9.65
C ILE B 539 8.09 -14.41 10.90
N GLY B 540 8.87 -13.85 11.85
CA GLY B 540 8.32 -13.21 13.02
C GLY B 540 7.37 -12.07 12.59
N LYS B 541 7.78 -11.25 11.62
CA LYS B 541 6.99 -10.12 11.16
C LYS B 541 5.65 -10.59 10.61
N GLY B 542 5.67 -11.77 9.97
CA GLY B 542 4.49 -12.42 9.49
C GLY B 542 3.56 -12.84 10.57
N PHE B 543 4.08 -13.47 11.62
CA PHE B 543 3.28 -13.87 12.75
C PHE B 543 2.73 -12.59 13.39
N ALA B 544 3.55 -11.53 13.50
CA ALA B 544 3.09 -10.32 14.18
C ALA B 544 1.95 -9.60 13.36
N ILE B 545 2.08 -9.63 12.04
CA ILE B 545 1.07 -9.04 11.14
C ILE B 545 -0.19 -9.92 11.10
N GLY B 546 -0.06 -11.24 10.99
CA GLY B 546 -1.22 -12.09 11.07
C GLY B 546 -1.99 -11.99 12.40
N SER B 547 -1.28 -11.95 13.51
CA SER B 547 -2.00 -11.90 14.75
C SER B 547 -2.54 -10.46 14.98
N ALA B 548 -1.83 -9.43 14.54
CA ALA B 548 -2.39 -8.06 14.63
C ALA B 548 -3.72 -7.87 13.90
N ALA B 549 -3.83 -8.48 12.72
CA ALA B 549 -5.04 -8.40 11.93
C ALA B 549 -6.19 -9.05 12.70
N LEU B 550 -5.99 -10.25 13.18
CA LEU B 550 -6.96 -10.97 13.97
C LEU B 550 -7.36 -10.26 15.28
N VAL B 551 -6.41 -9.97 16.19
CA VAL B 551 -6.79 -9.24 17.40
C VAL B 551 -7.44 -7.92 17.05
N SER B 552 -6.90 -7.19 16.09
CA SER B 552 -7.49 -5.91 15.83
C SER B 552 -8.94 -6.04 15.40
N LEU B 553 -9.27 -7.07 14.62
CA LEU B 553 -10.64 -7.27 14.23
C LEU B 553 -11.44 -7.59 15.52
N ALA B 554 -10.90 -8.41 16.43
CA ALA B 554 -11.65 -8.79 17.61
C ALA B 554 -11.92 -7.54 18.47
N LEU B 555 -10.93 -6.68 18.62
CA LEU B 555 -11.03 -5.48 19.41
C LEU B 555 -11.94 -4.43 18.79
N PHE B 556 -11.97 -4.37 17.48
CA PHE B 556 -12.84 -3.45 16.72
C PHE B 556 -14.29 -3.83 17.07
N GLY B 557 -14.56 -5.12 17.11
CA GLY B 557 -15.89 -5.60 17.39
C GLY B 557 -16.29 -5.37 18.82
N ALA B 558 -15.34 -5.53 19.73
CA ALA B 558 -15.56 -5.25 21.12
C ALA B 558 -15.73 -3.74 21.28
N PHE B 559 -14.93 -2.94 20.57
CA PHE B 559 -15.12 -1.48 20.57
C PHE B 559 -16.55 -1.08 20.15
N VAL B 560 -17.06 -1.71 19.10
CA VAL B 560 -18.38 -1.39 18.58
C VAL B 560 -19.49 -1.65 19.66
N SER B 561 -19.46 -2.82 20.30
CA SER B 561 -20.34 -3.10 21.40
C SER B 561 -20.15 -2.09 22.53
N ARG B 562 -18.92 -1.92 22.98
CA ARG B 562 -18.72 -1.12 24.16
C ARG B 562 -19.17 0.32 23.95
N ALA B 563 -19.21 0.77 22.71
CA ALA B 563 -19.58 2.14 22.36
C ALA B 563 -21.04 2.23 21.91
N SER B 564 -21.78 1.15 22.08
CA SER B 564 -23.21 1.13 21.73
C SER B 564 -23.57 1.51 20.30
N ILE B 565 -22.81 1.00 19.34
CA ILE B 565 -23.12 1.26 17.96
C ILE B 565 -23.96 0.03 17.60
N THR B 566 -25.04 0.25 16.87
CA THR B 566 -25.93 -0.83 16.46
C THR B 566 -25.35 -1.52 15.23
N THR B 567 -24.94 -0.76 14.23
CA THR B 567 -24.41 -1.31 13.02
C THR B 567 -23.27 -0.43 12.49
N VAL B 568 -22.15 -1.04 12.11
CA VAL B 568 -21.16 -0.28 11.40
C VAL B 568 -21.47 -0.47 9.92
N ASP B 569 -22.19 0.50 9.34
CA ASP B 569 -22.70 0.36 8.01
C ASP B 569 -21.72 1.07 7.07
N VAL B 570 -21.05 0.29 6.23
CA VAL B 570 -20.00 0.83 5.38
C VAL B 570 -20.54 1.98 4.56
N LEU B 571 -21.79 1.87 4.09
CA LEU B 571 -22.38 2.94 3.24
C LEU B 571 -23.14 4.02 4.00
N THR B 572 -22.43 4.73 4.88
CA THR B 572 -22.90 5.94 5.56
C THR B 572 -21.74 6.92 5.45
N PRO B 573 -22.01 8.23 5.39
CA PRO B 573 -20.88 9.16 5.25
C PRO B 573 -19.81 9.05 6.35
N LYS B 574 -20.22 8.86 7.59
CA LYS B 574 -19.30 8.85 8.71
C LYS B 574 -18.39 7.63 8.68
N VAL B 575 -18.97 6.44 8.42
CA VAL B 575 -18.16 5.25 8.36
C VAL B 575 -17.22 5.34 7.15
N PHE B 576 -17.74 5.76 5.99
CA PHE B 576 -16.89 5.77 4.79
C PHE B 576 -15.69 6.73 4.83
N ILE B 577 -15.86 7.93 5.40
CA ILE B 577 -14.73 8.84 5.46
C ILE B 577 -13.74 8.24 6.48
N GLY B 578 -14.22 7.55 7.50
CA GLY B 578 -13.30 6.91 8.40
C GLY B 578 -12.51 5.78 7.73
N LEU B 579 -13.18 5.02 6.85
CA LEU B 579 -12.57 3.91 6.18
C LEU B 579 -11.45 4.34 5.21
N ILE B 580 -11.71 5.35 4.38
CA ILE B 580 -10.68 5.80 3.49
C ILE B 580 -9.52 6.51 4.19
N VAL B 581 -9.78 7.37 5.16
CA VAL B 581 -8.70 8.01 5.91
C VAL B 581 -7.87 7.01 6.72
N GLY B 582 -8.53 6.05 7.35
CA GLY B 582 -7.83 5.02 8.16
C GLY B 582 -6.87 4.21 7.27
N ALA B 583 -7.28 3.97 6.02
CA ALA B 583 -6.51 3.19 5.07
C ALA B 583 -5.28 4.01 4.58
N MET B 584 -5.37 5.34 4.67
CA MET B 584 -4.25 6.28 4.43
C MET B 584 -3.20 6.32 5.57
N LEU B 585 -3.62 6.10 6.82
CA LEU B 585 -2.69 6.22 7.93
C LEU B 585 -1.37 5.41 7.86
N PRO B 586 -1.45 4.19 7.31
CA PRO B 586 -0.22 3.36 7.26
C PRO B 586 0.83 3.94 6.28
N TYR B 587 0.35 4.60 5.25
CA TYR B 587 1.18 5.34 4.31
C TYR B 587 1.81 6.60 4.87
N TRP B 588 0.99 7.41 5.55
CA TRP B 588 1.47 8.58 6.26
C TRP B 588 2.53 8.11 7.26
N PHE B 589 2.24 7.05 8.03
CA PHE B 589 3.24 6.57 9.02
C PHE B 589 4.53 6.10 8.30
N SER B 590 4.38 5.49 7.12
CA SER B 590 5.52 4.89 6.45
C SER B 590 6.35 6.05 5.93
N ALA B 591 5.66 7.07 5.42
CA ALA B 591 6.31 8.28 4.98
C ALA B 591 7.24 8.85 6.05
N MET B 592 6.77 8.98 7.29
CA MET B 592 7.60 9.66 8.29
C MET B 592 8.82 8.83 8.60
N THR B 593 8.61 7.54 8.79
CA THR B 593 9.66 6.66 9.21
C THR B 593 10.68 6.37 8.09
N MET B 594 10.27 6.31 6.81
CA MET B 594 11.23 6.14 5.74
C MET B 594 12.10 7.41 5.62
N LYS B 595 11.48 8.59 5.71
CA LYS B 595 12.25 9.78 5.55
C LYS B 595 13.25 10.04 6.72
N SER B 596 12.83 9.72 7.93
CA SER B 596 13.73 9.80 9.08
C SER B 596 15.01 9.02 8.86
N VAL B 597 14.85 7.77 8.39
CA VAL B 597 15.98 6.92 8.07
C VAL B 597 16.75 7.48 6.88
N GLY B 598 16.05 7.97 5.89
CA GLY B 598 16.72 8.54 4.72
C GLY B 598 17.69 9.65 5.12
N SER B 599 17.17 10.61 5.91
CA SER B 599 17.87 11.81 6.36
C SER B 599 19.03 11.49 7.28
N ALA B 600 18.77 10.59 8.22
CA ALA B 600 19.75 10.22 9.18
C ALA B 600 20.89 9.47 8.49
N ALA B 601 20.54 8.50 7.65
CA ALA B 601 21.50 7.74 6.83
C ALA B 601 22.36 8.66 5.93
N LEU B 602 21.74 9.69 5.37
CA LEU B 602 22.46 10.66 4.57
C LEU B 602 23.55 11.32 5.48
N LYS B 603 23.14 11.80 6.65
CA LYS B 603 24.08 12.30 7.64
C LYS B 603 25.17 11.27 8.00
N MET B 604 24.79 10.02 8.18
CA MET B 604 25.76 8.99 8.52
C MET B 604 26.83 8.75 7.43
N VAL B 605 26.44 8.85 6.18
CA VAL B 605 27.29 8.60 5.06
C VAL B 605 28.35 9.70 5.06
N GLU B 606 27.89 10.93 5.28
CA GLU B 606 28.73 12.09 5.34
C GLU B 606 29.68 11.95 6.53
N GLU B 607 29.18 11.55 7.68
CA GLU B 607 30.09 11.28 8.77
C GLU B 607 31.16 10.24 8.42
N VAL B 608 30.79 9.15 7.75
CA VAL B 608 31.70 8.07 7.53
C VAL B 608 32.78 8.51 6.56
N ARG B 609 32.33 9.07 5.44
CA ARG B 609 33.18 9.74 4.47
C ARG B 609 34.18 10.68 5.17
N ARG B 610 33.67 11.62 5.99
CA ARG B 610 34.51 12.62 6.66
C ARG B 610 35.69 11.92 7.37
N GLN B 611 35.40 10.84 8.05
CA GLN B 611 36.42 10.16 8.80
C GLN B 611 37.45 9.52 7.87
N PHE B 612 36.97 8.80 6.85
CA PHE B 612 37.86 8.12 5.95
C PHE B 612 38.68 9.15 5.16
N ASN B 613 38.14 10.36 4.97
CA ASN B 613 38.81 11.28 4.06
C ASN B 613 39.78 12.19 4.79
N THR B 614 39.65 12.21 6.12
CA THR B 614 40.21 13.22 6.95
C THR B 614 41.16 12.71 8.03
N ILE B 615 41.00 11.46 8.45
CA ILE B 615 41.82 10.98 9.55
C ILE B 615 42.93 10.16 8.91
N PRO B 616 44.19 10.67 9.02
CA PRO B 616 45.32 9.98 8.38
C PRO B 616 45.54 8.61 9.08
N GLY B 617 45.74 7.56 8.28
CA GLY B 617 45.91 6.22 8.79
C GLY B 617 44.63 5.44 9.08
N LEU B 618 43.45 6.05 8.91
CA LEU B 618 42.22 5.28 9.11
C LEU B 618 42.10 4.17 8.07
N MET B 619 42.03 4.56 6.80
CA MET B 619 41.92 3.57 5.73
C MET B 619 43.05 2.53 5.76
N GLU B 620 44.22 2.90 6.33
CA GLU B 620 45.39 2.00 6.35
C GLU B 620 45.43 1.09 7.56
N GLY B 621 44.48 1.27 8.47
CA GLY B 621 44.38 0.44 9.67
C GLY B 621 45.33 0.82 10.78
N THR B 622 45.95 2.01 10.70
CA THR B 622 46.95 2.45 11.70
C THR B 622 46.39 3.43 12.74
N ALA B 623 45.26 4.08 12.43
CA ALA B 623 44.55 4.93 13.41
C ALA B 623 43.13 4.38 13.72
N LYS B 624 42.57 4.84 14.83
CA LYS B 624 41.24 4.41 15.30
C LYS B 624 40.15 5.36 14.80
N PRO B 625 38.98 4.81 14.43
CA PRO B 625 37.91 5.71 13.98
C PRO B 625 37.20 6.28 15.18
N ASP B 626 36.45 7.35 14.97
CA ASP B 626 35.59 7.85 16.06
C ASP B 626 34.18 7.20 16.00
N TYR B 627 33.99 6.14 16.78
CA TYR B 627 32.70 5.47 16.78
C TYR B 627 31.57 6.31 17.37
N ALA B 628 31.92 7.21 18.29
CA ALA B 628 30.92 7.90 19.12
C ALA B 628 30.13 8.87 18.27
N THR B 629 30.73 9.42 17.22
CA THR B 629 29.98 10.37 16.41
C THR B 629 28.84 9.70 15.63
N CYS B 630 29.02 8.44 15.22
CA CYS B 630 28.01 7.70 14.48
C CYS B 630 26.92 7.29 15.45
N VAL B 631 27.31 6.84 16.64
CA VAL B 631 26.37 6.56 17.72
C VAL B 631 25.47 7.75 18.02
N LYS B 632 25.99 8.95 17.87
CA LYS B 632 25.27 10.16 18.22
C LYS B 632 24.26 10.54 17.16
N ILE B 633 24.66 10.41 15.88
CA ILE B 633 23.77 10.68 14.76
C ILE B 633 22.51 9.74 14.89
N SER B 634 22.72 8.47 15.22
CA SER B 634 21.66 7.52 15.38
C SER B 634 20.74 7.90 16.59
N THR B 635 21.42 8.33 17.67
CA THR B 635 20.77 8.64 18.93
C THR B 635 19.91 9.85 18.75
N ASP B 636 20.48 10.93 18.24
CA ASP B 636 19.73 12.13 18.01
C ASP B 636 18.57 11.90 17.05
N ALA B 637 18.78 11.15 15.98
CA ALA B 637 17.75 11.11 14.97
C ALA B 637 16.57 10.29 15.47
N SER B 638 16.87 9.25 16.23
CA SER B 638 15.84 8.34 16.64
C SER B 638 14.96 8.89 17.77
N ILE B 639 15.62 9.53 18.74
CA ILE B 639 14.96 10.02 19.92
C ILE B 639 14.10 11.17 19.43
N LYS B 640 14.62 11.93 18.48
CA LYS B 640 13.83 13.05 18.02
C LYS B 640 12.70 12.55 17.09
N GLU B 641 13.01 11.64 16.14
CA GLU B 641 12.06 11.34 15.09
C GLU B 641 11.09 10.23 15.44
N MET B 642 11.28 9.51 16.53
CA MET B 642 10.25 8.62 16.99
C MET B 642 8.95 9.36 17.42
N ILE B 643 9.01 10.67 17.64
CA ILE B 643 7.86 11.35 18.25
C ILE B 643 6.68 11.52 17.26
N PRO B 644 6.94 12.05 16.06
CA PRO B 644 5.74 12.25 15.22
C PRO B 644 5.00 10.91 14.91
N PRO B 645 5.72 9.82 14.51
CA PRO B 645 4.96 8.60 14.24
C PRO B 645 4.21 8.13 15.44
N GLY B 646 4.82 8.27 16.62
CA GLY B 646 4.14 7.84 17.89
C GLY B 646 2.92 8.69 18.10
N ALA B 647 3.07 10.00 17.86
CA ALA B 647 1.99 10.93 18.00
C ALA B 647 0.84 10.59 17.03
N LEU B 648 1.16 10.36 15.76
CA LEU B 648 0.16 10.02 14.75
C LEU B 648 -0.75 8.87 15.22
N VAL B 649 -0.15 7.82 15.78
CA VAL B 649 -0.87 6.58 16.06
C VAL B 649 -1.66 6.75 17.36
N MET B 650 -1.04 7.32 18.39
CA MET B 650 -1.69 7.48 19.71
C MET B 650 -2.75 8.59 19.69
N LEU B 651 -2.57 9.62 18.88
CA LEU B 651 -3.52 10.71 18.87
C LEU B 651 -4.73 10.48 17.96
N THR B 652 -4.55 9.69 16.87
CA THR B 652 -5.62 9.44 15.89
C THR B 652 -6.91 8.96 16.56
N PRO B 653 -6.81 7.96 17.46
CA PRO B 653 -8.10 7.57 18.02
C PRO B 653 -8.78 8.70 18.84
N LEU B 654 -7.98 9.48 19.58
CA LEU B 654 -8.43 10.57 20.46
C LEU B 654 -8.97 11.67 19.54
N VAL B 655 -8.21 12.13 18.57
CA VAL B 655 -8.72 13.16 17.63
C VAL B 655 -10.03 12.76 16.92
N VAL B 656 -10.09 11.54 16.36
CA VAL B 656 -11.24 11.10 15.59
C VAL B 656 -12.42 10.76 16.52
N GLY B 657 -12.14 10.08 17.62
CA GLY B 657 -13.15 9.74 18.62
C GLY B 657 -13.85 11.00 19.19
N ILE B 658 -13.09 12.06 19.49
CA ILE B 658 -13.62 13.29 20.07
C ILE B 658 -14.29 14.15 19.01
N LEU B 659 -13.55 14.47 17.97
CA LEU B 659 -14.13 15.32 16.96
C LEU B 659 -15.26 14.65 16.19
N PHE B 660 -15.03 13.44 15.66
CA PHE B 660 -15.96 12.83 14.70
C PHE B 660 -16.88 11.72 15.29
N GLY B 661 -16.44 11.07 16.36
CA GLY B 661 -17.26 10.05 16.95
C GLY B 661 -16.98 8.61 16.59
N VAL B 662 -17.67 7.72 17.29
CA VAL B 662 -17.38 6.30 17.25
C VAL B 662 -17.70 5.66 15.88
N GLU B 663 -18.65 6.23 15.12
CA GLU B 663 -18.96 5.59 13.85
C GLU B 663 -17.74 5.81 12.94
N THR B 664 -17.25 7.04 12.86
CA THR B 664 -16.16 7.37 12.04
C THR B 664 -14.88 6.64 12.51
N LEU B 665 -14.67 6.51 13.81
CA LEU B 665 -13.46 5.83 14.29
C LEU B 665 -13.57 4.34 13.91
N SER B 666 -14.80 3.81 13.86
CA SER B 666 -15.07 2.42 13.43
C SER B 666 -14.50 2.22 12.06
N GLY B 667 -14.78 3.18 11.17
CA GLY B 667 -14.27 3.11 9.81
C GLY B 667 -12.74 3.21 9.76
N VAL B 668 -12.18 4.08 10.59
CA VAL B 668 -10.74 4.21 10.73
C VAL B 668 -10.08 2.87 11.08
N LEU B 669 -10.69 2.14 12.01
CA LEU B 669 -10.06 0.94 12.48
C LEU B 669 -10.16 -0.09 11.37
N ALA B 670 -11.29 -0.14 10.67
CA ALA B 670 -11.45 -1.14 9.62
C ALA B 670 -10.45 -0.88 8.48
N GLY B 671 -10.35 0.37 8.01
CA GLY B 671 -9.49 0.68 6.86
C GLY B 671 -8.01 0.58 7.20
N SER B 672 -7.63 0.92 8.43
CA SER B 672 -6.22 0.91 8.74
C SER B 672 -5.80 -0.55 8.82
N LEU B 673 -6.68 -1.41 9.32
CA LEU B 673 -6.34 -2.81 9.43
C LEU B 673 -6.06 -3.40 7.97
N VAL B 674 -7.06 -3.29 7.13
CA VAL B 674 -7.12 -3.94 5.85
C VAL B 674 -6.07 -3.36 4.89
N SER B 675 -5.86 -2.06 4.99
CA SER B 675 -4.86 -1.41 4.18
C SER B 675 -3.43 -1.57 4.74
N GLY B 676 -3.33 -1.47 6.06
CA GLY B 676 -2.05 -1.49 6.79
C GLY B 676 -1.35 -2.80 6.66
N VAL B 677 -2.07 -3.93 6.68
CA VAL B 677 -1.43 -5.24 6.53
C VAL B 677 -0.73 -5.47 5.18
N GLN B 678 -1.26 -4.89 4.09
CA GLN B 678 -0.67 -5.04 2.79
C GLN B 678 0.74 -4.43 2.66
N ILE B 679 0.86 -3.18 3.10
CA ILE B 679 2.13 -2.49 3.08
C ILE B 679 3.07 -3.12 4.14
N ALA B 680 2.51 -3.64 5.21
CA ALA B 680 3.39 -4.20 6.25
C ALA B 680 4.11 -5.49 5.75
N ILE B 681 3.34 -6.41 5.13
CA ILE B 681 3.85 -7.69 4.61
C ILE B 681 4.80 -7.43 3.44
N SER B 682 4.36 -6.61 2.48
CA SER B 682 5.16 -6.37 1.33
C SER B 682 6.52 -5.70 1.69
N ALA B 683 6.47 -4.70 2.59
CA ALA B 683 7.72 -4.04 3.09
C ALA B 683 8.70 -5.02 3.77
N SER B 684 8.21 -5.84 4.67
CA SER B 684 9.09 -6.73 5.34
C SER B 684 9.69 -7.78 4.43
N ASN B 685 8.90 -8.32 3.51
CA ASN B 685 9.36 -9.42 2.69
C ASN B 685 10.32 -8.89 1.62
N THR B 686 10.02 -7.72 1.06
CA THR B 686 10.91 -7.03 0.14
C THR B 686 12.29 -6.84 0.76
N GLY B 687 12.33 -6.25 1.97
CA GLY B 687 13.57 -5.99 2.66
C GLY B 687 14.31 -7.26 2.96
N GLY B 688 13.59 -8.24 3.49
CA GLY B 688 14.16 -9.56 3.76
C GLY B 688 14.73 -10.21 2.50
N ALA B 689 14.00 -10.10 1.38
CA ALA B 689 14.47 -10.66 0.14
C ALA B 689 15.75 -9.98 -0.42
N TRP B 690 15.89 -8.66 -0.21
CA TRP B 690 17.06 -7.94 -0.70
C TRP B 690 18.26 -8.32 0.17
N ASP B 691 18.04 -8.45 1.46
CA ASP B 691 19.12 -8.88 2.36
C ASP B 691 19.65 -10.29 1.99
N ASN B 692 18.74 -11.25 1.84
CA ASN B 692 19.17 -12.59 1.54
C ASN B 692 19.70 -12.75 0.11
N ALA B 693 19.27 -11.90 -0.82
CA ALA B 693 19.83 -11.95 -2.17
C ALA B 693 21.29 -11.48 -2.12
N LYS B 694 21.55 -10.48 -1.27
CA LYS B 694 22.86 -9.94 -1.09
C LYS B 694 23.71 -10.98 -0.36
N LYS B 695 23.14 -11.60 0.67
CA LYS B 695 23.83 -12.68 1.36
C LYS B 695 24.22 -13.88 0.40
N TYR B 696 23.33 -14.17 -0.56
CA TYR B 696 23.56 -15.21 -1.57
C TYR B 696 24.85 -14.90 -2.39
N ILE B 697 24.96 -13.66 -2.84
CA ILE B 697 26.09 -13.26 -3.61
C ILE B 697 27.32 -13.30 -2.71
N GLU B 698 27.15 -12.90 -1.45
CA GLU B 698 28.28 -12.82 -0.57
C GLU B 698 28.83 -14.20 -0.26
N ALA B 699 27.99 -15.23 -0.29
CA ALA B 699 28.50 -16.51 0.19
C ALA B 699 29.14 -17.32 -0.98
N GLY B 700 28.62 -17.14 -2.20
CA GLY B 700 29.09 -17.89 -3.37
C GLY B 700 29.06 -19.37 -3.13
N ALA B 701 27.94 -19.87 -2.62
CA ALA B 701 27.83 -21.30 -2.31
C ALA B 701 27.29 -22.16 -3.48
N SER B 702 26.93 -21.54 -4.60
CA SER B 702 26.60 -22.31 -5.80
C SER B 702 27.24 -21.55 -6.97
N GLU B 703 27.19 -22.12 -8.18
CA GLU B 703 27.90 -21.43 -9.26
C GLU B 703 27.11 -20.21 -9.75
N HIS B 704 25.80 -20.34 -9.74
CA HIS B 704 24.96 -19.19 -10.03
C HIS B 704 25.30 -18.03 -9.06
N ALA B 705 25.36 -18.35 -7.78
CA ALA B 705 25.79 -17.36 -6.80
C ALA B 705 27.21 -16.84 -7.07
N ARG B 706 28.17 -17.73 -7.39
CA ARG B 706 29.57 -17.33 -7.69
C ARG B 706 29.65 -16.44 -8.96
N SER B 707 28.74 -16.65 -9.87
CA SER B 707 28.74 -15.84 -11.08
C SER B 707 28.33 -14.40 -10.92
N LEU B 708 27.84 -14.03 -9.73
CA LEU B 708 27.39 -12.68 -9.43
C LEU B 708 28.48 -12.00 -8.63
N GLY B 709 29.46 -12.81 -8.17
CA GLY B 709 30.56 -12.32 -7.35
C GLY B 709 31.75 -11.86 -8.20
N PRO B 710 32.92 -11.71 -7.59
CA PRO B 710 33.05 -11.95 -6.13
C PRO B 710 32.45 -10.74 -5.33
N LYS B 711 32.62 -10.68 -4.02
CA LYS B 711 32.36 -9.40 -3.32
C LYS B 711 32.99 -8.20 -4.07
N GLY B 712 32.35 -7.03 -4.02
CA GLY B 712 32.84 -5.83 -4.70
C GLY B 712 32.48 -5.82 -6.19
N SER B 713 31.94 -6.93 -6.68
CA SER B 713 31.50 -6.93 -8.08
C SER B 713 30.33 -5.96 -8.29
N ASP B 714 30.08 -5.55 -9.53
CA ASP B 714 28.94 -4.70 -9.86
C ASP B 714 27.56 -5.31 -9.49
N CYS B 715 27.39 -6.62 -9.62
CA CYS B 715 26.19 -7.31 -9.15
C CYS B 715 26.08 -7.24 -7.63
N HIS B 716 27.22 -7.42 -6.95
CA HIS B 716 27.24 -7.36 -5.51
C HIS B 716 26.81 -5.97 -4.98
N LYS B 717 27.36 -4.92 -5.58
CA LYS B 717 27.03 -3.54 -5.19
C LYS B 717 25.54 -3.20 -5.46
N ALA B 718 25.02 -3.68 -6.59
CA ALA B 718 23.61 -3.52 -6.88
C ALA B 718 22.77 -4.25 -5.77
N ALA B 719 23.26 -5.38 -5.28
CA ALA B 719 22.53 -6.12 -4.26
C ALA B 719 22.60 -5.33 -2.96
N VAL B 720 23.72 -4.64 -2.76
CA VAL B 720 23.88 -3.90 -1.53
C VAL B 720 22.96 -2.66 -1.54
N ILE B 721 22.80 -2.04 -2.69
CA ILE B 721 21.88 -0.95 -2.83
C ILE B 721 20.45 -1.37 -2.50
N GLY B 722 20.01 -2.49 -3.06
CA GLY B 722 18.73 -3.06 -2.68
C GLY B 722 18.63 -3.35 -1.18
N ASP B 723 19.68 -3.92 -0.62
CA ASP B 723 19.63 -4.30 0.77
C ASP B 723 19.36 -3.08 1.68
N THR B 724 20.03 -1.98 1.38
CA THR B 724 19.97 -0.82 2.21
C THR B 724 18.69 0.01 1.94
N ILE B 725 18.08 -0.07 0.76
CA ILE B 725 16.71 0.44 0.58
C ILE B 725 15.76 -0.43 1.45
N GLY B 726 16.10 -1.72 1.60
CA GLY B 726 15.21 -2.65 2.31
C GLY B 726 15.29 -2.44 3.77
N ASP B 727 16.41 -1.83 4.19
CA ASP B 727 16.72 -1.72 5.62
C ASP B 727 15.61 -0.96 6.42
N PRO B 728 15.28 0.28 6.03
CA PRO B 728 14.13 0.92 6.71
C PRO B 728 12.79 0.22 6.43
N LEU B 729 12.65 -0.36 5.22
CA LEU B 729 11.37 -1.03 4.89
C LEU B 729 11.01 -2.10 5.91
N LYS B 730 12.00 -2.90 6.29
CA LYS B 730 11.74 -4.09 7.06
C LYS B 730 12.13 -3.94 8.52
N ASP B 731 12.91 -2.92 8.86
CA ASP B 731 13.34 -2.76 10.22
C ASP B 731 12.79 -1.48 10.82
N THR B 732 12.17 -0.63 10.04
CA THR B 732 11.63 0.60 10.66
C THR B 732 10.13 0.78 10.44
N SER B 733 9.72 0.84 9.19
CA SER B 733 8.35 1.13 8.93
C SER B 733 7.47 -0.12 8.86
N GLY B 734 7.86 -1.08 8.01
CA GLY B 734 7.15 -2.36 7.93
C GLY B 734 6.72 -3.04 9.22
N PRO B 735 7.69 -3.44 10.09
CA PRO B 735 7.35 -4.17 11.32
C PRO B 735 6.57 -3.34 12.34
N SER B 736 6.69 -2.01 12.27
CA SER B 736 6.00 -1.12 13.19
C SER B 736 4.52 -0.97 12.79
N LEU B 737 4.25 -1.15 11.48
CA LEU B 737 2.87 -1.04 11.02
C LEU B 737 1.91 -2.02 11.75
N ASN B 738 2.40 -3.19 12.16
CA ASN B 738 1.55 -4.13 12.83
C ASN B 738 1.13 -3.49 14.15
N ILE B 739 2.00 -2.58 14.64
CA ILE B 739 1.74 -1.95 15.94
C ILE B 739 0.79 -0.78 15.70
N LEU B 740 1.02 0.03 14.66
CA LEU B 740 0.04 1.04 14.34
C LEU B 740 -1.40 0.45 14.40
N ILE B 741 -1.62 -0.71 13.77
CA ILE B 741 -2.93 -1.32 13.69
C ILE B 741 -3.48 -1.87 15.08
N LYS B 742 -2.71 -2.74 15.78
CA LYS B 742 -3.21 -3.31 16.98
C LYS B 742 -3.36 -2.24 18.10
N LEU B 743 -2.54 -1.19 18.05
CA LEU B 743 -2.54 -0.19 19.08
C LEU B 743 -3.73 0.75 18.92
N MET B 744 -4.01 1.26 17.71
CA MET B 744 -5.20 2.05 17.57
C MET B 744 -6.39 1.27 18.03
N ALA B 745 -6.40 -0.05 17.78
CA ALA B 745 -7.55 -0.82 18.12
C ALA B 745 -7.79 -0.95 19.62
N VAL B 746 -6.79 -1.31 20.45
CA VAL B 746 -7.03 -1.40 21.91
C VAL B 746 -7.26 -0.01 22.42
N GLU B 747 -6.53 0.98 21.89
CA GLU B 747 -6.70 2.30 22.37
C GLU B 747 -8.19 2.70 22.21
N SER B 748 -8.78 2.47 21.03
CA SER B 748 -10.17 2.78 20.78
C SER B 748 -11.13 2.08 21.80
N LEU B 749 -10.85 0.82 22.09
CA LEU B 749 -11.71 0.06 22.96
C LEU B 749 -11.67 0.65 24.38
N VAL B 750 -10.46 0.95 24.87
CA VAL B 750 -10.29 1.50 26.21
C VAL B 750 -11.02 2.88 26.35
N PHE B 751 -10.91 3.73 25.35
CA PHE B 751 -11.61 5.00 25.36
C PHE B 751 -13.07 4.92 24.86
N ALA B 752 -13.55 3.74 24.47
CA ALA B 752 -14.94 3.60 23.95
C ALA B 752 -16.04 4.31 24.79
N PRO B 753 -16.04 4.10 26.14
CA PRO B 753 -17.12 4.79 26.92
C PRO B 753 -17.00 6.30 26.85
N PHE B 754 -15.77 6.78 26.86
CA PHE B 754 -15.57 8.21 26.78
C PHE B 754 -15.99 8.75 25.41
N PHE B 755 -15.70 8.02 24.34
CA PHE B 755 -16.00 8.47 23.02
C PHE B 755 -17.52 8.43 22.80
N ALA B 756 -18.14 7.32 23.23
CA ALA B 756 -19.62 7.14 23.17
C ALA B 756 -20.38 8.26 23.89
N THR B 757 -19.89 8.67 25.04
CA THR B 757 -20.51 9.73 25.84
C THR B 757 -20.16 11.15 25.43
N HIS B 758 -18.87 11.46 25.33
CA HIS B 758 -18.44 12.85 25.16
C HIS B 758 -17.89 13.12 23.78
N GLY B 759 -17.66 12.07 22.98
CA GLY B 759 -17.07 12.23 21.64
C GLY B 759 -18.08 12.73 20.58
N GLY B 760 -17.65 12.87 19.34
CA GLY B 760 -18.57 13.24 18.24
C GLY B 760 -18.87 14.71 18.15
N LEU B 761 -18.08 15.53 18.84
CA LEU B 761 -18.22 16.97 18.93
C LEU B 761 -18.64 17.75 17.70
N LEU B 762 -17.95 17.55 16.59
CA LEU B 762 -18.23 18.35 15.42
C LEU B 762 -19.68 18.13 15.02
N PHE B 763 -20.23 16.97 15.35
CA PHE B 763 -21.59 16.71 14.88
C PHE B 763 -22.64 17.25 15.89
N LYS B 764 -22.31 17.19 17.18
CA LYS B 764 -23.09 17.87 18.22
C LYS B 764 -23.22 19.41 17.96
N ILE B 765 -22.12 20.08 17.61
CA ILE B 765 -22.09 21.52 17.44
C ILE B 765 -22.94 21.94 16.23
N PHE B 766 -22.46 21.69 15.02
CA PHE B 766 -23.23 22.07 13.81
C PHE B 766 -24.37 21.06 13.61
MG MG C . 13.60 7.29 -19.53
MG MG D . 11.72 10.50 -23.23
MG MG E . 10.76 7.28 -17.82
MG MG F . 9.10 8.79 -22.00
MG MG G . 9.18 11.81 -18.11
K K H . 5.55 12.68 -19.25
P1 2PN I . 8.48 9.15 -18.89
O1 2PN I . 8.86 7.77 -18.19
O2 2PN I . 7.88 8.93 -20.31
O3 2PN I . 7.67 10.24 -18.08
N1 2PN I . 9.92 10.12 -19.02
P2 2PN I . 11.22 9.69 -19.93
O4 2PN I . 12.40 10.73 -19.71
O5 2PN I . 11.76 8.33 -19.42
O6 2PN I . 10.85 9.80 -21.39
C1 DMU J . 2.51 24.23 -1.20
C2 DMU J . 3.23 25.61 -1.30
C3 DMU J . 3.38 26.10 -2.72
C4 DMU J . 2.04 26.03 -3.43
O5 DMU J . 1.32 24.86 -3.11
C6 DMU J . 1.13 24.27 -1.84
O7 DMU J . 3.85 27.43 -2.68
O16 DMU J . 0.42 23.04 -1.76
C18 DMU J . -0.96 23.00 -2.06
C19 DMU J . -1.81 22.81 -0.82
C22 DMU J . -3.25 23.19 -1.15
C25 DMU J . -4.16 22.38 -0.20
C28 DMU J . -5.04 23.28 0.69
C31 DMU J . -5.35 22.52 1.99
C34 DMU J . -6.84 22.17 2.01
C37 DMU J . -7.01 20.81 2.67
C40 DMU J . -8.27 20.15 2.16
C43 DMU J . -7.98 18.69 2.12
O49 DMU J . 2.47 23.65 0.11
O55 DMU J . 4.47 25.65 -0.66
C57 DMU J . 2.20 26.25 -4.91
O61 DMU J . 1.04 26.77 -5.44
C5 DMU J . 6.12 28.38 -2.55
C7 DMU J . 7.34 28.92 -3.32
C8 DMU J . 7.22 29.05 -4.83
C9 DMU J . 5.83 28.79 -5.47
O1 DMU J . 4.75 28.55 -4.53
C10 DMU J . 5.04 27.73 -3.41
O2 DMU J . 7.85 30.22 -5.26
O3 DMU J . 6.48 27.56 -1.48
O4 DMU J . 8.55 28.25 -3.13
C11 DMU J . 5.58 29.72 -6.68
O6 DMU J . 4.41 30.48 -6.56
C1 DMU K . -0.31 -15.29 -11.21
C2 DMU K . 0.90 -14.50 -11.64
C3 DMU K . 1.65 -15.08 -12.84
C4 DMU K . 0.65 -15.39 -13.98
O5 DMU K . -0.57 -15.86 -13.46
C6 DMU K . -1.29 -15.33 -12.39
O7 DMU K . 2.55 -16.11 -12.47
O16 DMU K . -2.59 -15.89 -12.21
C18 DMU K . -3.75 -15.22 -12.72
C19 DMU K . -4.73 -14.82 -11.62
C22 DMU K . -6.06 -14.50 -12.26
C25 DMU K . -7.29 -15.23 -11.65
C28 DMU K . -7.62 -14.91 -10.19
C31 DMU K . -9.05 -14.40 -10.13
C34 DMU K . -9.81 -14.65 -8.82
C37 DMU K . -9.35 -13.82 -7.63
C40 DMU K . -10.44 -13.72 -6.58
C43 DMU K . -9.87 -13.05 -5.34
O49 DMU K . -0.78 -14.67 -10.07
O55 DMU K . 1.70 -14.27 -10.54
C57 DMU K . 1.15 -16.29 -15.08
O61 DMU K . 0.17 -17.17 -15.48
C5 DMU K . 4.85 -15.17 -12.95
C7 DMU K . 6.03 -15.44 -13.85
C8 DMU K . 5.59 -16.12 -15.14
C9 DMU K . 4.97 -17.49 -14.82
O1 DMU K . 4.09 -17.42 -13.68
C10 DMU K . 3.68 -16.11 -13.33
O2 DMU K . 4.71 -15.33 -15.89
O3 DMU K . 5.25 -15.24 -11.61
O4 DMU K . 6.82 -14.32 -14.03
C11 DMU K . 4.37 -18.22 -16.02
O6 DMU K . 3.52 -17.36 -16.71
C1 DMU L . -1.05 -16.18 -25.18
C2 DMU L . 0.31 -15.50 -25.23
C3 DMU L . 0.89 -15.41 -26.64
C4 DMU L . -0.14 -14.77 -27.61
O5 DMU L . -1.45 -14.78 -27.08
C6 DMU L . -2.09 -15.52 -26.08
O7 DMU L . 2.21 -14.84 -26.65
O16 DMU L . -3.10 -16.38 -26.62
C18 DMU L . -4.00 -17.08 -25.76
C19 DMU L . -5.06 -16.18 -25.14
C22 DMU L . -5.59 -16.79 -23.85
C25 DMU L . -6.89 -16.06 -23.49
C28 DMU L . -6.98 -15.92 -21.97
C31 DMU L . -8.36 -15.38 -21.64
C34 DMU L . -8.27 -14.41 -20.47
C37 DMU L . -8.85 -13.07 -20.92
C40 DMU L . -9.06 -12.11 -19.76
C43 DMU L . -10.36 -12.35 -19.05
O49 DMU L . -1.44 -16.21 -23.86
O55 DMU L . 1.14 -16.19 -24.40
C57 DMU L . -0.17 -15.37 -28.99
O61 DMU L . -1.35 -16.01 -29.36
C5 DMU L . 3.07 -12.80 -27.98
C7 DMU L . 3.38 -12.40 -29.42
C8 DMU L . 2.70 -13.38 -30.38
C9 DMU L . 3.11 -14.84 -30.15
O1 DMU L . 2.88 -15.20 -28.80
C10 DMU L . 2.41 -14.22 -27.91
O2 DMU L . 2.83 -13.10 -31.74
O3 DMU L . 4.16 -12.65 -27.13
O4 DMU L . 3.09 -11.06 -29.71
C11 DMU L . 4.55 -15.12 -30.63
O6 DMU L . 4.71 -16.45 -31.06
C1 DMU M . -22.16 -22.89 8.24
C2 DMU M . -23.31 -22.72 9.23
C3 DMU M . -23.39 -21.29 9.76
C4 DMU M . -23.59 -20.36 8.56
O5 DMU M . -22.50 -20.59 7.66
C6 DMU M . -22.11 -21.83 7.14
O7 DMU M . -24.27 -21.13 10.87
O16 DMU M . -20.89 -21.82 6.43
C18 DMU M . -20.90 -22.35 5.12
C19 DMU M . -19.50 -22.80 4.75
C22 DMU M . -19.37 -22.48 3.26
C25 DMU M . -17.89 -22.42 2.85
C28 DMU M . -17.48 -20.99 2.51
C31 DMU M . -15.98 -20.88 2.74
C34 DMU M . -15.54 -19.44 2.64
C37 DMU M . -14.25 -19.29 3.44
C40 DMU M . -13.84 -17.84 3.38
C43 DMU M . -12.36 -17.67 3.06
O49 DMU M . -22.20 -24.17 7.70
O55 DMU M . -23.22 -23.64 10.26
C57 DMU M . -23.83 -18.90 8.91
O61 DMU M . -24.56 -18.22 7.94
C1 DMU N . -34.46 -19.87 -15.05
C2 DMU N . -35.87 -20.42 -15.28
C3 DMU N . -36.13 -20.73 -16.76
C4 DMU N . -34.95 -21.46 -17.45
O5 DMU N . -33.71 -21.13 -16.85
C6 DMU N . -33.39 -20.83 -15.51
O7 DMU N . -37.36 -21.41 -16.97
O16 DMU N . -32.09 -20.30 -15.28
C18 DMU N . -30.87 -21.00 -15.55
C19 DMU N . -29.75 -20.40 -14.71
C22 DMU N . -28.43 -21.15 -14.88
C25 DMU N . -27.23 -20.25 -14.50
C28 DMU N . -26.07 -20.38 -15.49
C31 DMU N . -25.98 -19.17 -16.42
C34 DMU N . -25.10 -19.40 -17.66
C37 DMU N . -25.89 -19.20 -18.97
C40 DMU N . -25.61 -20.32 -19.94
C43 DMU N . -26.79 -20.59 -20.86
O49 DMU N . -34.24 -19.49 -13.72
O55 DMU N . -36.81 -19.51 -14.85
C57 DMU N . -35.01 -21.27 -18.96
O61 DMU N . -33.95 -21.82 -19.67
C5 DMU N . -39.71 -21.14 -16.96
C7 DMU N . -40.96 -20.56 -17.60
C8 DMU N . -40.82 -20.40 -19.09
C9 DMU N . -39.43 -19.92 -19.57
O1 DMU N . -38.31 -20.38 -18.81
C10 DMU N . -38.40 -20.55 -17.41
O2 DMU N . -41.25 -21.58 -19.69
O3 DMU N . -39.79 -21.07 -15.58
O4 DMU N . -41.31 -19.35 -17.03
C11 DMU N . -39.27 -20.15 -21.07
O6 DMU N . -38.23 -19.39 -21.60
MG MG O . 23.63 -4.06 6.63
MG MG P . 25.08 -7.32 10.54
MG MG Q . 20.51 -4.62 7.00
MG MG R . 22.07 -6.00 11.49
MG MG S . 20.13 -9.24 8.06
K K T . 18.39 -10.44 10.94
P1 2PN U . 19.75 -6.76 9.33
O1 2PN U . 19.37 -5.39 8.57
O2 2PN U . 20.17 -6.40 10.83
O3 2PN U . 18.75 -7.95 9.25
N1 2PN U . 21.05 -7.49 8.44
P2 2PN U . 22.43 -6.67 8.22
O4 2PN U . 23.24 -7.55 7.18
O5 2PN U . 22.27 -5.25 7.65
O6 2PN U . 23.25 -6.68 9.48
C1 DMU V . 4.19 15.88 9.87
C2 DMU V . 5.58 16.20 9.32
C3 DMU V . 6.33 17.18 10.25
C4 DMU V . 6.46 16.69 11.69
O5 DMU V . 5.28 15.99 12.04
C6 DMU V . 4.20 15.42 11.33
O7 DMU V . 7.40 17.93 9.63
O16 DMU V . 2.94 15.52 11.99
C18 DMU V . 2.36 14.36 12.61
C19 DMU V . 1.45 14.73 13.77
C22 DMU V . 0.39 13.64 13.96
C25 DMU V . -0.99 14.26 14.30
C28 DMU V . -2.10 13.22 14.17
C31 DMU V . -3.51 13.75 13.93
C34 DMU V . -4.41 12.53 13.69
C37 DMU V . -5.36 12.93 12.57
C40 DMU V . -6.07 11.78 11.88
C43 DMU V . -7.38 12.41 11.49
O49 DMU V . 3.54 14.96 9.03
O55 DMU V . 5.41 16.82 8.12
C57 DMU V . 6.58 17.85 12.65
O61 DMU V . 7.27 17.50 13.79
C5 DMU V . 9.22 16.49 8.63
C7 DMU V . 10.63 15.98 8.79
C8 DMU V . 11.38 16.38 10.04
C9 DMU V . 10.77 17.55 10.83
O1 DMU V . 9.37 17.46 10.89
C10 DMU V . 8.78 17.56 9.61
O2 DMU V . 11.46 15.26 10.86
O3 DMU V . 9.10 16.95 7.33
O4 DMU V . 11.38 16.17 7.63
C11 DMU V . 11.38 17.71 12.19
O6 DMU V . 11.35 19.07 12.47
C1 DMU W . -17.09 -32.49 13.64
C2 DMU W . -18.49 -32.05 14.02
C3 DMU W . -19.10 -33.05 15.00
C4 DMU W . -18.18 -33.29 16.24
O5 DMU W . -16.92 -32.69 15.99
C6 DMU W . -16.11 -32.62 14.82
O7 DMU W . -20.54 -33.08 15.06
O16 DMU W . -14.94 -31.77 14.83
C18 DMU W . -13.60 -32.29 14.96
C19 DMU W . -12.78 -31.63 16.08
C22 DMU W . -12.84 -32.44 17.39
C25 DMU W . -11.48 -33.09 17.79
C28 DMU W . -10.57 -32.25 18.73
C31 DMU W . -10.94 -32.37 20.21
C34 DMU W . -11.20 -31.03 20.93
C37 DMU W . -12.68 -30.95 21.32
C40 DMU W . -13.00 -30.79 22.78
C43 DMU W . -14.23 -31.64 23.08
O49 DMU W . -16.60 -31.78 12.56
O55 DMU W . -19.22 -32.01 12.86
C57 DMU W . -18.70 -33.05 17.64
O61 DMU W . -17.96 -33.74 18.60
C5 DMU W . -22.20 -31.22 15.64
C7 DMU W . -23.56 -31.08 16.32
C8 DMU W . -24.08 -32.36 16.95
C9 DMU W . -23.01 -33.17 17.72
O1 DMU W . -21.85 -33.41 16.91
C10 DMU W . -21.27 -32.40 16.10
O2 DMU W . -25.22 -32.11 17.71
O3 DMU W . -22.34 -31.06 14.26
O4 DMU W . -24.51 -30.54 15.45
C11 DMU W . -22.73 -32.67 19.15
O6 DMU W . -21.48 -33.05 19.64
C1 DMU X . -26.58 17.46 7.48
C2 DMU X . -28.08 17.42 7.25
C3 DMU X . -28.51 15.96 7.10
C4 DMU X . -28.08 15.10 8.33
O5 DMU X . -26.91 15.58 8.96
C6 DMU X . -26.10 16.69 8.74
O7 DMU X . -29.88 15.87 6.78
O16 DMU X . -24.75 16.25 8.82
C18 DMU X . -23.91 16.79 9.83
C19 DMU X . -23.24 18.10 9.44
C22 DMU X . -22.16 18.49 10.44
C25 DMU X . -20.87 18.96 9.72
C28 DMU X . -19.61 18.30 10.32
C31 DMU X . -18.41 18.43 9.39
C34 DMU X . -17.50 17.18 9.39
C37 DMU X . -16.75 17.08 8.05
C40 DMU X . -16.19 15.69 7.80
C43 DMU X . -15.14 15.67 6.72
O49 DMU X . -26.16 18.79 7.36
O55 DMU X . -28.47 18.19 6.14
C57 DMU X . -27.88 13.62 8.03
O61 DMU X . -27.23 13.01 9.10
C1 DMU Y . -0.64 -16.84 -6.46
C2 DMU Y . 0.41 -17.38 -7.42
C3 DMU Y . 1.69 -17.88 -6.75
C4 DMU Y . 1.43 -18.35 -5.31
O5 DMU Y . 0.06 -18.23 -4.92
C6 DMU Y . -1.12 -17.98 -5.63
O7 DMU Y . 2.34 -18.87 -7.57
O16 DMU Y . -2.30 -17.74 -4.88
C18 DMU Y . -3.45 -18.60 -4.89
C19 DMU Y . -3.59 -19.40 -3.59
C22 DMU Y . -4.95 -20.14 -3.52
C25 DMU Y . -5.53 -20.29 -2.09
C28 DMU Y . -6.85 -19.51 -1.94
C31 DMU Y . -8.14 -20.34 -1.86
C34 DMU Y . -9.05 -19.98 -0.68
C37 DMU Y . -9.73 -18.59 -0.71
C40 DMU Y . -10.08 -18.06 0.68
C43 DMU Y . -10.91 -16.79 0.68
O49 DMU Y . -1.71 -16.31 -7.11
O55 DMU Y . 0.70 -16.44 -8.38
C57 DMU Y . 1.98 -19.73 -4.95
O61 DMU Y . 3.00 -19.71 -4.01
C5 DMU Y . 4.65 -18.18 -6.92
C7 DMU Y . 6.04 -17.92 -7.40
C8 DMU Y . 6.32 -18.48 -8.79
C9 DMU Y . 5.51 -19.75 -9.14
O1 DMU Y . 4.16 -19.70 -8.70
C10 DMU Y . 3.68 -18.58 -8.01
O2 DMU Y . 6.19 -17.52 -9.79
O3 DMU Y . 4.74 -19.22 -6.00
O4 DMU Y . 6.26 -16.55 -7.29
C11 DMU Y . 5.57 -20.12 -10.63
O6 DMU Y . 6.88 -20.35 -11.03
#